data_6ZXO
#
_entry.id   6ZXO
#
_cell.length_a   61.720
_cell.length_b   95.870
_cell.length_c   103.840
_cell.angle_alpha   112.390
_cell.angle_beta   91.470
_cell.angle_gamma   109.170
#
_symmetry.space_group_name_H-M   'P 1'
#
loop_
_entity.id
_entity.type
_entity.pdbx_description
1 polymer 'Thymidylate synthase'
2 polymer 'Thymidylate synthase'
3 non-polymer TOMUDEX
4 non-polymer "5-FLUORO-2'-DEOXYURIDINE-5'-MONOPHOSPHATE"
5 non-polymer 1,2-ETHANEDIOL
6 water water
#
loop_
_entity_poly.entity_id
_entity_poly.type
_entity_poly.pdbx_seq_one_letter_code
_entity_poly.pdbx_strand_id
1 'polypeptide(L)'
;MRGSHHHHHHGSMPVAGSELPRRPLPPAAQERDAEPRPPHGELQYLGQIQHILRCGVRKDDRTGTGTLSVFGMQARYSLR
DEFPLLTTKRVFWKGVLEELLWFIKGSTNAKELSSKGVKIWDANGSRDFLDSLGFSTREEGDLGPVYGFQWRHFGAEYRD
MESDYSGQGVDQLQRVIDTIKTNPDDRRIIMCAWNPRDLPLMALPPCHALCQFYVVNSELSCQLYQRSGDMGLGVPFNIA
SYALLTYMIAHITGLKPGDFIHTLGDAHIYLNHIEPLKIQLQREPRPFPKLRILRKVEKIDDFKAEDFQIEGYNPHPTIK
MEMAV
;
A,B,C,D,E
2 'polypeptide(L)'
;MRGSHHHHHHGSMPVAGSELPRRPLPPAAQERDAEPRPPHGELQYLGQIQHILRCGVRKDDRTGTGTLSVFGMQARYSLR
DEFPLLTTKRVFWKGVLEELLWFIKGSTNAKELSSKGVKIWDANGSRDFLDSLGFSTREEGDLGPVYGFQWRHFGAEYRD
MESDYSGQGVDQLQRVIDTIKTNPDDRRIIMCAWNPRDLPLMALPPCHAL(CME)QFYVVNSELSCQLYQRSGDMGLGVP
FNIASYALLTYMIAHITGLKPGDFIHTLGDAHIYLNHIEPLKIQLQREPRPFPKLRILRKVEKIDDFKAEDFQIEGYNPH
PTIKMEMAV
;
F
#
loop_
_chem_comp.id
_chem_comp.type
_chem_comp.name
_chem_comp.formula
D16 non-polymer TOMUDEX 'C21 H22 N4 O6 S'
EDO non-polymer 1,2-ETHANEDIOL 'C2 H6 O2'
UFP DNA linking 5-FLUORO-2'-DEOXYURIDINE-5'-MONOPHOSPHATE 'C9 H12 F N2 O8 P'
#
# COMPACT_ATOMS: atom_id res chain seq x y z
N PRO A 38 -39.25 28.30 -13.63
CA PRO A 38 -39.14 26.83 -13.73
C PRO A 38 -37.92 26.35 -14.50
N PRO A 39 -36.95 25.60 -13.88
CA PRO A 39 -35.79 25.09 -14.61
C PRO A 39 -36.19 24.00 -15.61
N HIS A 40 -35.31 23.75 -16.58
CA HIS A 40 -35.59 22.81 -17.67
C HIS A 40 -35.36 21.43 -17.10
N GLY A 41 -36.27 20.50 -17.45
CA GLY A 41 -36.15 19.15 -16.95
C GLY A 41 -34.79 18.55 -17.27
N GLU A 42 -34.22 18.92 -18.43
CA GLU A 42 -32.97 18.36 -18.96
C GLU A 42 -31.81 18.62 -18.01
N LEU A 43 -31.91 19.70 -17.23
CA LEU A 43 -30.90 20.04 -16.23
C LEU A 43 -30.80 18.97 -15.13
N GLN A 44 -31.80 18.09 -15.07
CA GLN A 44 -31.67 16.98 -14.15
C GLN A 44 -30.65 16.01 -14.71
N TYR A 45 -30.85 15.60 -15.95
CA TYR A 45 -29.88 14.70 -16.55
C TYR A 45 -28.47 15.30 -16.48
N LEU A 46 -28.30 16.55 -16.94
CA LEU A 46 -26.98 17.13 -17.00
C LEU A 46 -26.37 17.28 -15.61
N GLY A 47 -27.18 17.76 -14.66
CA GLY A 47 -26.81 17.79 -13.25
C GLY A 47 -26.23 16.47 -12.74
N GLN A 48 -26.79 15.34 -13.17
CA GLN A 48 -26.28 14.07 -12.67
C GLN A 48 -24.92 13.77 -13.30
N ILE A 49 -24.75 14.09 -14.60
CA ILE A 49 -23.45 13.97 -15.25
C ILE A 49 -22.42 14.82 -14.50
N GLN A 50 -22.75 16.09 -14.23
CA GLN A 50 -21.82 16.93 -13.51
C GLN A 50 -21.49 16.34 -12.15
N HIS A 51 -22.52 15.84 -11.43
CA HIS A 51 -22.30 15.24 -10.13
C HIS A 51 -21.35 14.04 -10.26
N ILE A 52 -21.56 13.17 -11.26
CA ILE A 52 -20.68 12.01 -11.35
C ILE A 52 -19.25 12.49 -11.59
N LEU A 53 -19.07 13.32 -12.63
CA LEU A 53 -17.74 13.80 -13.03
C LEU A 53 -17.01 14.43 -11.86
N ARG A 54 -17.73 15.21 -11.06
CA ARG A 54 -17.13 15.91 -9.92
C ARG A 54 -16.90 14.98 -8.71
N CYS A 55 -17.78 14.00 -8.45
CA CYS A 55 -17.75 13.31 -7.17
C CYS A 55 -17.67 11.79 -7.33
N GLY A 56 -17.73 11.31 -8.57
CA GLY A 56 -17.69 9.87 -8.78
C GLY A 56 -16.35 9.32 -8.32
N VAL A 57 -16.37 8.11 -7.76
CA VAL A 57 -15.18 7.37 -7.45
C VAL A 57 -14.80 6.54 -8.69
N ARG A 58 -13.49 6.36 -8.89
CA ARG A 58 -12.96 5.55 -9.98
C ARG A 58 -13.32 4.10 -9.67
N LYS A 59 -13.85 3.39 -10.67
CA LYS A 59 -14.33 2.04 -10.42
C LYS A 59 -14.17 1.20 -11.67
N ASP A 60 -13.62 0.00 -11.50
CA ASP A 60 -13.48 -0.92 -12.61
C ASP A 60 -14.83 -1.53 -12.99
N ASP A 61 -14.84 -2.10 -14.19
CA ASP A 61 -16.07 -2.64 -14.73
C ASP A 61 -15.76 -3.91 -15.52
N ARG A 62 -16.84 -4.60 -15.83
CA ARG A 62 -16.85 -5.91 -16.45
C ARG A 62 -16.06 -5.89 -17.75
N THR A 63 -16.06 -4.74 -18.44
CA THR A 63 -15.49 -4.66 -19.78
C THR A 63 -14.03 -4.20 -19.73
N GLY A 64 -13.54 -3.82 -18.53
CA GLY A 64 -12.19 -3.31 -18.35
C GLY A 64 -11.98 -1.89 -18.91
N THR A 65 -13.05 -1.21 -19.33
CA THR A 65 -13.00 0.16 -19.82
C THR A 65 -12.70 1.16 -18.68
N GLY A 66 -13.21 0.89 -17.48
CA GLY A 66 -13.16 1.85 -16.37
C GLY A 66 -14.35 2.81 -16.39
N THR A 67 -14.71 3.32 -15.22
CA THR A 67 -15.82 4.27 -15.11
C THR A 67 -15.55 5.27 -13.98
N LEU A 68 -16.31 6.36 -13.98
CA LEU A 68 -16.56 7.14 -12.78
C LEU A 68 -17.96 6.80 -12.27
N SER A 69 -18.04 6.31 -11.03
CA SER A 69 -19.26 5.72 -10.53
C SER A 69 -19.82 6.52 -9.36
N VAL A 70 -21.15 6.62 -9.27
CA VAL A 70 -21.84 7.00 -8.05
C VAL A 70 -23.05 6.08 -7.82
N PHE A 71 -23.24 5.62 -6.57
CA PHE A 71 -24.29 4.67 -6.25
C PHE A 71 -25.52 5.41 -5.71
N GLY A 72 -26.65 5.27 -6.39
CA GLY A 72 -27.91 5.74 -5.84
C GLY A 72 -28.21 7.20 -6.16
N MET A 73 -29.08 7.40 -7.15
CA MET A 73 -29.54 8.70 -7.56
C MET A 73 -31.01 8.62 -7.95
N GLN A 74 -31.68 9.79 -7.96
CA GLN A 74 -33.04 9.88 -8.43
C GLN A 74 -33.26 11.21 -9.13
N ALA A 75 -34.02 11.17 -10.23
CA ALA A 75 -34.44 12.35 -10.96
C ALA A 75 -35.92 12.24 -11.32
N ARG A 76 -36.59 13.40 -11.42
CA ARG A 76 -38.01 13.45 -11.73
C ARG A 76 -38.24 14.30 -12.99
N TYR A 77 -38.69 13.68 -14.08
CA TYR A 77 -38.99 14.38 -15.31
C TYR A 77 -40.50 14.56 -15.45
N SER A 78 -40.97 15.81 -15.52
CA SER A 78 -42.40 16.01 -15.74
C SER A 78 -42.79 15.65 -17.17
N LEU A 79 -43.96 15.00 -17.32
CA LEU A 79 -44.46 14.62 -18.63
C LEU A 79 -45.68 15.44 -19.02
N ARG A 80 -46.04 16.45 -18.22
CA ARG A 80 -47.22 17.27 -18.50
C ARG A 80 -46.93 18.29 -19.62
N ASP A 81 -47.53 18.09 -20.81
CA ASP A 81 -47.44 18.98 -21.98
C ASP A 81 -46.00 19.14 -22.49
N GLU A 82 -45.14 18.17 -22.17
CA GLU A 82 -43.78 18.06 -22.70
C GLU A 82 -43.42 16.57 -22.75
N PHE A 83 -42.52 16.19 -23.66
CA PHE A 83 -41.98 14.85 -23.66
C PHE A 83 -40.46 14.93 -23.52
N PRO A 84 -39.86 14.36 -22.46
CA PRO A 84 -38.44 14.55 -22.15
C PRO A 84 -37.41 13.87 -23.04
N LEU A 85 -37.53 14.03 -24.36
CA LEU A 85 -36.50 13.64 -25.31
C LEU A 85 -35.39 14.69 -25.28
N LEU A 86 -34.15 14.27 -25.02
CA LEU A 86 -33.07 15.20 -24.71
C LEU A 86 -32.70 16.09 -25.90
N THR A 87 -32.30 17.32 -25.60
CA THR A 87 -31.98 18.26 -26.67
C THR A 87 -30.48 18.52 -26.78
N THR A 88 -29.71 18.27 -25.72
CA THR A 88 -28.29 18.60 -25.75
C THR A 88 -27.50 17.65 -26.65
N LYS A 89 -28.20 16.69 -27.27
CA LYS A 89 -27.71 15.88 -28.38
C LYS A 89 -28.91 15.11 -28.92
N ARG A 90 -28.87 14.70 -30.20
CA ARG A 90 -29.99 14.02 -30.85
C ARG A 90 -30.09 12.61 -30.28
N VAL A 91 -31.27 12.25 -29.73
CA VAL A 91 -31.54 10.91 -29.23
C VAL A 91 -32.21 10.10 -30.34
N PHE A 92 -31.83 8.84 -30.47
CA PHE A 92 -32.29 7.99 -31.57
C PHE A 92 -33.74 7.58 -31.32
N TRP A 93 -34.69 8.46 -31.68
CA TRP A 93 -36.09 8.31 -31.31
C TRP A 93 -36.74 7.11 -31.98
N LYS A 94 -36.53 6.91 -33.28
CA LYS A 94 -37.09 5.75 -33.94
C LYS A 94 -36.72 4.51 -33.15
N GLY A 95 -35.47 4.46 -32.66
CA GLY A 95 -34.97 3.31 -31.91
C GLY A 95 -35.78 3.10 -30.64
N VAL A 96 -36.04 4.21 -29.93
CA VAL A 96 -36.84 4.17 -28.72
C VAL A 96 -38.19 3.52 -29.07
N LEU A 97 -38.88 4.08 -30.06
CA LEU A 97 -40.21 3.64 -30.49
C LEU A 97 -40.21 2.18 -30.94
N GLU A 98 -39.27 1.77 -31.77
CA GLU A 98 -39.33 0.43 -32.30
C GLU A 98 -38.96 -0.59 -31.21
N GLU A 99 -38.09 -0.17 -30.28
CA GLU A 99 -37.63 -1.01 -29.20
C GLU A 99 -38.79 -1.32 -28.25
N LEU A 100 -39.63 -0.31 -27.96
CA LEU A 100 -40.78 -0.49 -27.08
C LEU A 100 -41.85 -1.38 -27.72
N LEU A 101 -42.16 -1.18 -29.00
CA LEU A 101 -43.17 -2.04 -29.62
C LEU A 101 -42.64 -3.47 -29.60
N TRP A 102 -41.32 -3.59 -29.80
CA TRP A 102 -40.66 -4.88 -29.74
C TRP A 102 -40.91 -5.54 -28.37
N PHE A 103 -40.67 -4.80 -27.27
CA PHE A 103 -40.89 -5.31 -25.93
C PHE A 103 -42.35 -5.68 -25.76
N ILE A 104 -43.25 -4.85 -26.29
CA ILE A 104 -44.67 -5.10 -26.16
C ILE A 104 -45.07 -6.37 -26.91
N LYS A 105 -44.65 -6.50 -28.18
CA LYS A 105 -44.90 -7.72 -28.93
C LYS A 105 -44.46 -8.95 -28.13
N GLY A 106 -43.66 -8.74 -27.07
CA GLY A 106 -43.12 -9.82 -26.26
C GLY A 106 -41.99 -10.58 -26.95
N SER A 107 -41.40 -9.97 -27.99
CA SER A 107 -40.39 -10.60 -28.81
C SER A 107 -39.05 -10.67 -28.08
N THR A 108 -38.28 -11.74 -28.31
CA THR A 108 -36.92 -11.83 -27.82
C THR A 108 -35.96 -12.19 -28.95
N ASN A 109 -36.17 -11.56 -30.11
CA ASN A 109 -35.37 -11.86 -31.28
C ASN A 109 -34.87 -10.57 -31.91
N ALA A 110 -33.54 -10.42 -31.91
CA ALA A 110 -32.91 -9.18 -32.34
C ALA A 110 -33.32 -8.89 -33.77
N LYS A 111 -33.50 -9.96 -34.54
CA LYS A 111 -33.81 -9.81 -35.97
C LYS A 111 -35.18 -9.14 -36.16
N GLU A 112 -36.15 -9.43 -35.28
CA GLU A 112 -37.45 -8.81 -35.48
C GLU A 112 -37.37 -7.31 -35.20
N LEU A 113 -36.29 -6.85 -34.56
CA LEU A 113 -36.11 -5.43 -34.28
C LEU A 113 -35.17 -4.84 -35.32
N SER A 114 -34.15 -5.60 -35.71
CA SER A 114 -33.23 -5.14 -36.73
C SER A 114 -34.00 -4.86 -38.02
N SER A 115 -34.91 -5.77 -38.39
CA SER A 115 -35.59 -5.63 -39.66
C SER A 115 -36.34 -4.31 -39.75
N LYS A 116 -36.64 -3.68 -38.60
CA LYS A 116 -37.37 -2.42 -38.57
C LYS A 116 -36.39 -1.25 -38.57
N GLY A 117 -35.11 -1.56 -38.83
CA GLY A 117 -34.07 -0.55 -39.04
C GLY A 117 -33.34 -0.14 -37.76
N VAL A 118 -33.38 -0.99 -36.72
CA VAL A 118 -32.89 -0.67 -35.38
C VAL A 118 -32.03 -1.83 -34.90
N LYS A 119 -30.73 -1.57 -34.68
CA LYS A 119 -29.70 -2.62 -34.66
C LYS A 119 -29.06 -2.76 -33.27
N ILE A 120 -29.64 -2.08 -32.27
CA ILE A 120 -29.01 -1.89 -30.98
C ILE A 120 -28.82 -3.22 -30.24
N TRP A 121 -29.53 -4.28 -30.65
CA TRP A 121 -29.41 -5.54 -29.92
C TRP A 121 -28.66 -6.59 -30.74
N ASP A 122 -28.11 -6.19 -31.88
CA ASP A 122 -27.59 -7.20 -32.79
C ASP A 122 -26.35 -7.85 -32.21
N ALA A 123 -25.40 -7.05 -31.69
CA ALA A 123 -24.15 -7.59 -31.16
C ALA A 123 -24.44 -8.69 -30.14
N ASN A 124 -25.55 -8.54 -29.43
CA ASN A 124 -25.92 -9.45 -28.36
C ASN A 124 -26.55 -10.71 -28.90
N GLY A 125 -27.09 -10.66 -30.13
CA GLY A 125 -27.80 -11.78 -30.74
C GLY A 125 -26.99 -12.52 -31.80
N SER A 126 -25.69 -12.24 -31.89
CA SER A 126 -24.86 -12.81 -32.95
C SER A 126 -24.16 -14.10 -32.51
N ARG A 127 -23.85 -14.94 -33.51
CA ARG A 127 -23.27 -16.27 -33.37
C ARG A 127 -22.07 -16.28 -32.41
N ASP A 128 -21.01 -15.55 -32.79
CA ASP A 128 -19.81 -15.48 -31.98
C ASP A 128 -20.17 -15.09 -30.56
N PHE A 129 -21.02 -14.06 -30.40
CA PHE A 129 -21.33 -13.58 -29.06
C PHE A 129 -22.14 -14.62 -28.28
N LEU A 130 -23.03 -15.32 -29.00
CA LEU A 130 -23.83 -16.34 -28.35
C LEU A 130 -22.89 -17.43 -27.81
N ASP A 131 -22.02 -17.93 -28.69
CA ASP A 131 -21.04 -18.97 -28.39
C ASP A 131 -20.14 -18.54 -27.24
N SER A 132 -19.65 -17.29 -27.30
CA SER A 132 -18.91 -16.70 -26.20
C SER A 132 -19.62 -16.92 -24.86
N LEU A 133 -20.96 -16.89 -24.85
CA LEU A 133 -21.74 -16.90 -23.62
C LEU A 133 -22.16 -18.33 -23.30
N GLY A 134 -22.17 -19.19 -24.33
CA GLY A 134 -22.30 -20.62 -24.13
C GLY A 134 -23.44 -21.23 -24.95
N PHE A 135 -24.10 -20.42 -25.78
CA PHE A 135 -25.34 -20.85 -26.40
C PHE A 135 -25.06 -21.40 -27.79
N SER A 136 -24.16 -22.39 -27.85
CA SER A 136 -23.75 -23.07 -29.07
C SER A 136 -24.99 -23.32 -29.93
N THR A 137 -26.12 -23.54 -29.24
CA THR A 137 -27.26 -24.25 -29.80
C THR A 137 -28.31 -23.28 -30.32
N ARG A 138 -28.19 -21.98 -29.98
CA ARG A 138 -29.27 -21.02 -30.15
C ARG A 138 -29.23 -20.37 -31.54
N GLU A 139 -30.40 -20.19 -32.16
CA GLU A 139 -30.46 -19.55 -33.48
C GLU A 139 -30.05 -18.08 -33.38
N GLU A 140 -29.36 -17.61 -34.42
CA GLU A 140 -28.88 -16.23 -34.47
C GLU A 140 -30.06 -15.26 -34.31
N GLY A 141 -29.92 -14.37 -33.32
CA GLY A 141 -30.91 -13.35 -33.02
C GLY A 141 -31.59 -13.58 -31.66
N ASP A 142 -31.36 -14.78 -31.09
CA ASP A 142 -32.09 -15.27 -29.92
C ASP A 142 -31.39 -14.81 -28.65
N LEU A 143 -31.95 -13.75 -28.05
CA LEU A 143 -31.39 -13.03 -26.92
C LEU A 143 -31.63 -13.77 -25.59
N GLY A 144 -32.45 -14.83 -25.65
CA GLY A 144 -32.85 -15.52 -24.44
C GLY A 144 -34.09 -14.85 -23.82
N PRO A 145 -34.46 -15.20 -22.57
CA PRO A 145 -35.68 -14.64 -21.95
C PRO A 145 -35.49 -13.23 -21.40
N VAL A 146 -35.52 -12.23 -22.30
CA VAL A 146 -35.20 -10.84 -21.98
C VAL A 146 -36.49 -10.04 -21.82
N TYR A 147 -36.36 -8.71 -21.84
CA TYR A 147 -37.40 -7.78 -21.40
C TYR A 147 -38.80 -8.21 -21.88
N GLY A 148 -38.95 -8.43 -23.19
CA GLY A 148 -40.25 -8.73 -23.77
C GLY A 148 -40.93 -9.94 -23.13
N PHE A 149 -40.13 -11.00 -22.89
CA PHE A 149 -40.56 -12.25 -22.29
C PHE A 149 -41.10 -12.03 -20.87
N GLN A 150 -40.29 -11.40 -20.01
CA GLN A 150 -40.62 -11.20 -18.60
C GLN A 150 -41.81 -10.25 -18.47
N TRP A 151 -41.87 -9.21 -19.32
CA TRP A 151 -43.03 -8.34 -19.35
C TRP A 151 -44.31 -9.11 -19.61
N ARG A 152 -44.28 -10.01 -20.63
CA ARG A 152 -45.48 -10.60 -21.18
C ARG A 152 -45.78 -12.00 -20.62
N HIS A 153 -44.74 -12.78 -20.28
CA HIS A 153 -44.89 -14.18 -19.89
C HIS A 153 -43.94 -14.53 -18.74
N PHE A 154 -43.93 -13.75 -17.66
CA PHE A 154 -43.06 -14.08 -16.54
C PHE A 154 -43.42 -15.44 -15.94
N GLY A 155 -42.42 -16.32 -15.90
CA GLY A 155 -42.53 -17.55 -15.12
C GLY A 155 -42.43 -18.76 -16.03
N ALA A 156 -42.91 -18.61 -17.28
CA ALA A 156 -42.88 -19.66 -18.28
C ALA A 156 -41.44 -20.16 -18.52
N GLU A 157 -41.30 -21.47 -18.76
CA GLU A 157 -40.00 -22.04 -19.10
C GLU A 157 -39.63 -21.58 -20.51
N TYR A 158 -38.53 -20.82 -20.64
CA TYR A 158 -38.10 -20.31 -21.92
C TYR A 158 -37.63 -21.43 -22.84
N ARG A 159 -38.21 -21.50 -24.03
CA ARG A 159 -37.81 -22.46 -25.05
C ARG A 159 -36.76 -21.79 -25.95
N ASP A 160 -37.21 -21.31 -27.10
CA ASP A 160 -36.42 -20.43 -27.95
C ASP A 160 -37.26 -19.26 -28.42
N MET A 161 -36.72 -18.50 -29.39
CA MET A 161 -37.25 -17.20 -29.74
C MET A 161 -38.46 -17.32 -30.66
N GLU A 162 -38.57 -18.45 -31.37
CA GLU A 162 -39.65 -18.58 -32.34
C GLU A 162 -40.86 -19.28 -31.71
N SER A 163 -40.79 -19.55 -30.41
CA SER A 163 -41.85 -20.24 -29.68
C SER A 163 -43.10 -19.36 -29.49
N ASP A 164 -44.24 -20.03 -29.26
CA ASP A 164 -45.48 -19.40 -28.86
C ASP A 164 -45.65 -19.59 -27.34
N TYR A 165 -45.88 -18.45 -26.66
CA TYR A 165 -45.99 -18.39 -25.21
C TYR A 165 -47.36 -17.83 -24.84
N SER A 166 -48.30 -17.87 -25.80
CA SER A 166 -49.68 -17.49 -25.53
C SER A 166 -50.18 -18.18 -24.26
N GLY A 167 -50.51 -17.35 -23.25
CA GLY A 167 -51.04 -17.77 -21.97
C GLY A 167 -50.13 -18.79 -21.27
N GLN A 168 -48.90 -18.39 -20.94
CA GLN A 168 -47.93 -19.39 -20.51
C GLN A 168 -47.23 -19.05 -19.19
N GLY A 169 -46.98 -17.75 -18.94
CA GLY A 169 -46.52 -17.26 -17.64
C GLY A 169 -47.38 -16.09 -17.17
N VAL A 170 -46.84 -15.14 -16.39
CA VAL A 170 -47.64 -13.99 -15.98
C VAL A 170 -47.49 -12.87 -17.00
N ASP A 171 -48.61 -12.20 -17.28
CA ASP A 171 -48.60 -11.05 -18.18
C ASP A 171 -48.61 -9.76 -17.37
N GLN A 172 -47.43 -9.40 -16.86
CA GLN A 172 -47.26 -8.23 -16.04
C GLN A 172 -47.82 -6.99 -16.72
N LEU A 173 -47.69 -6.88 -18.07
CA LEU A 173 -48.09 -5.65 -18.74
C LEU A 173 -49.61 -5.46 -18.74
N GLN A 174 -50.34 -6.49 -19.20
CA GLN A 174 -51.79 -6.47 -19.17
C GLN A 174 -52.28 -6.20 -17.74
N ARG A 175 -51.77 -6.98 -16.76
CA ARG A 175 -52.11 -6.80 -15.36
C ARG A 175 -51.99 -5.36 -14.89
N VAL A 176 -50.92 -4.67 -15.32
CA VAL A 176 -50.69 -3.28 -14.95
C VAL A 176 -51.81 -2.38 -15.49
N ILE A 177 -52.26 -2.66 -16.73
CA ILE A 177 -53.29 -1.84 -17.36
C ILE A 177 -54.64 -2.13 -16.72
N ASP A 178 -54.93 -3.43 -16.53
CA ASP A 178 -56.10 -3.84 -15.77
C ASP A 178 -56.14 -3.08 -14.45
N THR A 179 -55.04 -3.16 -13.67
CA THR A 179 -55.07 -2.61 -12.33
C THR A 179 -55.29 -1.10 -12.38
N ILE A 180 -54.73 -0.43 -13.40
CA ILE A 180 -54.97 1.01 -13.47
C ILE A 180 -56.45 1.30 -13.73
N LYS A 181 -57.09 0.49 -14.58
CA LYS A 181 -58.48 0.74 -14.90
C LYS A 181 -59.35 0.48 -13.67
N THR A 182 -59.26 -0.72 -13.07
CA THR A 182 -60.19 -1.09 -12.01
C THR A 182 -59.83 -0.46 -10.66
N ASN A 183 -58.54 -0.46 -10.28
CA ASN A 183 -58.17 -0.01 -8.95
C ASN A 183 -56.95 0.93 -9.02
N PRO A 184 -57.12 2.21 -9.38
CA PRO A 184 -55.98 3.12 -9.58
C PRO A 184 -55.15 3.42 -8.34
N ASP A 185 -55.72 3.12 -7.16
CA ASP A 185 -55.14 3.52 -5.89
C ASP A 185 -54.12 2.50 -5.40
N ASP A 186 -53.97 1.44 -6.20
CA ASP A 186 -53.19 0.26 -5.84
C ASP A 186 -51.69 0.55 -5.79
N ARG A 187 -51.06 0.18 -4.67
CA ARG A 187 -49.66 0.45 -4.42
C ARG A 187 -48.79 -0.74 -4.86
N ARG A 188 -49.32 -1.54 -5.80
CA ARG A 188 -48.59 -2.72 -6.26
C ARG A 188 -48.67 -2.81 -7.77
N ILE A 189 -48.72 -1.65 -8.43
CA ILE A 189 -48.77 -1.62 -9.88
C ILE A 189 -47.33 -1.72 -10.39
N ILE A 190 -46.85 -2.95 -10.56
CA ILE A 190 -45.42 -3.25 -10.64
C ILE A 190 -45.12 -4.20 -11.79
N MET A 191 -44.06 -3.91 -12.54
CA MET A 191 -43.56 -4.79 -13.58
C MET A 191 -42.11 -5.11 -13.26
N CYS A 192 -41.75 -6.40 -13.26
CA CYS A 192 -40.43 -6.87 -12.87
C CYS A 192 -39.82 -7.74 -13.98
N ALA A 193 -38.56 -7.46 -14.35
CA ALA A 193 -37.81 -8.28 -15.30
C ALA A 193 -36.76 -9.13 -14.58
N TRP A 194 -36.58 -8.93 -13.27
CA TRP A 194 -35.55 -9.63 -12.52
C TRP A 194 -36.04 -10.99 -12.04
N ASN A 195 -35.78 -12.00 -12.88
CA ASN A 195 -36.03 -13.39 -12.58
C ASN A 195 -34.69 -14.10 -12.37
N PRO A 196 -34.24 -14.34 -11.12
CA PRO A 196 -32.95 -14.96 -10.86
C PRO A 196 -32.72 -16.28 -11.58
N ARG A 197 -33.81 -16.98 -11.87
CA ARG A 197 -33.75 -18.28 -12.52
C ARG A 197 -33.32 -18.10 -13.99
N ASP A 198 -34.01 -17.16 -14.67
CA ASP A 198 -33.81 -16.91 -16.09
C ASP A 198 -32.48 -16.22 -16.38
N LEU A 199 -31.77 -15.75 -15.34
CA LEU A 199 -30.58 -14.93 -15.51
C LEU A 199 -29.55 -15.66 -16.37
N PRO A 200 -29.05 -16.86 -15.98
CA PRO A 200 -27.98 -17.51 -16.74
C PRO A 200 -28.33 -17.87 -18.19
N LEU A 201 -29.58 -17.61 -18.61
CA LEU A 201 -29.99 -17.88 -19.99
C LEU A 201 -30.00 -16.61 -20.84
N MET A 202 -29.72 -15.44 -20.26
CA MET A 202 -29.89 -14.19 -21.00
C MET A 202 -28.56 -13.67 -21.52
N ALA A 203 -28.62 -12.89 -22.61
CA ALA A 203 -27.46 -12.23 -23.17
C ALA A 203 -26.95 -11.16 -22.20
N LEU A 204 -27.86 -10.29 -21.73
CA LEU A 204 -27.51 -9.28 -20.74
C LEU A 204 -28.60 -9.21 -19.67
N PRO A 205 -28.29 -9.58 -18.41
CA PRO A 205 -29.22 -9.40 -17.29
C PRO A 205 -29.80 -7.99 -17.41
N PRO A 206 -31.11 -7.82 -17.12
CA PRO A 206 -31.78 -6.56 -17.42
C PRO A 206 -31.27 -5.42 -16.54
N CYS A 207 -31.27 -4.21 -17.11
CA CYS A 207 -30.95 -3.00 -16.38
C CYS A 207 -32.24 -2.41 -15.85
N HIS A 208 -33.31 -2.55 -16.64
CA HIS A 208 -34.65 -2.17 -16.22
C HIS A 208 -35.20 -3.24 -15.28
N ALA A 209 -34.75 -3.23 -14.02
CA ALA A 209 -35.01 -4.35 -13.14
C ALA A 209 -36.48 -4.33 -12.72
N LEU A 210 -36.99 -3.21 -12.20
CA LEU A 210 -38.44 -3.07 -12.07
C LEU A 210 -38.96 -1.64 -12.30
N CYS A 211 -40.30 -1.53 -12.49
CA CYS A 211 -40.99 -0.24 -12.49
C CYS A 211 -42.36 -0.35 -11.83
N GLN A 212 -42.84 0.80 -11.33
CA GLN A 212 -44.05 0.92 -10.55
C GLN A 212 -44.88 2.08 -11.10
N PHE A 213 -46.19 1.87 -11.19
CA PHE A 213 -47.06 2.91 -11.74
C PHE A 213 -47.90 3.49 -10.62
N TYR A 214 -48.34 4.72 -10.78
CA TYR A 214 -49.04 5.36 -9.69
C TYR A 214 -50.08 6.31 -10.27
N VAL A 215 -51.25 6.34 -9.65
CA VAL A 215 -52.33 7.17 -10.15
C VAL A 215 -52.81 8.07 -9.02
N VAL A 216 -53.00 9.34 -9.33
CA VAL A 216 -53.64 10.26 -8.42
C VAL A 216 -54.07 11.47 -9.26
N ASN A 217 -55.26 12.04 -8.96
CA ASN A 217 -55.91 13.12 -9.69
C ASN A 217 -55.76 12.92 -11.19
N SER A 218 -56.19 11.76 -11.69
CA SER A 218 -56.20 11.45 -13.12
C SER A 218 -54.83 11.61 -13.78
N GLU A 219 -53.76 11.66 -12.97
CA GLU A 219 -52.39 11.66 -13.47
C GLU A 219 -51.74 10.29 -13.26
N LEU A 220 -51.13 9.75 -14.33
CA LEU A 220 -50.33 8.53 -14.29
C LEU A 220 -48.84 8.86 -14.20
N SER A 221 -48.16 8.24 -13.24
CA SER A 221 -46.70 8.40 -13.13
C SER A 221 -46.02 7.05 -13.09
N CYS A 222 -44.71 7.08 -13.27
CA CYS A 222 -43.97 5.83 -13.42
C CYS A 222 -42.61 6.04 -12.77
N GLN A 223 -42.17 5.05 -11.98
CA GLN A 223 -40.83 5.06 -11.46
C GLN A 223 -40.10 3.81 -11.96
N LEU A 224 -38.95 4.05 -12.58
CA LEU A 224 -38.09 2.99 -13.07
C LEU A 224 -36.93 2.80 -12.09
N TYR A 225 -36.65 1.54 -11.77
CA TYR A 225 -35.43 1.19 -11.06
C TYR A 225 -34.43 0.58 -12.02
N GLN A 226 -33.39 1.35 -12.35
CA GLN A 226 -32.30 0.95 -13.23
C GLN A 226 -31.05 0.62 -12.41
N ARG A 227 -30.73 -0.67 -12.26
CA ARG A 227 -29.60 -1.08 -11.42
C ARG A 227 -28.27 -0.53 -11.96
N SER A 228 -28.26 -0.13 -13.23
CA SER A 228 -26.99 0.15 -13.89
C SER A 228 -27.20 1.14 -15.03
N GLY A 229 -26.58 2.30 -14.91
CA GLY A 229 -26.83 3.29 -15.95
C GLY A 229 -25.55 3.79 -16.62
N ASP A 230 -25.39 3.45 -17.90
CA ASP A 230 -24.44 4.11 -18.77
C ASP A 230 -24.95 5.51 -19.08
N MET A 231 -24.47 6.48 -18.31
CA MET A 231 -24.96 7.85 -18.37
C MET A 231 -24.79 8.44 -19.76
N GLY A 232 -23.74 8.01 -20.49
CA GLY A 232 -23.46 8.55 -21.81
C GLY A 232 -24.42 8.04 -22.90
N LEU A 233 -24.64 6.73 -22.91
CA LEU A 233 -25.26 6.08 -24.05
C LEU A 233 -26.67 5.64 -23.70
N GLY A 234 -26.78 4.70 -22.73
CA GLY A 234 -28.03 4.07 -22.37
C GLY A 234 -29.06 5.03 -21.79
N VAL A 235 -28.63 5.87 -20.84
CA VAL A 235 -29.59 6.53 -19.96
C VAL A 235 -30.57 7.42 -20.72
N PRO A 236 -30.15 8.34 -21.62
CA PRO A 236 -31.06 9.23 -22.34
C PRO A 236 -32.09 8.44 -23.15
N PHE A 237 -31.63 7.31 -23.68
CA PHE A 237 -32.51 6.43 -24.41
C PHE A 237 -33.57 5.85 -23.47
N ASN A 238 -33.10 5.34 -22.32
CA ASN A 238 -33.96 4.73 -21.32
C ASN A 238 -35.02 5.70 -20.80
N ILE A 239 -34.68 6.98 -20.59
CA ILE A 239 -35.62 7.96 -20.05
C ILE A 239 -36.82 8.09 -21.00
N ALA A 240 -36.50 8.22 -22.30
CA ALA A 240 -37.42 8.34 -23.41
C ALA A 240 -38.34 7.11 -23.44
N SER A 241 -37.69 5.95 -23.37
CA SER A 241 -38.36 4.66 -23.41
C SER A 241 -39.51 4.61 -22.42
N TYR A 242 -39.28 4.94 -21.15
CA TYR A 242 -40.28 4.72 -20.12
C TYR A 242 -41.25 5.88 -20.08
N ALA A 243 -40.79 7.00 -20.62
CA ALA A 243 -41.66 8.14 -20.75
C ALA A 243 -42.71 7.81 -21.82
N LEU A 244 -42.28 7.12 -22.88
CA LEU A 244 -43.19 6.73 -23.93
C LEU A 244 -44.26 5.80 -23.36
N LEU A 245 -43.81 4.73 -22.67
CA LEU A 245 -44.70 3.72 -22.10
C LEU A 245 -45.72 4.34 -21.16
N THR A 246 -45.36 5.46 -20.51
CA THR A 246 -46.28 6.15 -19.64
C THR A 246 -47.35 6.78 -20.51
N TYR A 247 -46.95 7.39 -21.64
CA TYR A 247 -47.87 8.06 -22.55
C TYR A 247 -48.83 7.08 -23.20
N MET A 248 -48.34 5.88 -23.50
CA MET A 248 -49.17 4.83 -24.07
C MET A 248 -50.22 4.39 -23.04
N ILE A 249 -49.78 4.02 -21.83
CA ILE A 249 -50.69 3.44 -20.86
C ILE A 249 -51.69 4.51 -20.46
N ALA A 250 -51.21 5.75 -20.34
CA ALA A 250 -52.10 6.88 -20.08
C ALA A 250 -53.17 6.99 -21.16
N HIS A 251 -52.83 6.66 -22.41
CA HIS A 251 -53.73 6.88 -23.52
C HIS A 251 -54.87 5.88 -23.48
N ILE A 252 -54.55 4.62 -23.21
CA ILE A 252 -55.57 3.57 -23.22
C ILE A 252 -56.23 3.40 -21.84
N THR A 253 -55.90 4.26 -20.86
CA THR A 253 -56.52 4.17 -19.54
C THR A 253 -57.35 5.43 -19.24
N GLY A 254 -57.32 6.40 -20.16
CA GLY A 254 -58.06 7.65 -20.02
C GLY A 254 -57.33 8.69 -19.19
N LEU A 255 -56.02 8.55 -18.99
CA LEU A 255 -55.33 9.41 -18.03
C LEU A 255 -54.39 10.39 -18.70
N LYS A 256 -54.19 11.53 -18.03
CA LYS A 256 -53.14 12.46 -18.35
C LYS A 256 -51.82 11.90 -17.79
N PRO A 257 -50.72 11.90 -18.58
CA PRO A 257 -49.39 11.53 -18.06
C PRO A 257 -48.88 12.48 -16.98
N GLY A 258 -48.08 11.98 -16.03
CA GLY A 258 -47.70 12.78 -14.88
C GLY A 258 -46.20 13.04 -14.77
N ASP A 259 -45.56 12.37 -13.80
CA ASP A 259 -44.11 12.44 -13.68
C ASP A 259 -43.54 11.11 -14.10
N PHE A 260 -42.36 11.12 -14.69
CA PHE A 260 -41.53 9.93 -14.70
C PHE A 260 -40.40 10.14 -13.69
N ILE A 261 -40.25 9.18 -12.76
CA ILE A 261 -39.15 9.20 -11.81
C ILE A 261 -38.15 8.11 -12.20
N HIS A 262 -36.93 8.55 -12.52
CA HIS A 262 -35.83 7.67 -12.84
C HIS A 262 -34.89 7.56 -11.64
N THR A 263 -34.75 6.32 -11.11
CA THR A 263 -33.88 5.98 -9.99
C THR A 263 -32.69 5.12 -10.46
N LEU A 264 -31.54 5.33 -9.82
CA LEU A 264 -30.35 4.72 -10.40
C LEU A 264 -29.66 3.90 -9.31
N GLY A 265 -29.12 2.76 -9.75
CA GLY A 265 -28.25 1.91 -8.95
C GLY A 265 -26.82 2.41 -9.10
N ASP A 266 -26.08 1.77 -10.03
CA ASP A 266 -24.71 2.19 -10.26
C ASP A 266 -24.75 3.21 -11.40
N ALA A 267 -24.64 4.51 -11.09
CA ALA A 267 -24.68 5.48 -12.17
C ALA A 267 -23.26 5.79 -12.62
N HIS A 268 -22.87 5.31 -13.81
CA HIS A 268 -21.50 5.48 -14.24
C HIS A 268 -21.36 6.27 -15.55
N ILE A 269 -20.22 6.95 -15.66
CA ILE A 269 -19.70 7.44 -16.92
C ILE A 269 -18.46 6.62 -17.20
N TYR A 270 -18.44 5.89 -18.31
CA TYR A 270 -17.23 5.28 -18.85
C TYR A 270 -16.18 6.36 -19.11
N LEU A 271 -14.89 5.96 -19.08
CA LEU A 271 -13.80 6.94 -19.15
C LEU A 271 -13.72 7.56 -20.54
N ASN A 272 -14.10 6.77 -21.56
CA ASN A 272 -14.00 7.26 -22.92
C ASN A 272 -15.29 8.00 -23.30
N HIS A 273 -15.99 8.55 -22.32
CA HIS A 273 -17.20 9.32 -22.53
C HIS A 273 -17.07 10.68 -21.87
N ILE A 274 -16.04 10.80 -21.01
CA ILE A 274 -15.78 12.04 -20.29
C ILE A 274 -15.63 13.19 -21.28
N GLU A 275 -14.97 12.92 -22.41
CA GLU A 275 -14.77 14.00 -23.37
C GLU A 275 -16.07 14.39 -24.08
N PRO A 276 -16.76 13.49 -24.81
CA PRO A 276 -18.05 13.83 -25.43
C PRO A 276 -19.02 14.55 -24.48
N LEU A 277 -19.02 14.13 -23.20
CA LEU A 277 -19.93 14.69 -22.22
C LEU A 277 -19.50 16.09 -21.80
N LYS A 278 -18.19 16.38 -21.86
CA LYS A 278 -17.74 17.73 -21.52
C LYS A 278 -18.15 18.69 -22.64
N ILE A 279 -18.20 18.18 -23.87
CA ILE A 279 -18.70 18.90 -25.02
C ILE A 279 -20.20 19.09 -24.81
N GLN A 280 -20.87 18.04 -24.32
CA GLN A 280 -22.32 18.02 -24.20
C GLN A 280 -22.78 19.02 -23.15
N LEU A 281 -22.00 19.17 -22.06
CA LEU A 281 -22.38 20.05 -20.96
C LEU A 281 -22.30 21.52 -21.36
N GLN A 282 -21.70 21.84 -22.52
CA GLN A 282 -21.54 23.24 -22.91
C GLN A 282 -22.80 23.74 -23.63
N ARG A 283 -23.51 22.86 -24.31
CA ARG A 283 -24.70 23.28 -25.04
C ARG A 283 -25.82 23.64 -24.06
N GLU A 284 -26.69 24.53 -24.51
CA GLU A 284 -27.83 25.00 -23.73
C GLU A 284 -29.11 24.31 -24.25
N PRO A 285 -29.87 23.62 -23.37
CA PRO A 285 -31.03 22.83 -23.80
C PRO A 285 -32.12 23.69 -24.44
N ARG A 286 -32.66 23.22 -25.57
CA ARG A 286 -33.83 23.83 -26.20
C ARG A 286 -35.09 23.23 -25.59
N PRO A 287 -36.22 23.98 -25.56
CA PRO A 287 -37.51 23.45 -25.07
C PRO A 287 -37.78 22.02 -25.50
N PHE A 288 -38.17 21.19 -24.52
CA PHE A 288 -38.49 19.78 -24.76
C PHE A 288 -39.55 19.74 -25.84
N PRO A 289 -39.57 18.70 -26.70
CA PRO A 289 -40.59 18.59 -27.74
C PRO A 289 -41.93 18.14 -27.16
N LYS A 290 -42.90 17.83 -28.05
CA LYS A 290 -44.19 17.28 -27.66
C LYS A 290 -44.40 15.95 -28.36
N LEU A 291 -45.34 15.14 -27.85
CA LEU A 291 -45.72 13.90 -28.48
C LEU A 291 -47.23 13.85 -28.62
N ARG A 292 -47.71 13.48 -29.81
CA ARG A 292 -49.13 13.21 -29.97
C ARG A 292 -49.35 11.80 -30.50
N ILE A 293 -50.32 11.15 -29.87
CA ILE A 293 -50.89 9.89 -30.29
C ILE A 293 -51.99 10.22 -31.30
N LEU A 294 -51.73 9.85 -32.57
CA LEU A 294 -52.48 10.33 -33.72
C LEU A 294 -53.85 9.69 -33.87
N ARG A 295 -54.17 8.63 -33.10
CA ARG A 295 -55.49 8.02 -33.17
C ARG A 295 -55.85 7.31 -31.86
N LYS A 296 -57.16 7.26 -31.56
CA LYS A 296 -57.65 6.58 -30.38
C LYS A 296 -57.43 5.08 -30.52
N VAL A 297 -56.51 4.54 -29.71
CA VAL A 297 -56.13 3.14 -29.63
C VAL A 297 -56.62 2.57 -28.30
N GLU A 298 -56.98 1.28 -28.28
CA GLU A 298 -57.70 0.69 -27.17
C GLU A 298 -56.84 -0.33 -26.41
N LYS A 299 -56.26 -1.30 -27.14
CA LYS A 299 -55.34 -2.26 -26.55
C LYS A 299 -53.90 -1.76 -26.74
N ILE A 300 -52.95 -2.32 -25.97
CA ILE A 300 -51.58 -1.84 -26.01
C ILE A 300 -50.85 -2.42 -27.22
N ASP A 301 -51.31 -3.60 -27.66
CA ASP A 301 -50.75 -4.32 -28.79
C ASP A 301 -51.12 -3.63 -30.11
N ASP A 302 -52.21 -2.85 -30.13
CA ASP A 302 -52.67 -2.20 -31.34
C ASP A 302 -51.66 -1.18 -31.84
N PHE A 303 -50.99 -0.48 -30.91
CA PHE A 303 -50.05 0.57 -31.21
C PHE A 303 -49.04 0.16 -32.28
N LYS A 304 -48.85 1.08 -33.24
CA LYS A 304 -48.00 0.94 -34.41
C LYS A 304 -47.16 2.21 -34.53
N ALA A 305 -45.96 2.08 -35.09
CA ALA A 305 -44.97 3.16 -35.11
C ALA A 305 -45.57 4.48 -35.60
N GLU A 306 -46.58 4.41 -36.49
CA GLU A 306 -47.12 5.58 -37.16
C GLU A 306 -48.16 6.25 -36.27
N ASP A 307 -48.53 5.59 -35.16
CA ASP A 307 -49.48 6.17 -34.23
C ASP A 307 -48.89 7.39 -33.51
N PHE A 308 -47.55 7.56 -33.59
CA PHE A 308 -46.83 8.54 -32.79
C PHE A 308 -46.19 9.62 -33.67
N GLN A 309 -46.27 10.89 -33.21
CA GLN A 309 -45.58 11.99 -33.85
C GLN A 309 -44.90 12.84 -32.79
N ILE A 310 -43.59 13.08 -32.96
CA ILE A 310 -42.91 14.01 -32.08
C ILE A 310 -42.99 15.37 -32.74
N GLU A 311 -43.39 16.40 -32.00
CA GLU A 311 -43.52 17.76 -32.52
C GLU A 311 -42.55 18.68 -31.77
N GLY A 312 -41.71 19.39 -32.53
CA GLY A 312 -40.84 20.41 -31.99
C GLY A 312 -39.47 19.89 -31.54
N TYR A 313 -39.07 18.70 -31.99
CA TYR A 313 -37.80 18.16 -31.54
C TYR A 313 -36.65 18.82 -32.31
N ASN A 314 -36.01 19.78 -31.66
CA ASN A 314 -34.95 20.54 -32.29
C ASN A 314 -33.66 20.38 -31.48
N PRO A 315 -33.01 19.20 -31.52
CA PRO A 315 -31.82 18.96 -30.70
C PRO A 315 -30.54 19.58 -31.28
N HIS A 316 -29.54 19.74 -30.41
CA HIS A 316 -28.18 19.99 -30.82
C HIS A 316 -27.67 18.78 -31.62
N PRO A 317 -26.63 18.94 -32.48
CA PRO A 317 -25.98 17.79 -33.14
C PRO A 317 -25.62 16.59 -32.25
N THR A 318 -25.77 15.40 -32.84
CA THR A 318 -25.52 14.15 -32.14
C THR A 318 -24.06 14.03 -31.76
N ILE A 319 -23.79 13.36 -30.63
CA ILE A 319 -22.44 13.04 -30.16
C ILE A 319 -22.36 11.52 -30.05
N LYS A 320 -21.36 10.92 -30.71
CA LYS A 320 -21.19 9.50 -30.61
C LYS A 320 -20.43 9.15 -29.33
N MET A 321 -21.04 8.23 -28.59
CA MET A 321 -20.45 7.56 -27.44
C MET A 321 -20.30 6.10 -27.85
N GLU A 322 -19.06 5.62 -27.96
CA GLU A 322 -18.84 4.26 -28.39
C GLU A 322 -19.15 3.30 -27.23
N MET A 323 -19.81 2.18 -27.56
CA MET A 323 -20.32 1.21 -26.60
C MET A 323 -19.19 0.29 -26.11
N ALA A 324 -18.96 0.33 -24.79
CA ALA A 324 -17.92 -0.43 -24.10
C ALA A 324 -18.23 -1.93 -24.20
N VAL A 325 -17.18 -2.74 -24.38
CA VAL A 325 -17.34 -4.14 -24.73
C VAL A 325 -16.26 -5.01 -24.05
N PRO B 38 -21.74 18.72 10.15
CA PRO B 38 -22.48 17.91 9.17
C PRO B 38 -23.89 17.60 9.67
N PRO B 39 -24.94 17.81 8.83
CA PRO B 39 -26.34 17.60 9.26
C PRO B 39 -26.53 16.21 9.83
N HIS B 40 -27.59 16.04 10.62
CA HIS B 40 -27.87 14.76 11.26
C HIS B 40 -28.58 13.80 10.30
N GLY B 41 -28.15 12.53 10.32
CA GLY B 41 -28.74 11.50 9.50
C GLY B 41 -30.27 11.50 9.56
N GLU B 42 -30.83 11.82 10.73
CA GLU B 42 -32.26 11.65 10.97
C GLU B 42 -33.05 12.71 10.20
N LEU B 43 -32.39 13.78 9.75
CA LEU B 43 -33.06 14.88 9.08
C LEU B 43 -33.54 14.46 7.68
N GLN B 44 -32.83 13.54 7.04
CA GLN B 44 -33.35 12.90 5.84
C GLN B 44 -34.79 12.47 6.09
N TYR B 45 -35.04 11.67 7.14
CA TYR B 45 -36.33 11.05 7.42
C TYR B 45 -37.39 12.10 7.67
N LEU B 46 -37.11 13.01 8.61
CA LEU B 46 -38.07 14.02 9.04
C LEU B 46 -38.43 14.99 7.92
N GLY B 47 -37.44 15.29 7.04
CA GLY B 47 -37.67 16.19 5.92
C GLY B 47 -38.62 15.56 4.91
N GLN B 48 -38.46 14.24 4.72
CA GLN B 48 -39.42 13.40 4.02
C GLN B 48 -40.79 13.47 4.67
N ILE B 49 -40.82 13.63 6.00
CA ILE B 49 -42.09 13.75 6.70
C ILE B 49 -42.69 15.12 6.38
N GLN B 50 -41.92 16.17 6.69
CA GLN B 50 -42.35 17.53 6.44
C GLN B 50 -42.69 17.69 4.97
N HIS B 51 -41.92 17.04 4.09
CA HIS B 51 -42.28 17.10 2.69
C HIS B 51 -43.68 16.55 2.45
N ILE B 52 -44.00 15.38 3.00
CA ILE B 52 -45.27 14.75 2.66
C ILE B 52 -46.43 15.54 3.27
N LEU B 53 -46.27 15.98 4.52
CA LEU B 53 -47.24 16.84 5.20
C LEU B 53 -47.51 18.13 4.42
N ARG B 54 -46.46 18.81 3.95
CA ARG B 54 -46.61 20.03 3.18
C ARG B 54 -47.08 19.77 1.74
N CYS B 55 -46.72 18.64 1.11
CA CYS B 55 -46.96 18.54 -0.32
C CYS B 55 -47.63 17.24 -0.74
N GLY B 56 -47.74 16.27 0.19
CA GLY B 56 -48.48 15.06 -0.11
C GLY B 56 -49.85 15.41 -0.69
N VAL B 57 -50.37 14.58 -1.58
CA VAL B 57 -51.76 14.74 -1.99
C VAL B 57 -52.62 13.66 -1.35
N ARG B 58 -53.86 14.02 -1.11
CA ARG B 58 -54.81 13.12 -0.49
C ARG B 58 -55.12 12.00 -1.49
N LYS B 59 -55.33 10.78 -0.99
CA LYS B 59 -55.40 9.58 -1.81
C LYS B 59 -55.97 8.46 -0.96
N ASP B 60 -56.83 7.63 -1.57
CA ASP B 60 -57.48 6.54 -0.86
C ASP B 60 -56.54 5.34 -0.82
N ASP B 61 -56.72 4.51 0.21
CA ASP B 61 -55.98 3.27 0.29
C ASP B 61 -56.92 2.12 0.63
N ARG B 62 -56.48 0.94 0.19
CA ARG B 62 -57.08 -0.37 0.37
C ARG B 62 -57.75 -0.49 1.74
N THR B 63 -57.05 -0.03 2.79
CA THR B 63 -57.49 -0.26 4.16
C THR B 63 -58.69 0.61 4.52
N GLY B 64 -59.01 1.62 3.70
CA GLY B 64 -60.08 2.55 4.07
C GLY B 64 -59.60 3.80 4.82
N THR B 65 -58.42 3.75 5.47
CA THR B 65 -57.96 4.81 6.35
C THR B 65 -57.76 6.13 5.59
N GLY B 66 -57.13 6.06 4.39
CA GLY B 66 -56.79 7.25 3.61
C GLY B 66 -55.40 7.80 3.92
N THR B 67 -54.79 8.49 2.96
CA THR B 67 -53.41 8.94 3.13
C THR B 67 -53.13 10.24 2.38
N LEU B 68 -52.10 10.97 2.88
CA LEU B 68 -51.33 11.99 2.16
C LEU B 68 -50.14 11.29 1.54
N SER B 69 -49.89 11.47 0.25
CA SER B 69 -48.86 10.65 -0.35
C SER B 69 -48.00 11.41 -1.34
N VAL B 70 -46.80 10.87 -1.61
CA VAL B 70 -45.84 11.38 -2.57
C VAL B 70 -45.29 10.19 -3.36
N PHE B 71 -45.08 10.38 -4.67
CA PHE B 71 -44.54 9.30 -5.47
C PHE B 71 -43.07 9.57 -5.76
N GLY B 72 -42.20 8.72 -5.23
CA GLY B 72 -40.77 8.74 -5.49
C GLY B 72 -40.01 9.65 -4.55
N MET B 73 -39.12 9.06 -3.74
CA MET B 73 -38.26 9.79 -2.82
C MET B 73 -36.95 9.03 -2.67
N GLN B 74 -35.90 9.71 -2.18
CA GLN B 74 -34.65 9.00 -1.96
C GLN B 74 -33.93 9.60 -0.76
N ALA B 75 -33.32 8.75 0.08
CA ALA B 75 -32.65 9.26 1.26
C ALA B 75 -31.36 8.47 1.45
N ARG B 76 -30.28 9.16 1.82
CA ARG B 76 -28.95 8.55 1.97
C ARG B 76 -28.65 8.56 3.46
N TYR B 77 -28.39 7.39 4.06
CA TYR B 77 -27.94 7.32 5.45
C TYR B 77 -26.56 6.66 5.57
N SER B 78 -25.61 7.42 6.09
CA SER B 78 -24.27 6.88 6.25
C SER B 78 -24.32 5.83 7.35
N LEU B 79 -23.51 4.77 7.18
CA LEU B 79 -23.43 3.66 8.12
C LEU B 79 -22.08 3.70 8.81
N ARG B 80 -21.34 4.81 8.62
CA ARG B 80 -19.93 4.90 8.98
C ARG B 80 -19.77 5.41 10.41
N ASP B 81 -19.44 4.50 11.33
CA ASP B 81 -19.27 4.84 12.73
C ASP B 81 -20.59 5.35 13.30
N GLU B 82 -21.69 5.08 12.59
CA GLU B 82 -23.02 5.33 13.13
C GLU B 82 -23.98 4.26 12.61
N PHE B 83 -25.07 4.03 13.33
CA PHE B 83 -26.13 3.15 12.88
C PHE B 83 -27.45 3.93 12.93
N PRO B 84 -28.21 4.07 11.81
CA PRO B 84 -29.44 4.87 11.81
C PRO B 84 -30.71 4.25 12.43
N LEU B 85 -30.65 4.01 13.74
CA LEU B 85 -31.84 3.68 14.51
C LEU B 85 -32.35 5.00 15.07
N LEU B 86 -33.60 5.36 14.73
CA LEU B 86 -34.12 6.69 14.98
C LEU B 86 -34.08 7.02 16.47
N THR B 87 -33.97 8.34 16.76
CA THR B 87 -33.90 8.85 18.11
C THR B 87 -35.10 9.72 18.46
N THR B 88 -35.86 10.18 17.45
CA THR B 88 -37.01 11.04 17.69
C THR B 88 -38.22 10.23 18.18
N LYS B 89 -38.11 8.89 18.19
CA LYS B 89 -39.03 7.99 18.86
C LYS B 89 -38.28 6.67 19.04
N ARG B 90 -38.72 5.84 19.99
CA ARG B 90 -38.00 4.60 20.30
C ARG B 90 -38.40 3.52 19.30
N VAL B 91 -37.44 3.08 18.48
CA VAL B 91 -37.79 2.06 17.50
C VAL B 91 -37.55 0.69 18.11
N PHE B 92 -38.44 -0.26 17.76
CA PHE B 92 -38.40 -1.61 18.32
C PHE B 92 -37.20 -2.39 17.78
N TRP B 93 -36.02 -2.10 18.34
CA TRP B 93 -34.77 -2.79 18.01
C TRP B 93 -34.87 -4.31 18.08
N LYS B 94 -35.34 -4.85 19.23
CA LYS B 94 -35.47 -6.30 19.34
C LYS B 94 -36.33 -6.83 18.20
N GLY B 95 -37.32 -6.05 17.76
CA GLY B 95 -38.16 -6.51 16.66
C GLY B 95 -37.42 -6.51 15.32
N VAL B 96 -36.50 -5.55 15.16
CA VAL B 96 -35.74 -5.41 13.94
C VAL B 96 -34.81 -6.60 13.78
N LEU B 97 -34.02 -6.89 14.83
CA LEU B 97 -32.96 -7.89 14.78
C LEU B 97 -33.56 -9.28 14.60
N GLU B 98 -34.62 -9.54 15.34
CA GLU B 98 -35.34 -10.80 15.35
C GLU B 98 -36.02 -11.05 14.01
N GLU B 99 -36.63 -9.99 13.44
CA GLU B 99 -37.29 -10.11 12.15
C GLU B 99 -36.27 -10.51 11.09
N LEU B 100 -35.07 -9.92 11.15
CA LEU B 100 -34.04 -10.18 10.14
C LEU B 100 -33.52 -11.60 10.28
N LEU B 101 -33.21 -12.02 11.51
CA LEU B 101 -32.75 -13.39 11.69
C LEU B 101 -33.80 -14.38 11.19
N TRP B 102 -35.08 -13.97 11.24
CA TRP B 102 -36.22 -14.78 10.82
C TRP B 102 -36.29 -14.94 9.29
N PHE B 103 -36.00 -13.83 8.57
CA PHE B 103 -35.90 -13.82 7.12
C PHE B 103 -34.69 -14.65 6.70
N ILE B 104 -33.55 -14.39 7.36
CA ILE B 104 -32.33 -15.11 7.03
C ILE B 104 -32.59 -16.63 6.98
N LYS B 105 -33.23 -17.19 8.02
CA LYS B 105 -33.37 -18.64 8.08
C LYS B 105 -34.51 -19.15 7.21
N GLY B 106 -35.23 -18.24 6.53
CA GLY B 106 -36.07 -18.65 5.41
C GLY B 106 -37.55 -18.79 5.81
N SER B 107 -37.88 -18.28 6.99
CA SER B 107 -39.13 -18.61 7.63
C SER B 107 -40.30 -17.84 7.04
N THR B 108 -41.36 -18.56 6.71
CA THR B 108 -42.61 -17.91 6.37
C THR B 108 -43.66 -18.21 7.43
N ASN B 109 -43.20 -18.64 8.62
CA ASN B 109 -44.05 -18.94 9.75
C ASN B 109 -44.03 -17.80 10.77
N ALA B 110 -45.16 -17.10 10.89
CA ALA B 110 -45.28 -15.98 11.82
C ALA B 110 -45.06 -16.42 13.26
N LYS B 111 -45.47 -17.66 13.57
CA LYS B 111 -45.33 -18.21 14.91
C LYS B 111 -43.86 -18.41 15.28
N GLU B 112 -42.98 -18.76 14.33
CA GLU B 112 -41.56 -18.82 14.68
C GLU B 112 -41.09 -17.46 15.19
N LEU B 113 -41.64 -16.37 14.64
CA LEU B 113 -41.22 -15.04 15.05
C LEU B 113 -41.93 -14.62 16.36
N SER B 114 -43.24 -14.89 16.42
CA SER B 114 -44.01 -14.50 17.58
C SER B 114 -43.40 -15.09 18.84
N SER B 115 -42.79 -16.29 18.70
CA SER B 115 -42.33 -17.03 19.86
C SER B 115 -41.01 -16.44 20.37
N LYS B 116 -40.44 -15.49 19.61
CA LYS B 116 -39.25 -14.76 20.06
C LYS B 116 -39.70 -13.44 20.67
N GLY B 117 -41.02 -13.30 20.81
CA GLY B 117 -41.64 -12.15 21.44
C GLY B 117 -41.86 -11.00 20.47
N VAL B 118 -41.83 -11.30 19.15
CA VAL B 118 -42.05 -10.25 18.18
C VAL B 118 -43.37 -10.54 17.44
N LYS B 119 -44.35 -9.64 17.62
CA LYS B 119 -45.72 -9.94 17.26
C LYS B 119 -46.05 -9.42 15.87
N ILE B 120 -45.10 -8.73 15.22
CA ILE B 120 -45.41 -7.79 14.15
C ILE B 120 -46.11 -8.44 12.95
N TRP B 121 -46.07 -9.77 12.82
CA TRP B 121 -46.73 -10.45 11.70
C TRP B 121 -47.90 -11.34 12.12
N ASP B 122 -48.22 -11.36 13.42
CA ASP B 122 -49.24 -12.25 13.92
C ASP B 122 -50.59 -11.99 13.22
N ALA B 123 -50.96 -10.71 13.06
CA ALA B 123 -52.23 -10.31 12.45
C ALA B 123 -52.30 -10.73 10.97
N ASN B 124 -51.15 -10.71 10.28
CA ASN B 124 -51.15 -11.13 8.90
C ASN B 124 -51.28 -12.66 8.79
N GLY B 125 -50.99 -13.36 9.88
CA GLY B 125 -51.11 -14.81 9.88
C GLY B 125 -52.35 -15.37 10.58
N SER B 126 -53.18 -14.50 11.16
CA SER B 126 -54.35 -14.93 11.92
C SER B 126 -55.36 -15.62 11.00
N ARG B 127 -56.19 -16.46 11.59
CA ARG B 127 -57.20 -17.23 10.87
C ARG B 127 -58.12 -16.29 10.08
N ASP B 128 -58.59 -15.23 10.75
CA ASP B 128 -59.49 -14.26 10.15
C ASP B 128 -58.84 -13.57 8.95
N PHE B 129 -57.63 -13.02 9.18
CA PHE B 129 -57.00 -12.32 8.08
C PHE B 129 -56.87 -13.30 6.91
N LEU B 130 -56.48 -14.54 7.21
CA LEU B 130 -56.28 -15.50 6.13
C LEU B 130 -57.60 -15.79 5.41
N ASP B 131 -58.70 -15.92 6.17
CA ASP B 131 -60.00 -16.19 5.56
C ASP B 131 -60.37 -15.06 4.61
N SER B 132 -60.10 -13.82 5.04
CA SER B 132 -60.48 -12.64 4.28
C SER B 132 -59.92 -12.63 2.86
N LEU B 133 -58.73 -13.25 2.65
CA LEU B 133 -58.08 -13.30 1.35
C LEU B 133 -58.43 -14.59 0.61
N GLY B 134 -59.34 -15.40 1.18
CA GLY B 134 -59.79 -16.64 0.56
C GLY B 134 -58.72 -17.74 0.63
N PHE B 135 -58.10 -17.86 1.81
CA PHE B 135 -57.19 -18.93 2.14
C PHE B 135 -57.74 -19.68 3.34
N SER B 136 -58.99 -20.17 3.23
CA SER B 136 -59.62 -20.84 4.37
C SER B 136 -58.86 -22.12 4.74
N THR B 137 -58.25 -22.76 3.75
CA THR B 137 -57.54 -24.03 3.91
C THR B 137 -56.15 -23.87 4.54
N ARG B 138 -55.72 -22.65 4.85
CA ARG B 138 -54.32 -22.47 5.23
C ARG B 138 -54.13 -22.49 6.76
N GLU B 139 -53.08 -23.17 7.22
CA GLU B 139 -52.76 -23.19 8.63
C GLU B 139 -52.38 -21.78 9.07
N GLU B 140 -52.81 -21.39 10.26
CA GLU B 140 -52.51 -20.05 10.72
C GLU B 140 -51.03 -19.90 11.11
N GLY B 141 -50.51 -18.66 10.92
CA GLY B 141 -49.09 -18.33 10.99
C GLY B 141 -48.45 -18.38 9.59
N ASP B 142 -49.03 -19.19 8.69
CA ASP B 142 -48.51 -19.40 7.36
C ASP B 142 -48.81 -18.17 6.51
N LEU B 143 -47.75 -17.38 6.25
CA LEU B 143 -47.80 -16.12 5.51
C LEU B 143 -47.78 -16.33 4.00
N GLY B 144 -47.52 -17.55 3.54
CA GLY B 144 -47.29 -17.72 2.11
C GLY B 144 -45.82 -17.53 1.72
N PRO B 145 -45.52 -17.52 0.40
CA PRO B 145 -44.14 -17.42 -0.08
C PRO B 145 -43.56 -15.99 -0.01
N VAL B 146 -43.37 -15.49 1.21
CA VAL B 146 -42.89 -14.13 1.46
C VAL B 146 -41.38 -14.11 1.72
N TYR B 147 -40.87 -12.96 2.18
CA TYR B 147 -39.46 -12.53 2.18
C TYR B 147 -38.45 -13.67 2.34
N GLY B 148 -38.44 -14.34 3.50
CA GLY B 148 -37.45 -15.37 3.75
C GLY B 148 -37.43 -16.42 2.65
N PHE B 149 -38.62 -16.77 2.13
CA PHE B 149 -38.72 -17.77 1.10
C PHE B 149 -38.08 -17.26 -0.20
N GLN B 150 -38.38 -16.02 -0.59
CA GLN B 150 -37.91 -15.48 -1.86
C GLN B 150 -36.40 -15.26 -1.76
N TRP B 151 -35.91 -14.95 -0.55
CA TRP B 151 -34.49 -14.65 -0.33
C TRP B 151 -33.65 -15.91 -0.47
N ARG B 152 -34.17 -17.06 0.00
CA ARG B 152 -33.35 -18.25 0.11
C ARG B 152 -33.75 -19.32 -0.90
N HIS B 153 -34.94 -19.17 -1.54
CA HIS B 153 -35.49 -20.19 -2.43
C HIS B 153 -36.31 -19.59 -3.58
N PHE B 154 -35.94 -18.41 -4.11
CA PHE B 154 -36.66 -17.84 -5.24
C PHE B 154 -36.81 -18.92 -6.31
N GLY B 155 -38.04 -19.10 -6.80
CA GLY B 155 -38.32 -20.04 -7.89
C GLY B 155 -38.90 -21.38 -7.43
N ALA B 156 -38.57 -21.85 -6.20
CA ALA B 156 -39.16 -23.07 -5.63
C ALA B 156 -40.69 -22.98 -5.65
N GLU B 157 -41.34 -24.14 -5.71
CA GLU B 157 -42.79 -24.22 -5.65
C GLU B 157 -43.20 -24.28 -4.19
N TYR B 158 -43.90 -23.23 -3.69
CA TYR B 158 -44.22 -23.16 -2.27
C TYR B 158 -45.33 -24.14 -1.94
N ARG B 159 -45.17 -24.86 -0.82
CA ARG B 159 -46.25 -25.77 -0.43
C ARG B 159 -46.97 -25.22 0.82
N ASP B 160 -46.27 -25.23 1.95
CA ASP B 160 -46.76 -24.65 3.19
C ASP B 160 -45.53 -24.23 3.99
N MET B 161 -45.78 -23.60 5.15
CA MET B 161 -44.73 -22.97 5.94
C MET B 161 -43.78 -23.98 6.59
N GLU B 162 -44.12 -25.28 6.56
CA GLU B 162 -43.38 -26.27 7.34
C GLU B 162 -42.55 -27.15 6.42
N SER B 163 -42.78 -27.07 5.11
CA SER B 163 -42.08 -27.94 4.17
C SER B 163 -40.59 -27.59 4.13
N ASP B 164 -39.78 -28.56 3.66
CA ASP B 164 -38.35 -28.40 3.51
C ASP B 164 -38.02 -28.05 2.05
N TYR B 165 -37.23 -26.99 1.86
CA TYR B 165 -37.01 -26.49 0.51
C TYR B 165 -35.53 -26.55 0.14
N SER B 166 -34.69 -27.14 1.02
CA SER B 166 -33.26 -27.30 0.78
C SER B 166 -32.99 -27.67 -0.68
N GLY B 167 -32.02 -26.96 -1.28
CA GLY B 167 -31.63 -27.15 -2.67
C GLY B 167 -32.66 -26.66 -3.69
N GLN B 168 -33.85 -26.25 -3.25
CA GLN B 168 -34.86 -25.80 -4.21
C GLN B 168 -34.72 -24.30 -4.41
N GLY B 169 -34.76 -23.88 -5.69
CA GLY B 169 -34.73 -22.47 -6.08
C GLY B 169 -33.39 -21.78 -5.78
N VAL B 170 -33.35 -20.47 -6.03
CA VAL B 170 -32.13 -19.70 -5.93
C VAL B 170 -31.96 -19.15 -4.52
N ASP B 171 -30.80 -19.45 -3.92
CA ASP B 171 -30.41 -18.81 -2.68
C ASP B 171 -29.77 -17.44 -2.96
N GLN B 172 -30.64 -16.45 -3.19
CA GLN B 172 -30.25 -15.11 -3.58
C GLN B 172 -29.35 -14.47 -2.52
N LEU B 173 -29.57 -14.83 -1.25
CA LEU B 173 -28.84 -14.11 -0.22
C LEU B 173 -27.40 -14.58 -0.29
N GLN B 174 -27.24 -15.89 -0.49
CA GLN B 174 -25.93 -16.50 -0.57
C GLN B 174 -25.21 -16.05 -1.85
N ARG B 175 -25.94 -15.93 -2.96
CA ARG B 175 -25.33 -15.50 -4.21
C ARG B 175 -24.81 -14.06 -4.10
N VAL B 176 -25.42 -13.27 -3.21
CA VAL B 176 -25.01 -11.90 -2.99
C VAL B 176 -23.71 -11.88 -2.20
N ILE B 177 -23.61 -12.69 -1.15
CA ILE B 177 -22.41 -12.75 -0.32
C ILE B 177 -21.22 -13.28 -1.15
N ASP B 178 -21.47 -14.24 -2.05
CA ASP B 178 -20.43 -14.85 -2.89
C ASP B 178 -19.90 -13.83 -3.88
N THR B 179 -20.80 -13.06 -4.50
CA THR B 179 -20.36 -12.09 -5.48
C THR B 179 -19.51 -11.04 -4.78
N ILE B 180 -19.87 -10.73 -3.53
CA ILE B 180 -19.28 -9.56 -2.87
C ILE B 180 -17.85 -9.88 -2.45
N LYS B 181 -17.65 -11.06 -1.85
CA LYS B 181 -16.34 -11.60 -1.51
C LYS B 181 -15.40 -11.56 -2.71
N THR B 182 -15.87 -12.00 -3.89
CA THR B 182 -15.04 -12.38 -5.02
C THR B 182 -15.05 -11.38 -6.20
N ASN B 183 -16.23 -10.88 -6.59
CA ASN B 183 -16.30 -9.99 -7.73
C ASN B 183 -16.98 -8.71 -7.28
N PRO B 184 -16.35 -7.91 -6.38
CA PRO B 184 -17.06 -6.80 -5.73
C PRO B 184 -17.53 -5.66 -6.62
N ASP B 185 -16.99 -5.58 -7.86
CA ASP B 185 -17.32 -4.49 -8.78
C ASP B 185 -18.61 -4.80 -9.54
N ASP B 186 -19.11 -6.02 -9.38
CA ASP B 186 -20.28 -6.46 -10.10
C ASP B 186 -21.46 -5.50 -9.88
N ARG B 187 -22.14 -5.15 -10.98
CA ARG B 187 -23.30 -4.28 -10.94
C ARG B 187 -24.61 -5.07 -10.94
N ARG B 188 -24.56 -6.38 -10.66
CA ARG B 188 -25.78 -7.16 -10.60
C ARG B 188 -26.03 -7.76 -9.21
N ILE B 189 -25.53 -7.14 -8.13
CA ILE B 189 -25.64 -7.78 -6.83
C ILE B 189 -27.00 -7.42 -6.25
N ILE B 190 -28.02 -8.15 -6.72
CA ILE B 190 -29.40 -7.83 -6.43
C ILE B 190 -30.06 -9.04 -5.78
N MET B 191 -30.98 -8.74 -4.86
CA MET B 191 -31.85 -9.72 -4.25
C MET B 191 -33.28 -9.18 -4.39
N CYS B 192 -34.14 -9.95 -5.07
CA CYS B 192 -35.49 -9.54 -5.42
C CYS B 192 -36.51 -10.44 -4.71
N ALA B 193 -37.54 -9.84 -4.10
CA ALA B 193 -38.62 -10.59 -3.47
C ALA B 193 -39.93 -10.44 -4.24
N TRP B 194 -39.90 -9.70 -5.35
CA TRP B 194 -41.09 -9.60 -6.18
C TRP B 194 -41.14 -10.78 -7.13
N ASN B 195 -41.94 -11.77 -6.73
CA ASN B 195 -42.16 -12.95 -7.55
C ASN B 195 -43.61 -12.95 -8.02
N PRO B 196 -43.92 -12.47 -9.26
CA PRO B 196 -45.28 -12.45 -9.80
C PRO B 196 -46.03 -13.78 -9.88
N ARG B 197 -45.27 -14.89 -9.91
CA ARG B 197 -45.81 -16.24 -9.95
C ARG B 197 -46.36 -16.58 -8.57
N ASP B 198 -45.80 -15.94 -7.53
CA ASP B 198 -46.07 -16.28 -6.13
C ASP B 198 -46.96 -15.24 -5.45
N LEU B 199 -47.33 -14.16 -6.14
CA LEU B 199 -48.05 -13.08 -5.49
C LEU B 199 -49.38 -13.59 -4.96
N PRO B 200 -50.17 -14.35 -5.74
CA PRO B 200 -51.52 -14.72 -5.34
C PRO B 200 -51.54 -15.61 -4.08
N LEU B 201 -50.39 -16.16 -3.70
CA LEU B 201 -50.31 -17.02 -2.54
C LEU B 201 -49.90 -16.26 -1.26
N MET B 202 -49.45 -15.00 -1.38
CA MET B 202 -48.86 -14.35 -0.22
C MET B 202 -49.92 -13.59 0.58
N ALA B 203 -49.68 -13.47 1.89
CA ALA B 203 -50.61 -12.81 2.80
C ALA B 203 -50.49 -11.31 2.60
N LEU B 204 -49.31 -10.87 2.16
CA LEU B 204 -49.04 -9.49 1.82
C LEU B 204 -47.93 -9.43 0.78
N PRO B 205 -48.16 -8.81 -0.41
CA PRO B 205 -47.13 -8.72 -1.46
C PRO B 205 -46.00 -7.88 -0.86
N PRO B 206 -44.72 -8.21 -1.10
CA PRO B 206 -43.64 -7.63 -0.33
C PRO B 206 -43.60 -6.15 -0.69
N CYS B 207 -43.25 -5.33 0.30
CA CYS B 207 -43.19 -3.91 0.00
C CYS B 207 -41.74 -3.51 -0.23
N HIS B 208 -40.80 -4.16 0.48
CA HIS B 208 -39.40 -4.03 0.11
C HIS B 208 -39.05 -5.05 -0.98
N ALA B 209 -39.23 -4.62 -2.23
CA ALA B 209 -39.32 -5.50 -3.40
C ALA B 209 -37.95 -5.98 -3.87
N LEU B 210 -36.99 -5.06 -4.08
CA LEU B 210 -35.61 -5.45 -4.38
C LEU B 210 -34.60 -4.51 -3.73
N CYS B 211 -33.36 -5.01 -3.68
CA CYS B 211 -32.27 -4.27 -3.09
C CYS B 211 -30.99 -4.65 -3.83
N GLN B 212 -30.04 -3.72 -3.84
CA GLN B 212 -28.78 -3.89 -4.55
C GLN B 212 -27.64 -3.45 -3.64
N PHE B 213 -26.57 -4.26 -3.67
CA PHE B 213 -25.37 -3.96 -2.91
C PHE B 213 -24.32 -3.41 -3.88
N TYR B 214 -23.39 -2.64 -3.36
CA TYR B 214 -22.41 -1.97 -4.20
C TYR B 214 -21.11 -1.86 -3.42
N VAL B 215 -19.96 -2.07 -4.09
CA VAL B 215 -18.68 -1.97 -3.42
C VAL B 215 -17.74 -1.03 -4.15
N VAL B 216 -17.24 -0.02 -3.43
CA VAL B 216 -16.08 0.74 -3.83
C VAL B 216 -15.29 1.19 -2.60
N ASN B 217 -13.95 1.18 -2.74
CA ASN B 217 -13.04 1.69 -1.73
C ASN B 217 -13.22 0.91 -0.43
N SER B 218 -13.51 -0.39 -0.58
CA SER B 218 -13.71 -1.30 0.53
C SER B 218 -14.95 -0.97 1.35
N GLU B 219 -15.92 -0.23 0.76
CA GLU B 219 -17.17 0.07 1.43
C GLU B 219 -18.35 -0.68 0.81
N LEU B 220 -19.22 -1.21 1.68
CA LEU B 220 -20.41 -1.93 1.27
C LEU B 220 -21.64 -1.04 1.49
N SER B 221 -22.32 -0.67 0.41
CA SER B 221 -23.50 0.19 0.43
C SER B 221 -24.69 -0.63 -0.05
N CYS B 222 -25.88 -0.30 0.44
CA CYS B 222 -27.07 -1.04 0.07
C CYS B 222 -28.10 -0.03 -0.42
N GLN B 223 -28.82 -0.36 -1.50
CA GLN B 223 -29.97 0.47 -1.84
C GLN B 223 -31.19 -0.42 -1.85
N LEU B 224 -32.31 0.10 -1.32
CA LEU B 224 -33.57 -0.62 -1.14
C LEU B 224 -34.67 0.06 -1.95
N TYR B 225 -35.34 -0.69 -2.81
CA TYR B 225 -36.52 -0.16 -3.47
C TYR B 225 -37.77 -0.55 -2.67
N GLN B 226 -38.32 0.39 -1.88
CA GLN B 226 -39.53 0.11 -1.10
C GLN B 226 -40.73 0.64 -1.87
N ARG B 227 -41.48 -0.26 -2.51
CA ARG B 227 -42.60 0.11 -3.38
C ARG B 227 -43.64 0.93 -2.63
N SER B 228 -43.77 0.69 -1.32
CA SER B 228 -44.89 1.22 -0.59
C SER B 228 -44.47 1.46 0.86
N GLY B 229 -44.60 2.69 1.36
CA GLY B 229 -43.94 2.95 2.62
C GLY B 229 -44.81 3.73 3.60
N ASP B 230 -45.17 3.05 4.69
CA ASP B 230 -45.92 3.60 5.78
C ASP B 230 -44.95 4.44 6.61
N MET B 231 -44.94 5.75 6.35
CA MET B 231 -43.90 6.63 6.88
C MET B 231 -43.87 6.61 8.40
N GLY B 232 -45.04 6.48 9.05
CA GLY B 232 -45.07 6.59 10.49
C GLY B 232 -44.64 5.31 11.18
N LEU B 233 -45.01 4.17 10.60
CA LEU B 233 -44.89 2.91 11.29
C LEU B 233 -43.77 2.03 10.69
N GLY B 234 -43.94 1.63 9.43
CA GLY B 234 -43.06 0.65 8.81
C GLY B 234 -41.67 1.22 8.53
N VAL B 235 -41.62 2.45 8.01
CA VAL B 235 -40.43 3.01 7.40
C VAL B 235 -39.25 3.00 8.38
N PRO B 236 -39.32 3.65 9.58
CA PRO B 236 -38.17 3.71 10.49
C PRO B 236 -37.57 2.34 10.84
N PHE B 237 -38.47 1.35 11.01
CA PHE B 237 -38.15 -0.05 11.17
C PHE B 237 -37.37 -0.57 9.95
N ASN B 238 -37.95 -0.43 8.76
CA ASN B 238 -37.33 -0.78 7.49
C ASN B 238 -35.91 -0.20 7.33
N ILE B 239 -35.68 1.05 7.77
CA ILE B 239 -34.35 1.61 7.66
C ILE B 239 -33.39 0.85 8.56
N ALA B 240 -33.83 0.48 9.77
CA ALA B 240 -33.00 -0.26 10.71
C ALA B 240 -32.73 -1.65 10.15
N SER B 241 -33.73 -2.17 9.42
CA SER B 241 -33.65 -3.53 8.95
C SER B 241 -32.50 -3.66 7.96
N TYR B 242 -32.53 -2.84 6.90
CA TYR B 242 -31.57 -2.94 5.81
C TYR B 242 -30.23 -2.34 6.22
N ALA B 243 -30.24 -1.35 7.11
CA ALA B 243 -28.99 -0.91 7.72
C ALA B 243 -28.25 -2.09 8.33
N LEU B 244 -28.99 -2.93 9.08
CA LEU B 244 -28.42 -4.03 9.85
C LEU B 244 -27.92 -5.10 8.88
N LEU B 245 -28.77 -5.44 7.91
CA LEU B 245 -28.42 -6.45 6.93
C LEU B 245 -27.07 -6.09 6.33
N THR B 246 -26.87 -4.79 6.03
CA THR B 246 -25.63 -4.28 5.49
C THR B 246 -24.45 -4.47 6.44
N TYR B 247 -24.66 -4.31 7.75
CA TYR B 247 -23.63 -4.55 8.77
C TYR B 247 -23.23 -6.03 8.79
N MET B 248 -24.25 -6.89 8.83
CA MET B 248 -24.02 -8.31 8.86
C MET B 248 -23.15 -8.70 7.65
N ILE B 249 -23.56 -8.28 6.44
CA ILE B 249 -22.91 -8.69 5.21
C ILE B 249 -21.51 -8.09 5.12
N ALA B 250 -21.38 -6.82 5.51
CA ALA B 250 -20.07 -6.20 5.64
C ALA B 250 -19.15 -7.06 6.52
N HIS B 251 -19.69 -7.50 7.65
CA HIS B 251 -18.94 -8.28 8.62
C HIS B 251 -18.39 -9.57 8.01
N ILE B 252 -19.24 -10.38 7.36
CA ILE B 252 -18.79 -11.71 6.96
C ILE B 252 -17.91 -11.62 5.72
N THR B 253 -17.82 -10.44 5.09
CA THR B 253 -17.08 -10.31 3.85
C THR B 253 -15.87 -9.40 4.04
N GLY B 254 -15.63 -8.94 5.28
CA GLY B 254 -14.46 -8.14 5.57
C GLY B 254 -14.49 -6.76 4.93
N LEU B 255 -15.68 -6.15 4.88
CA LEU B 255 -15.86 -4.81 4.34
C LEU B 255 -16.31 -3.89 5.45
N LYS B 256 -16.11 -2.58 5.27
CA LYS B 256 -16.67 -1.61 6.20
C LYS B 256 -18.00 -1.13 5.64
N PRO B 257 -19.07 -1.02 6.47
CA PRO B 257 -20.34 -0.41 6.04
C PRO B 257 -20.20 1.00 5.49
N GLY B 258 -20.93 1.29 4.40
CA GLY B 258 -20.93 2.59 3.74
C GLY B 258 -22.24 3.36 3.90
N ASP B 259 -23.07 3.34 2.85
CA ASP B 259 -24.31 4.10 2.78
C ASP B 259 -25.51 3.17 2.74
N PHE B 260 -26.60 3.55 3.42
CA PHE B 260 -27.87 2.95 3.10
C PHE B 260 -28.68 3.96 2.27
N ILE B 261 -29.09 3.57 1.05
CA ILE B 261 -29.90 4.45 0.24
C ILE B 261 -31.32 3.88 0.18
N HIS B 262 -32.28 4.65 0.67
CA HIS B 262 -33.67 4.26 0.73
C HIS B 262 -34.46 4.95 -0.37
N THR B 263 -34.99 4.16 -1.30
CA THR B 263 -35.88 4.69 -2.32
C THR B 263 -37.29 4.17 -2.07
N LEU B 264 -38.28 5.08 -2.13
CA LEU B 264 -39.70 4.80 -2.00
C LEU B 264 -40.44 5.04 -3.31
N GLY B 265 -41.39 4.13 -3.58
CA GLY B 265 -42.52 4.37 -4.47
C GLY B 265 -43.59 5.24 -3.79
N ASP B 266 -44.69 4.59 -3.37
CA ASP B 266 -45.75 5.33 -2.69
C ASP B 266 -45.33 5.68 -1.25
N ALA B 267 -44.76 6.86 -1.02
CA ALA B 267 -44.50 7.29 0.35
C ALA B 267 -45.75 7.98 0.90
N HIS B 268 -46.40 7.33 1.88
CA HIS B 268 -47.65 7.84 2.42
C HIS B 268 -47.58 8.01 3.93
N ILE B 269 -48.25 9.05 4.43
CA ILE B 269 -48.64 9.21 5.83
C ILE B 269 -50.14 8.98 5.93
N TYR B 270 -50.51 7.87 6.61
CA TYR B 270 -51.88 7.60 7.03
C TYR B 270 -52.45 8.79 7.81
N LEU B 271 -53.72 9.13 7.56
CA LEU B 271 -54.36 10.31 8.14
C LEU B 271 -54.25 10.30 9.65
N ASN B 272 -54.45 9.12 10.26
CA ASN B 272 -54.39 9.00 11.71
C ASN B 272 -52.96 9.07 12.24
N HIS B 273 -51.97 9.26 11.37
CA HIS B 273 -50.62 9.36 11.88
C HIS B 273 -50.20 10.82 12.03
N ILE B 274 -51.01 11.75 11.48
CA ILE B 274 -50.52 13.12 11.31
C ILE B 274 -50.22 13.76 12.66
N GLU B 275 -51.10 13.60 13.65
CA GLU B 275 -50.91 14.30 14.91
C GLU B 275 -49.65 13.74 15.56
N PRO B 276 -49.58 12.40 15.77
CA PRO B 276 -48.40 11.79 16.38
C PRO B 276 -47.10 12.23 15.70
N LEU B 277 -47.10 12.29 14.35
CA LEU B 277 -45.93 12.68 13.57
C LEU B 277 -45.61 14.16 13.77
N LYS B 278 -46.64 15.01 13.81
CA LYS B 278 -46.44 16.41 14.13
C LYS B 278 -45.72 16.51 15.49
N ILE B 279 -46.11 15.65 16.45
CA ILE B 279 -45.49 15.65 17.77
C ILE B 279 -44.03 15.29 17.56
N GLN B 280 -43.80 14.20 16.80
CA GLN B 280 -42.46 13.69 16.59
C GLN B 280 -41.52 14.79 16.08
N LEU B 281 -42.01 15.64 15.16
CA LEU B 281 -41.13 16.56 14.46
C LEU B 281 -40.42 17.50 15.44
N GLN B 282 -41.12 17.84 16.53
CA GLN B 282 -40.68 18.86 17.47
C GLN B 282 -39.48 18.40 18.28
N ARG B 283 -39.08 17.13 18.17
CA ARG B 283 -37.99 16.66 19.01
C ARG B 283 -36.66 16.88 18.31
N GLU B 284 -35.66 17.38 19.06
CA GLU B 284 -34.29 17.50 18.58
C GLU B 284 -33.69 16.11 18.52
N PRO B 285 -33.20 15.66 17.34
CA PRO B 285 -32.52 14.36 17.22
C PRO B 285 -31.28 14.23 18.10
N ARG B 286 -31.01 13.01 18.57
CA ARG B 286 -29.86 12.69 19.41
C ARG B 286 -28.83 11.85 18.64
N PRO B 287 -27.54 11.75 19.08
CA PRO B 287 -26.57 10.95 18.33
C PRO B 287 -27.16 9.58 18.01
N PHE B 288 -27.09 9.18 16.72
CA PHE B 288 -27.37 7.82 16.34
C PHE B 288 -26.53 6.87 17.18
N PRO B 289 -27.04 5.68 17.56
CA PRO B 289 -26.24 4.73 18.35
C PRO B 289 -25.13 4.15 17.47
N LYS B 290 -24.28 3.30 18.05
CA LYS B 290 -23.33 2.53 17.29
C LYS B 290 -23.72 1.05 17.33
N LEU B 291 -23.20 0.25 16.40
CA LEU B 291 -23.51 -1.16 16.44
C LEU B 291 -22.20 -1.96 16.57
N ARG B 292 -22.15 -2.81 17.61
CA ARG B 292 -21.03 -3.69 17.90
C ARG B 292 -21.41 -5.14 17.59
N ILE B 293 -20.62 -5.78 16.73
CA ILE B 293 -20.82 -7.19 16.46
C ILE B 293 -19.80 -7.91 17.34
N LEU B 294 -20.27 -8.87 18.14
CA LEU B 294 -19.53 -9.17 19.37
C LEU B 294 -18.52 -10.30 19.19
N ARG B 295 -18.48 -10.88 18.00
CA ARG B 295 -17.56 -11.96 17.75
C ARG B 295 -17.44 -12.17 16.24
N LYS B 296 -16.44 -12.92 15.83
CA LYS B 296 -16.20 -13.14 14.42
C LYS B 296 -17.21 -14.20 13.94
N VAL B 297 -18.02 -13.84 12.94
CA VAL B 297 -18.96 -14.80 12.37
C VAL B 297 -18.61 -15.03 10.91
N GLU B 298 -18.68 -16.29 10.47
CA GLU B 298 -18.09 -16.66 9.18
C GLU B 298 -19.16 -16.94 8.12
N LYS B 299 -20.35 -17.38 8.53
CA LYS B 299 -21.49 -17.53 7.62
C LYS B 299 -22.64 -16.66 8.13
N ILE B 300 -23.45 -16.13 7.21
CA ILE B 300 -24.64 -15.34 7.56
C ILE B 300 -25.58 -16.09 8.51
N ASP B 301 -25.74 -17.41 8.37
CA ASP B 301 -26.75 -18.13 9.16
C ASP B 301 -26.28 -18.42 10.59
N ASP B 302 -25.00 -18.15 10.89
CA ASP B 302 -24.43 -18.40 12.20
C ASP B 302 -24.68 -17.22 13.12
N PHE B 303 -25.33 -16.18 12.61
CA PHE B 303 -25.55 -15.00 13.42
C PHE B 303 -26.66 -15.32 14.41
N LYS B 304 -26.48 -14.88 15.64
CA LYS B 304 -27.54 -15.03 16.62
C LYS B 304 -27.71 -13.69 17.32
N ALA B 305 -28.91 -13.46 17.88
CA ALA B 305 -29.29 -12.20 18.52
C ALA B 305 -28.23 -11.69 19.50
N GLU B 306 -27.54 -12.60 20.18
CA GLU B 306 -26.57 -12.30 21.23
C GLU B 306 -25.28 -11.70 20.65
N ASP B 307 -25.12 -11.77 19.31
CA ASP B 307 -23.90 -11.32 18.65
C ASP B 307 -23.93 -9.81 18.41
N PHE B 308 -25.11 -9.21 18.66
CA PHE B 308 -25.31 -7.80 18.36
C PHE B 308 -25.61 -7.02 19.63
N GLN B 309 -24.90 -5.89 19.77
CA GLN B 309 -25.11 -4.98 20.87
C GLN B 309 -25.16 -3.56 20.32
N ILE B 310 -26.33 -2.91 20.45
CA ILE B 310 -26.51 -1.49 20.18
C ILE B 310 -26.04 -0.68 21.38
N GLU B 311 -25.00 0.13 21.19
CA GLU B 311 -24.55 0.96 22.29
C GLU B 311 -24.90 2.42 22.02
N GLY B 312 -25.34 3.11 23.08
CA GLY B 312 -25.50 4.55 23.10
C GLY B 312 -26.86 4.99 22.57
N TYR B 313 -27.87 4.11 22.70
CA TYR B 313 -29.19 4.42 22.17
C TYR B 313 -30.09 4.94 23.30
N ASN B 314 -30.45 6.24 23.25
CA ASN B 314 -31.27 6.92 24.24
C ASN B 314 -32.30 7.75 23.51
N PRO B 315 -33.28 7.11 22.84
CA PRO B 315 -34.24 7.82 21.99
C PRO B 315 -35.17 8.61 22.87
N HIS B 316 -35.86 9.61 22.27
CA HIS B 316 -37.02 10.20 22.91
C HIS B 316 -38.04 9.10 23.13
N PRO B 317 -39.13 9.35 23.89
CA PRO B 317 -40.06 8.27 24.24
C PRO B 317 -40.81 7.74 23.02
N THR B 318 -41.25 6.48 23.13
CA THR B 318 -42.01 5.78 22.10
C THR B 318 -43.20 6.60 21.64
N ILE B 319 -43.63 6.42 20.37
CA ILE B 319 -44.84 7.07 19.90
C ILE B 319 -45.70 6.01 19.22
N LYS B 320 -46.86 5.72 19.80
CA LYS B 320 -47.76 4.74 19.23
C LYS B 320 -48.42 5.34 18.00
N MET B 321 -48.37 4.59 16.90
CA MET B 321 -49.16 4.84 15.72
C MET B 321 -50.03 3.60 15.49
N GLU B 322 -51.36 3.79 15.38
CA GLU B 322 -52.31 2.73 15.10
C GLU B 322 -52.06 2.17 13.69
N MET B 323 -51.84 0.85 13.59
CA MET B 323 -51.61 0.22 12.29
C MET B 323 -52.96 -0.03 11.61
N ALA B 324 -53.04 0.37 10.32
CA ALA B 324 -54.23 0.24 9.49
C ALA B 324 -54.40 -1.21 9.04
N VAL B 325 -55.63 -1.72 9.16
CA VAL B 325 -55.94 -3.11 8.83
C VAL B 325 -57.20 -3.15 7.95
N PRO C 38 -6.19 -37.96 -18.50
CA PRO C 38 -4.97 -37.15 -18.42
C PRO C 38 -5.16 -35.83 -17.65
N PRO C 39 -4.71 -35.72 -16.37
CA PRO C 39 -4.94 -34.54 -15.52
C PRO C 39 -4.89 -33.17 -16.18
N HIS C 40 -5.82 -32.29 -15.75
CA HIS C 40 -6.04 -30.95 -16.28
C HIS C 40 -4.81 -30.07 -16.04
N GLY C 41 -4.40 -29.35 -17.10
CA GLY C 41 -3.23 -28.47 -17.08
C GLY C 41 -3.33 -27.40 -15.99
N GLU C 42 -4.55 -26.92 -15.77
CA GLU C 42 -4.84 -25.91 -14.75
C GLU C 42 -4.44 -26.42 -13.36
N LEU C 43 -4.46 -27.74 -13.15
CA LEU C 43 -4.07 -28.32 -11.87
C LEU C 43 -2.66 -27.91 -11.46
N GLN C 44 -1.84 -27.49 -12.42
CA GLN C 44 -0.45 -27.22 -12.11
C GLN C 44 -0.26 -25.84 -11.49
N TYR C 45 -1.02 -24.88 -12.00
CA TYR C 45 -1.13 -23.54 -11.41
C TYR C 45 -1.66 -23.65 -9.97
N LEU C 46 -2.78 -24.36 -9.81
CA LEU C 46 -3.45 -24.58 -8.54
C LEU C 46 -2.54 -25.31 -7.55
N GLY C 47 -1.78 -26.29 -8.05
CA GLY C 47 -0.75 -26.97 -7.28
C GLY C 47 0.28 -25.97 -6.75
N GLN C 48 0.70 -25.06 -7.64
CA GLN C 48 1.64 -24.01 -7.28
C GLN C 48 1.07 -23.09 -6.19
N ILE C 49 -0.18 -22.66 -6.40
CA ILE C 49 -0.86 -21.80 -5.44
C ILE C 49 -0.95 -22.51 -4.11
N GLN C 50 -1.41 -23.78 -4.12
CA GLN C 50 -1.49 -24.54 -2.88
C GLN C 50 -0.11 -24.58 -2.20
N HIS C 51 0.90 -24.97 -2.97
CA HIS C 51 2.25 -25.10 -2.41
C HIS C 51 2.76 -23.78 -1.85
N ILE C 52 2.44 -22.63 -2.47
CA ILE C 52 2.93 -21.39 -1.88
C ILE C 52 2.19 -21.14 -0.56
N LEU C 53 0.87 -21.38 -0.55
CA LEU C 53 0.07 -21.25 0.66
C LEU C 53 0.59 -22.16 1.77
N ARG C 54 0.82 -23.45 1.49
CA ARG C 54 1.32 -24.37 2.50
C ARG C 54 2.72 -23.96 2.95
N CYS C 55 3.68 -23.91 2.01
CA CYS C 55 5.10 -23.91 2.35
C CYS C 55 5.82 -22.56 2.14
N GLY C 56 5.15 -21.53 1.59
CA GLY C 56 5.86 -20.31 1.22
C GLY C 56 6.33 -19.57 2.45
N VAL C 57 7.41 -18.77 2.33
CA VAL C 57 7.83 -18.06 3.53
C VAL C 57 7.47 -16.58 3.39
N ARG C 58 7.10 -15.95 4.51
CA ARG C 58 6.76 -14.55 4.50
C ARG C 58 8.03 -13.78 4.18
N LYS C 59 7.89 -12.73 3.37
CA LYS C 59 9.01 -11.98 2.79
C LYS C 59 8.48 -10.61 2.43
N ASP C 60 9.19 -9.57 2.83
CA ASP C 60 8.73 -8.21 2.56
C ASP C 60 9.06 -7.88 1.12
N ASP C 61 8.48 -6.80 0.61
CA ASP C 61 8.53 -6.53 -0.81
C ASP C 61 8.50 -5.03 -1.09
N ARG C 62 9.13 -4.68 -2.22
CA ARG C 62 9.25 -3.34 -2.76
C ARG C 62 7.98 -2.52 -2.54
N THR C 63 6.79 -3.12 -2.70
CA THR C 63 5.54 -2.38 -2.68
C THR C 63 4.99 -2.20 -1.27
N GLY C 64 5.64 -2.80 -0.26
CA GLY C 64 5.19 -2.68 1.12
C GLY C 64 4.04 -3.61 1.49
N THR C 65 3.42 -4.27 0.50
CA THR C 65 2.27 -5.12 0.73
C THR C 65 2.60 -6.36 1.59
N GLY C 66 3.73 -7.04 1.33
CA GLY C 66 4.04 -8.31 1.98
C GLY C 66 3.67 -9.52 1.13
N THR C 67 4.42 -10.63 1.27
CA THR C 67 4.18 -11.78 0.42
C THR C 67 4.50 -13.07 1.14
N LEU C 68 3.97 -14.16 0.58
CA LEU C 68 4.44 -15.53 0.81
C LEU C 68 5.20 -15.96 -0.44
N SER C 69 6.44 -16.41 -0.23
CA SER C 69 7.34 -16.58 -1.36
C SER C 69 8.05 -17.93 -1.34
N VAL C 70 8.15 -18.49 -2.55
CA VAL C 70 8.93 -19.68 -2.87
C VAL C 70 9.92 -19.31 -3.97
N PHE C 71 11.18 -19.76 -3.86
CA PHE C 71 12.11 -19.47 -4.95
C PHE C 71 12.30 -20.67 -5.88
N GLY C 72 12.05 -20.47 -7.19
CA GLY C 72 12.23 -21.53 -8.19
C GLY C 72 11.03 -22.48 -8.29
N MET C 73 10.29 -22.41 -9.40
CA MET C 73 9.24 -23.37 -9.71
C MET C 73 9.13 -23.53 -11.22
N GLN C 74 8.51 -24.63 -11.65
CA GLN C 74 8.40 -24.92 -13.06
C GLN C 74 7.10 -25.66 -13.27
N ALA C 75 6.37 -25.28 -14.32
CA ALA C 75 5.12 -25.93 -14.72
C ALA C 75 5.15 -26.09 -16.24
N ARG C 76 4.56 -27.22 -16.73
CA ARG C 76 4.45 -27.57 -18.14
C ARG C 76 2.97 -27.56 -18.56
N TYR C 77 2.65 -26.80 -19.61
CA TYR C 77 1.28 -26.75 -20.14
C TYR C 77 1.30 -27.19 -21.60
N SER C 78 0.53 -28.24 -21.92
CA SER C 78 0.41 -28.73 -23.29
C SER C 78 -0.31 -27.70 -24.12
N LEU C 79 0.15 -27.50 -25.36
CA LEU C 79 -0.56 -26.63 -26.29
C LEU C 79 -1.15 -27.46 -27.44
N ARG C 80 -1.33 -28.77 -27.20
CA ARG C 80 -1.78 -29.70 -28.23
C ARG C 80 -3.30 -29.78 -28.27
N ASP C 81 -3.93 -29.01 -29.18
CA ASP C 81 -5.39 -28.99 -29.38
C ASP C 81 -6.12 -28.37 -28.19
N GLU C 82 -5.37 -27.90 -27.19
CA GLU C 82 -5.91 -27.07 -26.12
C GLU C 82 -5.09 -25.79 -25.99
N PHE C 83 -5.74 -24.76 -25.42
CA PHE C 83 -5.09 -23.50 -25.09
C PHE C 83 -5.27 -23.24 -23.59
N PRO C 84 -4.19 -22.94 -22.84
CA PRO C 84 -4.28 -22.80 -21.39
C PRO C 84 -4.71 -21.40 -20.90
N LEU C 85 -5.99 -21.07 -21.07
CA LEU C 85 -6.61 -19.92 -20.43
C LEU C 85 -7.33 -20.42 -19.18
N LEU C 86 -6.90 -20.00 -18.00
CA LEU C 86 -7.41 -20.59 -16.76
C LEU C 86 -8.93 -20.54 -16.74
N THR C 87 -9.55 -21.57 -16.18
CA THR C 87 -11.01 -21.59 -16.16
C THR C 87 -11.54 -21.37 -14.75
N THR C 88 -10.66 -21.18 -13.76
CA THR C 88 -11.11 -21.02 -12.37
C THR C 88 -11.44 -19.57 -12.05
N LYS C 89 -11.11 -18.66 -12.96
CA LYS C 89 -11.60 -17.29 -12.98
C LYS C 89 -11.62 -16.81 -14.42
N ARG C 90 -12.38 -15.77 -14.74
CA ARG C 90 -12.19 -15.16 -16.05
C ARG C 90 -10.78 -14.54 -16.09
N VAL C 91 -10.03 -14.85 -17.16
CA VAL C 91 -8.80 -14.14 -17.44
C VAL C 91 -9.07 -13.10 -18.52
N PHE C 92 -8.28 -12.01 -18.50
CA PHE C 92 -8.50 -10.86 -19.37
C PHE C 92 -7.93 -11.09 -20.78
N TRP C 93 -8.64 -11.91 -21.57
CA TRP C 93 -8.14 -12.39 -22.85
C TRP C 93 -7.94 -11.25 -23.85
N LYS C 94 -8.89 -10.31 -23.88
CA LYS C 94 -8.79 -9.18 -24.79
C LYS C 94 -7.45 -8.48 -24.59
N GLY C 95 -7.00 -8.42 -23.32
CA GLY C 95 -5.78 -7.74 -22.92
C GLY C 95 -4.54 -8.57 -23.26
N VAL C 96 -4.66 -9.88 -23.03
CA VAL C 96 -3.59 -10.77 -23.37
C VAL C 96 -3.22 -10.52 -24.83
N LEU C 97 -4.23 -10.54 -25.70
CA LEU C 97 -4.05 -10.51 -27.13
C LEU C 97 -3.62 -9.10 -27.56
N GLU C 98 -4.24 -8.07 -27.00
CA GLU C 98 -3.91 -6.70 -27.38
C GLU C 98 -2.48 -6.34 -26.95
N GLU C 99 -2.08 -6.81 -25.76
CA GLU C 99 -0.79 -6.43 -25.22
C GLU C 99 0.32 -7.08 -26.05
N LEU C 100 0.06 -8.29 -26.57
CA LEU C 100 1.04 -9.02 -27.36
C LEU C 100 1.26 -8.34 -28.71
N LEU C 101 0.16 -8.02 -29.42
CA LEU C 101 0.25 -7.35 -30.71
C LEU C 101 1.02 -6.05 -30.56
N TRP C 102 0.78 -5.36 -29.44
CA TRP C 102 1.52 -4.21 -28.95
C TRP C 102 3.03 -4.47 -28.81
N PHE C 103 3.43 -5.50 -28.04
CA PHE C 103 4.84 -5.91 -27.94
C PHE C 103 5.48 -6.16 -29.31
N ILE C 104 4.74 -6.85 -30.19
CA ILE C 104 5.26 -7.22 -31.50
C ILE C 104 5.50 -5.95 -32.32
N LYS C 105 4.57 -4.98 -32.20
CA LYS C 105 4.60 -3.73 -32.93
C LYS C 105 5.89 -2.96 -32.64
N GLY C 106 6.56 -3.30 -31.54
CA GLY C 106 7.75 -2.58 -31.10
C GLY C 106 7.40 -1.43 -30.15
N SER C 107 6.10 -1.29 -29.85
CA SER C 107 5.61 -0.15 -29.10
C SER C 107 6.09 -0.19 -27.64
N THR C 108 6.46 1.00 -27.14
CA THR C 108 6.80 1.25 -25.75
C THR C 108 6.00 2.46 -25.27
N ASN C 109 4.77 2.55 -25.80
CA ASN C 109 3.86 3.67 -25.67
C ASN C 109 2.59 3.18 -24.99
N ALA C 110 2.48 3.40 -23.68
CA ALA C 110 1.37 2.87 -22.88
C ALA C 110 0.03 3.32 -23.47
N LYS C 111 0.06 4.39 -24.27
CA LYS C 111 -1.16 4.95 -24.86
C LYS C 111 -1.63 4.11 -26.06
N GLU C 112 -0.67 3.59 -26.84
CA GLU C 112 -0.96 2.72 -27.97
C GLU C 112 -1.81 1.52 -27.52
N LEU C 113 -1.55 1.05 -26.29
CA LEU C 113 -2.31 -0.06 -25.73
C LEU C 113 -3.58 0.44 -25.04
N SER C 114 -3.53 1.64 -24.43
CA SER C 114 -4.70 2.19 -23.77
C SER C 114 -5.78 2.45 -24.80
N SER C 115 -5.34 2.88 -25.99
CA SER C 115 -6.12 3.09 -27.20
C SER C 115 -7.05 1.91 -27.56
N LYS C 116 -6.58 0.66 -27.45
CA LYS C 116 -7.44 -0.46 -27.82
C LYS C 116 -8.23 -0.94 -26.60
N GLY C 117 -8.12 -0.16 -25.51
CA GLY C 117 -9.01 -0.31 -24.37
C GLY C 117 -8.45 -1.25 -23.31
N VAL C 118 -7.12 -1.34 -23.26
CA VAL C 118 -6.40 -2.21 -22.35
C VAL C 118 -5.50 -1.34 -21.48
N LYS C 119 -5.78 -1.33 -20.17
CA LYS C 119 -5.37 -0.21 -19.34
C LYS C 119 -4.30 -0.63 -18.32
N ILE C 120 -3.52 -1.66 -18.68
CA ILE C 120 -2.68 -2.38 -17.73
C ILE C 120 -1.31 -1.72 -17.62
N TRP C 121 -0.97 -0.82 -18.53
CA TRP C 121 0.35 -0.20 -18.45
C TRP C 121 0.24 1.32 -18.31
N ASP C 122 -0.92 1.80 -17.83
CA ASP C 122 -1.19 3.22 -17.67
C ASP C 122 -0.57 3.76 -16.38
N ALA C 123 -0.78 3.01 -15.29
CA ALA C 123 -0.19 3.27 -13.99
C ALA C 123 1.32 3.49 -14.12
N ASN C 124 2.00 2.56 -14.79
CA ASN C 124 3.44 2.65 -14.93
C ASN C 124 3.82 3.78 -15.91
N GLY C 125 2.81 4.35 -16.58
CA GLY C 125 3.07 5.29 -17.67
C GLY C 125 2.70 6.73 -17.31
N SER C 126 2.24 6.95 -16.06
CA SER C 126 1.74 8.23 -15.57
C SER C 126 2.85 9.09 -14.99
N ARG C 127 2.72 10.43 -15.11
CA ARG C 127 3.74 11.35 -14.66
C ARG C 127 4.00 11.16 -13.17
N ASP C 128 2.97 10.76 -12.42
CA ASP C 128 3.14 10.48 -11.01
C ASP C 128 4.25 9.44 -10.84
N PHE C 129 4.03 8.25 -11.42
CA PHE C 129 4.93 7.10 -11.29
C PHE C 129 6.26 7.37 -11.99
N LEU C 130 6.21 8.17 -13.07
CA LEU C 130 7.38 8.49 -13.87
C LEU C 130 8.35 9.34 -13.06
N ASP C 131 7.78 10.20 -12.20
CA ASP C 131 8.58 11.13 -11.41
C ASP C 131 9.15 10.39 -10.20
N SER C 132 8.47 9.33 -9.74
CA SER C 132 8.93 8.54 -8.60
C SER C 132 10.12 7.64 -8.97
N LEU C 133 10.39 7.48 -10.27
CA LEU C 133 11.62 6.87 -10.73
C LEU C 133 12.59 7.95 -11.21
N GLY C 134 12.07 9.13 -11.53
CA GLY C 134 12.90 10.32 -11.69
C GLY C 134 13.06 10.71 -13.15
N PHE C 135 12.07 10.38 -13.98
CA PHE C 135 12.09 10.81 -15.36
C PHE C 135 11.07 11.93 -15.49
N SER C 136 11.45 13.10 -14.95
CA SER C 136 10.59 14.27 -14.89
C SER C 136 10.57 14.93 -16.26
N THR C 137 11.51 14.52 -17.11
CA THR C 137 11.73 15.11 -18.42
C THR C 137 10.95 14.32 -19.47
N ARG C 138 10.40 13.17 -19.05
CA ARG C 138 9.80 12.24 -19.99
C ARG C 138 8.33 12.56 -20.20
N GLU C 139 7.86 12.33 -21.43
CA GLU C 139 6.45 12.39 -21.78
C GLU C 139 5.76 11.19 -21.13
N GLU C 140 4.45 11.31 -20.85
CA GLU C 140 3.77 10.25 -20.11
C GLU C 140 3.20 9.23 -21.10
N GLY C 141 3.20 7.97 -20.65
CA GLY C 141 2.92 6.82 -21.50
C GLY C 141 4.18 6.25 -22.16
N ASP C 142 5.33 6.82 -21.78
CA ASP C 142 6.63 6.43 -22.31
C ASP C 142 7.35 5.60 -21.26
N LEU C 143 7.25 4.29 -21.40
CA LEU C 143 7.71 3.35 -20.39
C LEU C 143 9.21 3.09 -20.51
N GLY C 144 9.84 3.67 -21.55
CA GLY C 144 11.26 3.51 -21.80
C GLY C 144 11.55 2.29 -22.65
N PRO C 145 12.78 1.71 -22.56
CA PRO C 145 13.18 0.60 -23.41
C PRO C 145 12.76 -0.79 -22.91
N VAL C 146 11.45 -0.98 -22.72
CA VAL C 146 10.90 -2.23 -22.20
C VAL C 146 10.70 -3.26 -23.31
N TYR C 147 10.10 -4.40 -22.93
CA TYR C 147 9.61 -5.42 -23.87
C TYR C 147 9.13 -4.76 -25.16
N GLY C 148 9.59 -5.28 -26.29
CA GLY C 148 9.06 -4.75 -27.53
C GLY C 148 10.10 -3.87 -28.16
N PHE C 149 10.71 -3.03 -27.31
CA PHE C 149 11.93 -2.40 -27.75
C PHE C 149 13.04 -3.46 -27.79
N GLN C 150 13.20 -4.20 -26.68
CA GLN C 150 14.24 -5.22 -26.54
C GLN C 150 13.99 -6.39 -27.48
N TRP C 151 12.72 -6.67 -27.78
CA TRP C 151 12.35 -7.76 -28.67
C TRP C 151 12.76 -7.45 -30.10
N ARG C 152 12.56 -6.19 -30.52
CA ARG C 152 12.69 -5.78 -31.91
C ARG C 152 14.01 -5.06 -32.20
N HIS C 153 14.57 -4.36 -31.19
CA HIS C 153 15.67 -3.44 -31.44
C HIS C 153 16.69 -3.51 -30.31
N PHE C 154 17.04 -4.73 -29.91
CA PHE C 154 17.87 -4.92 -28.74
C PHE C 154 19.17 -4.14 -28.86
N GLY C 155 19.36 -3.18 -27.94
CA GLY C 155 20.65 -2.53 -27.74
C GLY C 155 20.90 -1.41 -28.74
N ALA C 156 19.85 -0.99 -29.44
CA ALA C 156 19.82 0.34 -30.01
C ALA C 156 19.72 1.32 -28.84
N GLU C 157 20.15 2.57 -29.07
CA GLU C 157 20.03 3.60 -28.06
C GLU C 157 18.57 4.07 -27.96
N TYR C 158 18.04 4.11 -26.74
CA TYR C 158 16.66 4.54 -26.57
C TYR C 158 16.60 6.07 -26.57
N ARG C 159 15.67 6.63 -27.36
CA ARG C 159 15.44 8.06 -27.39
C ARG C 159 14.14 8.36 -26.63
N ASP C 160 13.00 7.99 -27.23
CA ASP C 160 11.70 8.06 -26.57
C ASP C 160 10.68 7.30 -27.40
N MET C 161 9.41 7.32 -26.95
CA MET C 161 8.39 6.44 -27.50
C MET C 161 8.04 6.80 -28.94
N GLU C 162 8.16 8.08 -29.31
CA GLU C 162 7.68 8.52 -30.61
C GLU C 162 8.76 8.33 -31.68
N SER C 163 10.01 8.06 -31.25
CA SER C 163 11.15 7.94 -32.15
C SER C 163 10.94 6.80 -33.15
N ASP C 164 11.81 6.74 -34.17
CA ASP C 164 11.76 5.67 -35.15
C ASP C 164 13.03 4.84 -35.05
N TYR C 165 12.89 3.51 -35.18
CA TYR C 165 13.96 2.61 -34.76
C TYR C 165 14.34 1.57 -35.82
N SER C 166 13.81 1.70 -37.05
CA SER C 166 14.07 0.77 -38.13
C SER C 166 15.58 0.53 -38.28
N GLY C 167 15.95 -0.71 -38.55
CA GLY C 167 17.32 -1.06 -38.91
C GLY C 167 18.28 -1.03 -37.72
N GLN C 168 17.84 -0.46 -36.60
CA GLN C 168 18.69 -0.36 -35.43
C GLN C 168 18.53 -1.59 -34.54
N GLY C 169 19.62 -1.93 -33.84
CA GLY C 169 19.66 -3.01 -32.86
C GLY C 169 19.49 -4.39 -33.50
N VAL C 170 19.32 -5.41 -32.66
CA VAL C 170 19.04 -6.76 -33.13
C VAL C 170 17.55 -7.05 -33.00
N ASP C 171 16.91 -7.40 -34.11
CA ASP C 171 15.53 -7.87 -34.10
C ASP C 171 15.51 -9.33 -33.64
N GLN C 172 15.53 -9.53 -32.31
CA GLN C 172 15.63 -10.86 -31.75
C GLN C 172 14.40 -11.68 -32.14
N LEU C 173 13.25 -11.01 -32.29
CA LEU C 173 12.03 -11.74 -32.56
C LEU C 173 12.09 -12.37 -33.95
N GLN C 174 12.51 -11.57 -34.95
CA GLN C 174 12.63 -12.03 -36.31
C GLN C 174 13.70 -13.11 -36.39
N ARG C 175 14.84 -12.94 -35.69
CA ARG C 175 15.91 -13.92 -35.75
C ARG C 175 15.41 -15.28 -35.27
N VAL C 176 14.52 -15.25 -34.28
CA VAL C 176 14.07 -16.47 -33.65
C VAL C 176 13.18 -17.22 -34.64
N ILE C 177 12.34 -16.48 -35.39
CA ILE C 177 11.52 -17.11 -36.41
C ILE C 177 12.41 -17.75 -37.48
N ASP C 178 13.34 -16.97 -38.02
CA ASP C 178 14.33 -17.46 -38.98
C ASP C 178 14.99 -18.75 -38.52
N THR C 179 15.54 -18.77 -37.31
CA THR C 179 16.20 -19.97 -36.81
C THR C 179 15.22 -21.16 -36.75
N ILE C 180 13.98 -20.92 -36.33
CA ILE C 180 13.04 -22.03 -36.28
C ILE C 180 12.88 -22.60 -37.68
N LYS C 181 12.80 -21.72 -38.69
CA LYS C 181 12.58 -22.13 -40.07
C LYS C 181 13.80 -22.87 -40.64
N THR C 182 15.01 -22.42 -40.30
CA THR C 182 16.21 -22.81 -41.02
C THR C 182 17.07 -23.77 -40.22
N ASN C 183 17.12 -23.60 -38.89
CA ASN C 183 17.93 -24.48 -38.06
C ASN C 183 17.14 -24.93 -36.84
N PRO C 184 16.04 -25.68 -37.04
CA PRO C 184 15.17 -26.09 -35.92
C PRO C 184 15.87 -26.72 -34.72
N ASP C 185 17.04 -27.33 -34.94
CA ASP C 185 17.72 -28.12 -33.92
C ASP C 185 18.48 -27.23 -32.95
N ASP C 186 18.73 -26.00 -33.37
CA ASP C 186 19.49 -25.02 -32.62
C ASP C 186 19.04 -24.98 -31.15
N ARG C 187 20.01 -24.93 -30.24
CA ARG C 187 19.76 -24.86 -28.81
C ARG C 187 20.07 -23.44 -28.33
N ARG C 188 20.06 -22.49 -29.30
CA ARG C 188 20.40 -21.12 -29.00
C ARG C 188 19.27 -20.18 -29.37
N ILE C 189 18.03 -20.70 -29.46
CA ILE C 189 16.90 -19.88 -29.85
C ILE C 189 16.36 -19.17 -28.61
N ILE C 190 17.08 -18.12 -28.19
CA ILE C 190 16.75 -17.30 -27.03
C ILE C 190 16.25 -15.96 -27.52
N MET C 191 15.24 -15.41 -26.83
CA MET C 191 14.90 -14.00 -26.88
C MET C 191 15.02 -13.47 -25.45
N CYS C 192 15.87 -12.45 -25.25
CA CYS C 192 16.14 -11.91 -23.92
C CYS C 192 15.69 -10.44 -23.82
N ALA C 193 14.90 -10.10 -22.79
CA ALA C 193 14.51 -8.71 -22.56
C ALA C 193 15.34 -8.14 -21.41
N TRP C 194 16.34 -8.88 -20.95
CA TRP C 194 17.04 -8.39 -19.78
C TRP C 194 18.30 -7.68 -20.23
N ASN C 195 18.22 -6.37 -20.27
CA ASN C 195 19.33 -5.62 -20.83
C ASN C 195 19.91 -4.71 -19.76
N PRO C 196 20.97 -5.15 -19.04
CA PRO C 196 21.60 -4.33 -17.99
C PRO C 196 21.88 -2.87 -18.34
N ARG C 197 22.16 -2.62 -19.62
CA ARG C 197 22.41 -1.27 -20.10
C ARG C 197 21.13 -0.43 -20.09
N ASP C 198 19.97 -1.05 -20.42
CA ASP C 198 18.72 -0.31 -20.53
C ASP C 198 17.91 -0.32 -19.23
N LEU C 199 18.32 -1.13 -18.24
CA LEU C 199 17.60 -1.34 -16.99
C LEU C 199 17.17 -0.01 -16.36
N PRO C 200 18.12 0.93 -16.09
CA PRO C 200 17.85 2.12 -15.28
C PRO C 200 16.94 3.15 -15.94
N LEU C 201 16.55 2.93 -17.19
CA LEU C 201 15.68 3.82 -17.94
C LEU C 201 14.28 3.24 -18.04
N MET C 202 14.12 1.96 -17.73
CA MET C 202 12.82 1.32 -17.86
C MET C 202 11.94 1.72 -16.67
N ALA C 203 10.63 1.82 -16.94
CA ALA C 203 9.59 1.97 -15.93
C ALA C 203 9.61 0.80 -14.95
N LEU C 204 9.33 -0.41 -15.46
CA LEU C 204 9.45 -1.63 -14.65
C LEU C 204 10.41 -2.59 -15.34
N PRO C 205 11.48 -3.08 -14.64
CA PRO C 205 12.40 -4.05 -15.22
C PRO C 205 11.62 -5.30 -15.62
N PRO C 206 11.98 -5.95 -16.75
CA PRO C 206 11.12 -6.98 -17.36
C PRO C 206 10.96 -8.14 -16.39
N CYS C 207 9.79 -8.78 -16.42
CA CYS C 207 9.50 -9.89 -15.52
C CYS C 207 9.77 -11.21 -16.22
N HIS C 208 9.23 -11.32 -17.44
CA HIS C 208 9.67 -12.30 -18.42
C HIS C 208 11.00 -11.83 -19.01
N ALA C 209 12.09 -12.21 -18.32
CA ALA C 209 13.44 -11.85 -18.64
C ALA C 209 13.88 -12.56 -19.91
N LEU C 210 13.80 -13.90 -19.93
CA LEU C 210 14.12 -14.57 -21.19
C LEU C 210 13.11 -15.68 -21.52
N CYS C 211 12.94 -15.93 -22.82
CA CYS C 211 12.34 -17.21 -23.16
C CYS C 211 13.13 -17.93 -24.26
N GLN C 212 12.96 -19.25 -24.33
CA GLN C 212 13.66 -20.04 -25.31
C GLN C 212 12.64 -20.87 -26.07
N PHE C 213 12.91 -21.11 -27.35
CA PHE C 213 12.08 -21.98 -28.16
C PHE C 213 12.84 -23.27 -28.44
N TYR C 214 12.11 -24.29 -28.90
CA TYR C 214 12.66 -25.63 -29.07
C TYR C 214 11.81 -26.36 -30.11
N VAL C 215 12.47 -27.11 -31.01
CA VAL C 215 11.78 -27.84 -32.05
C VAL C 215 12.20 -29.30 -32.05
N VAL C 216 11.18 -30.14 -32.18
CA VAL C 216 11.29 -31.58 -32.15
C VAL C 216 10.00 -32.14 -32.72
N ASN C 217 10.15 -32.92 -33.80
CA ASN C 217 9.09 -33.69 -34.44
C ASN C 217 7.93 -32.78 -34.84
N SER C 218 8.24 -31.63 -35.46
CA SER C 218 7.27 -30.66 -35.98
C SER C 218 6.41 -30.02 -34.89
N GLU C 219 6.89 -30.07 -33.63
CA GLU C 219 6.25 -29.38 -32.52
C GLU C 219 7.17 -28.26 -32.04
N LEU C 220 6.58 -27.07 -31.88
CA LEU C 220 7.30 -25.94 -31.33
C LEU C 220 7.00 -25.82 -29.84
N SER C 221 8.03 -25.50 -29.07
CA SER C 221 7.86 -25.36 -27.64
C SER C 221 8.62 -24.15 -27.12
N CYS C 222 8.13 -23.61 -25.99
CA CYS C 222 8.60 -22.35 -25.47
C CYS C 222 8.80 -22.52 -23.98
N GLN C 223 9.89 -21.93 -23.47
CA GLN C 223 10.06 -21.86 -22.04
C GLN C 223 10.35 -20.41 -21.69
N LEU C 224 9.68 -19.93 -20.64
CA LEU C 224 9.79 -18.57 -20.15
C LEU C 224 10.49 -18.60 -18.80
N TYR C 225 11.54 -17.78 -18.67
CA TYR C 225 12.11 -17.61 -17.34
C TYR C 225 11.53 -16.35 -16.73
N GLN C 226 10.60 -16.50 -15.78
CA GLN C 226 9.97 -15.35 -15.15
C GLN C 226 10.62 -15.10 -13.79
N ARG C 227 11.41 -14.02 -13.70
CA ARG C 227 12.20 -13.71 -12.52
C ARG C 227 11.31 -13.46 -11.29
N SER C 228 10.04 -13.07 -11.53
CA SER C 228 9.14 -12.59 -10.49
C SER C 228 7.68 -12.72 -10.93
N GLY C 229 6.95 -13.56 -10.21
CA GLY C 229 5.57 -13.85 -10.56
C GLY C 229 4.63 -13.58 -9.39
N ASP C 230 3.80 -12.54 -9.61
CA ASP C 230 2.56 -12.25 -8.92
C ASP C 230 1.58 -13.37 -9.25
N MET C 231 1.52 -14.39 -8.39
CA MET C 231 0.81 -15.59 -8.77
C MET C 231 -0.67 -15.30 -9.00
N GLY C 232 -1.19 -14.31 -8.25
CA GLY C 232 -2.63 -14.07 -8.22
C GLY C 232 -3.08 -13.30 -9.45
N LEU C 233 -2.29 -12.30 -9.84
CA LEU C 233 -2.71 -11.32 -10.83
C LEU C 233 -1.91 -11.45 -12.14
N GLY C 234 -0.58 -11.38 -12.04
CA GLY C 234 0.22 -11.38 -13.25
C GLY C 234 0.28 -12.75 -13.94
N VAL C 235 0.57 -13.79 -13.15
CA VAL C 235 1.00 -15.06 -13.70
C VAL C 235 0.00 -15.64 -14.70
N PRO C 236 -1.32 -15.66 -14.43
CA PRO C 236 -2.24 -16.43 -15.28
C PRO C 236 -2.38 -15.71 -16.61
N PHE C 237 -2.07 -14.42 -16.58
CA PHE C 237 -2.03 -13.57 -17.76
C PHE C 237 -0.76 -13.88 -18.57
N ASN C 238 0.41 -13.96 -17.91
CA ASN C 238 1.67 -14.28 -18.57
C ASN C 238 1.62 -15.67 -19.26
N ILE C 239 1.04 -16.68 -18.58
CA ILE C 239 0.84 -17.97 -19.21
C ILE C 239 0.17 -17.78 -20.55
N ALA C 240 -1.06 -17.24 -20.55
CA ALA C 240 -1.85 -17.12 -21.77
C ALA C 240 -1.09 -16.31 -22.82
N SER C 241 -0.35 -15.32 -22.32
CA SER C 241 0.44 -14.41 -23.13
C SER C 241 1.48 -15.21 -23.95
N TYR C 242 2.29 -16.07 -23.29
CA TYR C 242 3.38 -16.74 -23.98
C TYR C 242 2.91 -17.98 -24.73
N ALA C 243 1.86 -18.63 -24.22
CA ALA C 243 1.20 -19.68 -24.98
C ALA C 243 0.67 -19.13 -26.31
N LEU C 244 0.17 -17.89 -26.27
CA LEU C 244 -0.34 -17.25 -27.47
C LEU C 244 0.81 -17.05 -28.44
N LEU C 245 1.88 -16.37 -27.99
CA LEU C 245 3.05 -16.15 -28.81
C LEU C 245 3.51 -17.44 -29.50
N THR C 246 3.44 -18.57 -28.79
CA THR C 246 3.80 -19.87 -29.34
C THR C 246 2.88 -20.21 -30.51
N TYR C 247 1.56 -20.12 -30.30
CA TYR C 247 0.59 -20.41 -31.35
C TYR C 247 0.86 -19.59 -32.60
N MET C 248 1.13 -18.30 -32.40
CA MET C 248 1.50 -17.40 -33.46
C MET C 248 2.72 -17.97 -34.19
N ILE C 249 3.83 -18.14 -33.47
CA ILE C 249 5.09 -18.54 -34.09
C ILE C 249 4.94 -19.93 -34.74
N ALA C 250 4.14 -20.81 -34.15
CA ALA C 250 4.00 -22.14 -34.72
C ALA C 250 3.33 -22.05 -36.10
N HIS C 251 2.36 -21.12 -36.19
CA HIS C 251 1.49 -20.97 -37.34
C HIS C 251 2.31 -20.45 -38.51
N ILE C 252 3.05 -19.34 -38.33
CA ILE C 252 3.84 -18.76 -39.41
C ILE C 252 4.97 -19.71 -39.84
N THR C 253 5.37 -20.64 -38.95
CA THR C 253 6.51 -21.51 -39.27
C THR C 253 6.01 -22.87 -39.76
N GLY C 254 4.69 -23.08 -39.73
CA GLY C 254 4.06 -24.31 -40.18
C GLY C 254 4.32 -25.46 -39.21
N LEU C 255 4.59 -25.13 -37.94
CA LEU C 255 4.79 -26.14 -36.91
C LEU C 255 3.51 -26.27 -36.10
N LYS C 256 3.37 -27.41 -35.39
CA LYS C 256 2.31 -27.59 -34.42
C LYS C 256 2.81 -27.19 -33.03
N PRO C 257 1.96 -26.50 -32.23
CA PRO C 257 2.33 -26.04 -30.88
C PRO C 257 2.61 -27.21 -29.95
N GLY C 258 3.69 -27.12 -29.16
CA GLY C 258 4.11 -28.23 -28.33
C GLY C 258 3.75 -28.06 -26.86
N ASP C 259 4.74 -27.61 -26.07
CA ASP C 259 4.56 -27.32 -24.65
C ASP C 259 4.93 -25.86 -24.38
N PHE C 260 4.26 -25.26 -23.38
CA PHE C 260 4.77 -24.04 -22.76
C PHE C 260 5.35 -24.39 -21.38
N ILE C 261 6.62 -24.05 -21.17
CA ILE C 261 7.21 -24.38 -19.88
C ILE C 261 7.44 -23.09 -19.10
N HIS C 262 6.82 -23.02 -17.94
CA HIS C 262 6.76 -21.76 -17.22
C HIS C 262 7.67 -21.86 -16.00
N THR C 263 8.81 -21.17 -16.05
CA THR C 263 9.77 -21.25 -14.97
C THR C 263 9.71 -19.94 -14.21
N LEU C 264 9.78 -20.07 -12.89
CA LEU C 264 9.67 -18.94 -11.98
C LEU C 264 10.88 -18.90 -11.06
N GLY C 265 11.39 -17.67 -10.90
CA GLY C 265 12.26 -17.28 -9.81
C GLY C 265 11.44 -17.06 -8.54
N ASP C 266 11.14 -15.79 -8.24
CA ASP C 266 10.39 -15.47 -7.04
C ASP C 266 8.90 -15.63 -7.34
N ALA C 267 8.34 -16.72 -6.84
CA ALA C 267 6.92 -17.01 -6.99
C ALA C 267 6.26 -16.62 -5.67
N HIS C 268 5.35 -15.64 -5.75
CA HIS C 268 4.87 -14.96 -4.57
C HIS C 268 3.36 -14.70 -4.65
N ILE C 269 2.70 -14.95 -3.53
CA ILE C 269 1.33 -14.55 -3.28
C ILE C 269 1.37 -13.28 -2.42
N TYR C 270 0.70 -12.22 -2.89
CA TYR C 270 0.52 -10.98 -2.13
C TYR C 270 -0.47 -11.27 -1.00
N LEU C 271 -0.26 -10.66 0.18
CA LEU C 271 -0.98 -11.06 1.37
C LEU C 271 -2.46 -10.92 1.13
N ASN C 272 -2.82 -9.84 0.42
CA ASN C 272 -4.21 -9.51 0.21
C ASN C 272 -4.87 -10.46 -0.78
N HIS C 273 -4.09 -11.38 -1.38
CA HIS C 273 -4.59 -12.26 -2.44
C HIS C 273 -4.94 -13.66 -1.92
N ILE C 274 -4.59 -13.92 -0.65
CA ILE C 274 -4.83 -15.19 0.01
C ILE C 274 -6.33 -15.53 0.07
N GLU C 275 -7.20 -14.59 0.46
CA GLU C 275 -8.61 -14.97 0.62
C GLU C 275 -9.25 -15.24 -0.74
N PRO C 276 -9.05 -14.36 -1.75
CA PRO C 276 -9.48 -14.66 -3.12
C PRO C 276 -8.98 -16.01 -3.64
N LEU C 277 -7.71 -16.33 -3.36
CA LEU C 277 -7.08 -17.51 -3.94
C LEU C 277 -7.58 -18.79 -3.29
N LYS C 278 -7.92 -18.73 -1.99
CA LYS C 278 -8.42 -19.90 -1.29
C LYS C 278 -9.77 -20.30 -1.86
N ILE C 279 -10.50 -19.29 -2.39
CA ILE C 279 -11.78 -19.49 -3.05
C ILE C 279 -11.58 -20.07 -4.46
N GLN C 280 -10.60 -19.55 -5.20
CA GLN C 280 -10.32 -20.07 -6.54
C GLN C 280 -10.06 -21.57 -6.45
N LEU C 281 -9.29 -21.96 -5.43
CA LEU C 281 -8.92 -23.33 -5.19
C LEU C 281 -10.14 -24.19 -4.89
N GLN C 282 -11.27 -23.57 -4.56
CA GLN C 282 -12.48 -24.33 -4.26
C GLN C 282 -13.07 -24.81 -5.58
N ARG C 283 -12.83 -24.07 -6.66
CA ARG C 283 -13.56 -24.29 -7.90
C ARG C 283 -12.93 -25.43 -8.70
N GLU C 284 -13.78 -26.28 -9.29
CA GLU C 284 -13.30 -27.37 -10.14
C GLU C 284 -13.08 -26.82 -11.55
N PRO C 285 -11.90 -27.06 -12.15
CA PRO C 285 -11.53 -26.46 -13.43
C PRO C 285 -12.34 -27.04 -14.59
N ARG C 286 -12.66 -26.21 -15.59
CA ARG C 286 -13.45 -26.70 -16.71
C ARG C 286 -12.51 -26.88 -17.90
N PRO C 287 -12.85 -27.77 -18.88
CA PRO C 287 -11.93 -28.08 -19.98
C PRO C 287 -11.38 -26.81 -20.62
N PHE C 288 -10.07 -26.78 -20.86
CA PHE C 288 -9.42 -25.58 -21.37
C PHE C 288 -10.07 -25.23 -22.69
N PRO C 289 -10.02 -23.94 -23.12
CA PRO C 289 -10.56 -23.56 -24.43
C PRO C 289 -9.64 -24.02 -25.58
N LYS C 290 -9.98 -23.52 -26.77
CA LYS C 290 -9.33 -23.83 -28.01
C LYS C 290 -9.07 -22.51 -28.68
N LEU C 291 -7.94 -22.37 -29.38
CA LEU C 291 -7.65 -21.09 -30.03
C LEU C 291 -7.50 -21.37 -31.52
N ARG C 292 -8.43 -20.81 -32.30
CA ARG C 292 -8.45 -20.92 -33.76
C ARG C 292 -7.85 -19.64 -34.31
N ILE C 293 -6.90 -19.79 -35.23
CA ILE C 293 -6.41 -18.67 -36.03
C ILE C 293 -7.14 -18.73 -37.37
N LEU C 294 -7.64 -17.57 -37.86
CA LEU C 294 -8.73 -17.58 -38.83
C LEU C 294 -8.25 -17.37 -40.27
N ARG C 295 -6.95 -17.17 -40.49
CA ARG C 295 -6.45 -17.14 -41.86
C ARG C 295 -4.98 -17.57 -41.92
N LYS C 296 -4.47 -17.80 -43.15
CA LYS C 296 -3.04 -17.89 -43.42
C LYS C 296 -2.42 -16.53 -43.10
N VAL C 297 -1.30 -16.56 -42.36
CA VAL C 297 -0.59 -15.34 -42.04
C VAL C 297 0.88 -15.62 -42.24
N GLU C 298 1.52 -14.80 -43.10
CA GLU C 298 2.85 -15.09 -43.60
C GLU C 298 3.92 -14.50 -42.69
N LYS C 299 3.66 -13.34 -42.05
CA LYS C 299 4.65 -12.69 -41.21
C LYS C 299 4.06 -12.32 -39.84
N ILE C 300 4.92 -12.11 -38.85
CA ILE C 300 4.52 -11.89 -37.45
C ILE C 300 3.70 -10.61 -37.30
N ASP C 301 4.11 -9.54 -37.98
CA ASP C 301 3.49 -8.24 -37.81
C ASP C 301 2.13 -8.18 -38.51
N ASP C 302 1.82 -9.21 -39.31
CA ASP C 302 0.62 -9.20 -40.13
C ASP C 302 -0.59 -9.62 -39.31
N PHE C 303 -0.38 -9.95 -38.03
CA PHE C 303 -1.48 -10.48 -37.24
C PHE C 303 -2.32 -9.32 -36.72
N LYS C 304 -3.63 -9.46 -36.88
CA LYS C 304 -4.60 -8.51 -36.39
C LYS C 304 -5.45 -9.24 -35.35
N ALA C 305 -6.09 -8.52 -34.43
CA ALA C 305 -6.89 -9.18 -33.42
C ALA C 305 -8.13 -9.85 -34.03
N GLU C 306 -8.55 -9.37 -35.22
CA GLU C 306 -9.63 -9.98 -35.99
C GLU C 306 -9.37 -11.48 -36.16
N ASP C 307 -8.08 -11.87 -36.12
CA ASP C 307 -7.58 -13.17 -36.55
C ASP C 307 -7.71 -14.26 -35.49
N PHE C 308 -8.08 -13.92 -34.24
CA PHE C 308 -8.13 -14.96 -33.22
C PHE C 308 -9.54 -15.18 -32.67
N GLN C 309 -9.84 -16.46 -32.40
CA GLN C 309 -11.10 -16.89 -31.81
C GLN C 309 -10.80 -17.86 -30.67
N ILE C 310 -11.33 -17.58 -29.47
CA ILE C 310 -11.30 -18.55 -28.39
C ILE C 310 -12.60 -19.34 -28.42
N GLU C 311 -12.51 -20.64 -28.68
CA GLU C 311 -13.73 -21.41 -28.84
C GLU C 311 -13.83 -22.45 -27.71
N GLY C 312 -14.86 -22.27 -26.87
CA GLY C 312 -15.18 -23.23 -25.82
C GLY C 312 -14.82 -22.73 -24.43
N TYR C 313 -14.60 -21.42 -24.28
CA TYR C 313 -14.12 -20.86 -23.02
C TYR C 313 -15.26 -20.65 -22.01
N ASN C 314 -15.24 -21.42 -20.92
CA ASN C 314 -16.38 -21.50 -20.00
C ASN C 314 -15.98 -21.22 -18.55
N PRO C 315 -15.40 -20.05 -18.22
CA PRO C 315 -14.78 -19.88 -16.91
C PRO C 315 -15.78 -19.80 -15.76
N HIS C 316 -15.27 -20.09 -14.55
CA HIS C 316 -15.92 -19.64 -13.35
C HIS C 316 -15.89 -18.11 -13.39
N PRO C 317 -16.84 -17.39 -12.74
CA PRO C 317 -16.83 -15.93 -12.77
C PRO C 317 -15.53 -15.31 -12.23
N THR C 318 -15.30 -14.07 -12.70
CA THR C 318 -14.17 -13.22 -12.35
C THR C 318 -13.91 -13.18 -10.83
N ILE C 319 -12.64 -12.91 -10.48
CA ILE C 319 -12.19 -12.72 -9.13
C ILE C 319 -11.23 -11.55 -9.14
N LYS C 320 -11.64 -10.42 -8.54
CA LYS C 320 -10.80 -9.24 -8.44
C LYS C 320 -9.58 -9.55 -7.57
N MET C 321 -8.39 -9.37 -8.14
CA MET C 321 -7.16 -9.34 -7.37
C MET C 321 -6.61 -7.91 -7.37
N GLU C 322 -6.81 -7.19 -6.27
CA GLU C 322 -6.39 -5.80 -6.24
C GLU C 322 -4.90 -5.77 -6.55
N MET C 323 -4.54 -5.03 -7.60
CA MET C 323 -3.15 -4.78 -7.92
C MET C 323 -2.42 -4.11 -6.74
N ALA C 324 -1.41 -4.79 -6.18
CA ALA C 324 -0.54 -4.17 -5.21
C ALA C 324 0.20 -3.01 -5.88
N VAL C 325 0.26 -1.87 -5.18
CA VAL C 325 0.80 -0.66 -5.77
C VAL C 325 2.03 -0.20 -4.97
N PRO D 38 14.71 -38.10 4.15
CA PRO D 38 15.78 -37.12 3.84
C PRO D 38 16.62 -37.44 2.60
N PRO D 39 16.00 -37.67 1.41
CA PRO D 39 16.68 -38.23 0.24
C PRO D 39 17.82 -37.41 -0.34
N HIS D 40 18.81 -38.11 -0.93
CA HIS D 40 20.08 -37.57 -1.37
C HIS D 40 19.95 -36.70 -2.63
N GLY D 41 20.53 -35.50 -2.56
CA GLY D 41 20.57 -34.51 -3.63
C GLY D 41 20.92 -35.07 -5.00
N GLU D 42 21.95 -35.92 -5.07
CA GLU D 42 22.38 -36.55 -6.30
C GLU D 42 21.24 -37.33 -6.95
N LEU D 43 20.20 -37.68 -6.19
CA LEU D 43 19.18 -38.54 -6.78
C LEU D 43 18.39 -37.77 -7.84
N GLN D 44 18.37 -36.44 -7.75
CA GLN D 44 17.64 -35.63 -8.72
C GLN D 44 18.36 -35.60 -10.07
N TYR D 45 19.69 -35.63 -10.04
CA TYR D 45 20.46 -35.69 -11.26
C TYR D 45 20.25 -37.05 -11.94
N LEU D 46 20.31 -38.12 -11.14
CA LEU D 46 20.17 -39.47 -11.66
C LEU D 46 18.74 -39.68 -12.16
N GLY D 47 17.78 -39.03 -11.48
CA GLY D 47 16.39 -38.93 -11.89
C GLY D 47 16.26 -38.37 -13.32
N GLN D 48 16.91 -37.22 -13.54
CA GLN D 48 16.86 -36.57 -14.84
C GLN D 48 17.48 -37.48 -15.89
N ILE D 49 18.63 -38.10 -15.56
CA ILE D 49 19.30 -39.05 -16.44
C ILE D 49 18.30 -40.15 -16.81
N GLN D 50 17.75 -40.80 -15.77
CA GLN D 50 16.75 -41.84 -15.93
C GLN D 50 15.67 -41.36 -16.91
N HIS D 51 15.03 -40.26 -16.52
CA HIS D 51 13.94 -39.69 -17.30
C HIS D 51 14.39 -39.47 -18.74
N ILE D 52 15.59 -38.92 -18.96
CA ILE D 52 15.93 -38.67 -20.36
C ILE D 52 16.07 -40.00 -21.11
N LEU D 53 16.76 -40.99 -20.50
CA LEU D 53 16.92 -42.31 -21.14
C LEU D 53 15.55 -42.90 -21.47
N ARG D 54 14.60 -42.81 -20.54
CA ARG D 54 13.25 -43.32 -20.78
C ARG D 54 12.57 -42.44 -21.84
N CYS D 55 12.33 -41.16 -21.50
CA CYS D 55 11.33 -40.37 -22.20
C CYS D 55 11.92 -39.43 -23.25
N GLY D 56 13.25 -39.28 -23.28
CA GLY D 56 13.84 -38.29 -24.19
C GLY D 56 13.59 -38.66 -25.64
N VAL D 57 13.54 -37.66 -26.53
CA VAL D 57 13.31 -37.99 -27.92
C VAL D 57 14.61 -37.80 -28.68
N ARG D 58 14.68 -38.43 -29.85
CA ARG D 58 15.83 -38.44 -30.72
C ARG D 58 15.92 -37.10 -31.47
N LYS D 59 16.93 -36.29 -31.13
CA LYS D 59 17.09 -34.98 -31.73
C LYS D 59 18.47 -34.86 -32.34
N ASP D 60 18.55 -34.49 -33.62
CA ASP D 60 19.81 -34.22 -34.29
C ASP D 60 20.48 -33.04 -33.62
N ASP D 61 21.80 -32.91 -33.77
CA ASP D 61 22.49 -31.85 -33.04
C ASP D 61 23.54 -31.18 -33.92
N ARG D 62 24.16 -30.13 -33.33
CA ARG D 62 25.08 -29.25 -34.02
C ARG D 62 26.35 -30.01 -34.44
N THR D 63 26.68 -31.08 -33.70
CA THR D 63 27.97 -31.75 -33.75
C THR D 63 27.90 -33.04 -34.58
N GLY D 64 26.69 -33.45 -34.99
CA GLY D 64 26.56 -34.69 -35.73
C GLY D 64 26.51 -35.95 -34.86
N THR D 65 26.62 -35.81 -33.53
CA THR D 65 26.67 -36.95 -32.63
C THR D 65 25.28 -37.52 -32.34
N GLY D 66 24.25 -36.67 -32.41
CA GLY D 66 22.90 -37.03 -32.01
C GLY D 66 22.71 -37.06 -30.49
N THR D 67 21.48 -36.74 -30.06
CA THR D 67 21.14 -36.69 -28.65
C THR D 67 19.79 -37.37 -28.44
N LEU D 68 19.59 -37.81 -27.20
CA LEU D 68 18.27 -37.96 -26.61
C LEU D 68 18.06 -36.69 -25.78
N SER D 69 16.91 -36.05 -26.00
CA SER D 69 16.70 -34.67 -25.61
C SER D 69 15.35 -34.55 -24.91
N VAL D 70 15.34 -33.73 -23.85
CA VAL D 70 14.13 -33.33 -23.13
C VAL D 70 14.26 -31.84 -22.84
N PHE D 71 13.23 -31.07 -23.23
CA PHE D 71 13.15 -29.62 -23.10
C PHE D 71 12.41 -29.24 -21.83
N GLY D 72 13.16 -28.62 -20.89
CA GLY D 72 12.62 -27.99 -19.71
C GLY D 72 12.61 -28.96 -18.53
N MET D 73 13.50 -28.69 -17.56
CA MET D 73 13.59 -29.46 -16.33
C MET D 73 14.13 -28.55 -15.21
N GLN D 74 14.00 -29.01 -13.96
CA GLN D 74 14.44 -28.25 -12.81
C GLN D 74 14.81 -29.24 -11.71
N ALA D 75 15.90 -28.93 -10.99
CA ALA D 75 16.26 -29.68 -9.80
C ALA D 75 16.64 -28.70 -8.72
N ARG D 76 16.41 -29.11 -7.46
CA ARG D 76 16.76 -28.29 -6.31
C ARG D 76 17.86 -28.99 -5.52
N TYR D 77 19.00 -28.33 -5.30
CA TYR D 77 20.03 -28.95 -4.48
C TYR D 77 20.31 -28.13 -3.23
N SER D 78 20.14 -28.73 -2.05
CA SER D 78 20.47 -28.00 -0.84
C SER D 78 21.97 -27.71 -0.79
N LEU D 79 22.31 -26.50 -0.34
CA LEU D 79 23.69 -26.15 -0.05
C LEU D 79 23.91 -26.00 1.46
N ARG D 80 23.09 -26.68 2.28
CA ARG D 80 23.09 -26.45 3.73
C ARG D 80 23.91 -27.52 4.44
N ASP D 81 25.11 -27.11 4.90
CA ASP D 81 26.11 -27.97 5.53
C ASP D 81 26.52 -29.10 4.59
N GLU D 82 26.42 -28.88 3.27
CA GLU D 82 26.87 -29.83 2.27
C GLU D 82 27.01 -29.14 0.92
N PHE D 83 27.84 -29.72 0.04
CA PHE D 83 28.14 -29.19 -1.28
C PHE D 83 27.81 -30.24 -2.32
N PRO D 84 26.95 -29.96 -3.33
CA PRO D 84 26.52 -31.00 -4.27
C PRO D 84 27.58 -31.24 -5.35
N LEU D 85 28.70 -31.83 -4.93
CA LEU D 85 29.74 -32.38 -5.81
C LEU D 85 29.46 -33.87 -5.97
N LEU D 86 28.96 -34.27 -7.17
CA LEU D 86 28.44 -35.59 -7.45
C LEU D 86 29.44 -36.64 -7.01
N THR D 87 28.92 -37.74 -6.43
CA THR D 87 29.76 -38.78 -5.88
C THR D 87 29.68 -40.06 -6.70
N THR D 88 28.65 -40.20 -7.57
CA THR D 88 28.55 -41.41 -8.36
C THR D 88 29.53 -41.40 -9.54
N LYS D 89 30.34 -40.33 -9.63
CA LYS D 89 31.53 -40.27 -10.48
C LYS D 89 32.45 -39.20 -9.89
N ARG D 90 33.69 -39.12 -10.38
CA ARG D 90 34.58 -38.08 -9.91
C ARG D 90 34.43 -36.87 -10.82
N VAL D 91 34.18 -35.71 -10.19
CA VAL D 91 34.01 -34.42 -10.84
C VAL D 91 35.32 -33.65 -10.72
N PHE D 92 35.65 -32.93 -11.80
CA PHE D 92 36.88 -32.16 -11.95
C PHE D 92 36.86 -30.91 -11.05
N TRP D 93 37.01 -31.13 -9.74
CA TRP D 93 37.00 -30.03 -8.77
C TRP D 93 37.95 -28.91 -9.18
N LYS D 94 39.23 -29.24 -9.42
CA LYS D 94 40.25 -28.26 -9.71
C LYS D 94 39.75 -27.33 -10.82
N GLY D 95 39.03 -27.92 -11.78
CA GLY D 95 38.49 -27.19 -12.92
C GLY D 95 37.36 -26.22 -12.55
N VAL D 96 36.34 -26.71 -11.82
CA VAL D 96 35.22 -25.83 -11.47
C VAL D 96 35.74 -24.58 -10.77
N LEU D 97 36.68 -24.78 -9.83
CA LEU D 97 37.16 -23.75 -8.92
C LEU D 97 38.03 -22.75 -9.69
N GLU D 98 38.97 -23.28 -10.46
CA GLU D 98 39.93 -22.44 -11.17
C GLU D 98 39.24 -21.66 -12.29
N GLU D 99 38.20 -22.28 -12.92
CA GLU D 99 37.45 -21.61 -13.98
C GLU D 99 36.56 -20.53 -13.37
N LEU D 100 35.97 -20.80 -12.20
CA LEU D 100 35.18 -19.79 -11.54
C LEU D 100 36.03 -18.56 -11.21
N LEU D 101 37.19 -18.73 -10.56
CA LEU D 101 38.03 -17.58 -10.26
C LEU D 101 38.40 -16.85 -11.54
N TRP D 102 38.44 -17.61 -12.65
CA TRP D 102 38.82 -17.07 -13.94
C TRP D 102 37.70 -16.16 -14.47
N PHE D 103 36.45 -16.58 -14.21
CA PHE D 103 35.27 -15.83 -14.62
C PHE D 103 35.23 -14.51 -13.87
N ILE D 104 35.38 -14.60 -12.55
CA ILE D 104 35.32 -13.48 -11.63
C ILE D 104 36.33 -12.40 -12.05
N LYS D 105 37.57 -12.83 -12.36
CA LYS D 105 38.60 -11.86 -12.66
C LYS D 105 38.26 -11.10 -13.95
N GLY D 106 37.27 -11.61 -14.67
CA GLY D 106 36.77 -10.96 -15.88
C GLY D 106 37.62 -11.30 -17.11
N SER D 107 38.40 -12.38 -16.99
CA SER D 107 39.33 -12.79 -18.03
C SER D 107 38.63 -13.41 -19.24
N THR D 108 39.14 -13.07 -20.43
CA THR D 108 38.72 -13.72 -21.67
C THR D 108 39.92 -14.29 -22.44
N ASN D 109 40.98 -14.62 -21.70
CA ASN D 109 42.24 -15.13 -22.22
C ASN D 109 42.38 -16.58 -21.76
N ALA D 110 42.43 -17.51 -22.71
CA ALA D 110 42.48 -18.92 -22.36
C ALA D 110 43.81 -19.29 -21.67
N LYS D 111 44.90 -18.61 -22.07
CA LYS D 111 46.23 -18.90 -21.53
C LYS D 111 46.22 -18.74 -20.01
N GLU D 112 45.46 -17.74 -19.53
CA GLU D 112 45.36 -17.37 -18.13
C GLU D 112 44.72 -18.49 -17.32
N LEU D 113 43.89 -19.31 -17.97
CA LEU D 113 43.25 -20.41 -17.25
C LEU D 113 44.12 -21.67 -17.41
N SER D 114 44.72 -21.79 -18.59
CA SER D 114 45.61 -22.91 -18.90
C SER D 114 46.74 -22.96 -17.88
N SER D 115 47.28 -21.79 -17.54
CA SER D 115 48.47 -21.70 -16.69
C SER D 115 48.18 -22.32 -15.33
N LYS D 116 46.89 -22.43 -14.99
CA LYS D 116 46.47 -22.95 -13.70
C LYS D 116 46.40 -24.48 -13.77
N GLY D 117 46.54 -25.03 -14.98
CA GLY D 117 46.52 -26.46 -15.19
C GLY D 117 45.12 -26.96 -15.52
N VAL D 118 44.32 -26.05 -16.11
CA VAL D 118 42.96 -26.35 -16.49
C VAL D 118 42.79 -25.96 -17.96
N LYS D 119 42.41 -26.95 -18.77
CA LYS D 119 42.64 -26.93 -20.20
C LYS D 119 41.32 -26.89 -20.95
N ILE D 120 40.22 -26.63 -20.23
CA ILE D 120 38.89 -26.89 -20.77
C ILE D 120 38.48 -25.91 -21.85
N TRP D 121 39.16 -24.75 -22.01
CA TRP D 121 38.84 -23.78 -23.04
C TRP D 121 40.01 -23.51 -23.97
N ASP D 122 41.03 -24.37 -23.94
CA ASP D 122 42.19 -24.15 -24.79
C ASP D 122 41.82 -24.27 -26.27
N ALA D 123 41.00 -25.29 -26.58
CA ALA D 123 40.62 -25.63 -27.94
C ALA D 123 40.22 -24.37 -28.70
N ASN D 124 39.29 -23.60 -28.12
CA ASN D 124 38.70 -22.46 -28.80
C ASN D 124 39.66 -21.29 -28.78
N GLY D 125 40.75 -21.43 -28.01
CA GLY D 125 41.78 -20.42 -27.93
C GLY D 125 42.82 -20.54 -29.04
N SER D 126 42.87 -21.72 -29.68
CA SER D 126 43.95 -22.06 -30.60
C SER D 126 44.01 -21.18 -31.86
N ARG D 127 45.22 -21.07 -32.41
CA ARG D 127 45.47 -20.38 -33.66
C ARG D 127 44.50 -20.88 -34.74
N ASP D 128 44.50 -22.21 -34.91
CA ASP D 128 43.73 -22.92 -35.92
C ASP D 128 42.26 -22.58 -35.82
N PHE D 129 41.71 -22.77 -34.61
CA PHE D 129 40.28 -22.64 -34.36
C PHE D 129 39.83 -21.22 -34.65
N LEU D 130 40.63 -20.26 -34.20
CA LEU D 130 40.28 -18.86 -34.33
C LEU D 130 40.25 -18.46 -35.81
N ASP D 131 41.19 -19.04 -36.57
CA ASP D 131 41.31 -18.81 -38.00
C ASP D 131 40.10 -19.37 -38.74
N SER D 132 39.75 -20.62 -38.40
CA SER D 132 38.61 -21.30 -38.98
C SER D 132 37.33 -20.50 -38.74
N LEU D 133 37.29 -19.78 -37.62
CA LEU D 133 36.11 -19.01 -37.25
C LEU D 133 36.04 -17.69 -38.01
N GLY D 134 37.16 -17.29 -38.64
CA GLY D 134 37.25 -16.05 -39.40
C GLY D 134 38.05 -14.96 -38.68
N PHE D 135 38.53 -15.25 -37.46
CA PHE D 135 39.14 -14.25 -36.60
C PHE D 135 40.64 -14.21 -36.82
N SER D 136 41.05 -13.64 -37.95
CA SER D 136 42.43 -13.73 -38.43
C SER D 136 43.40 -12.93 -37.54
N THR D 137 42.92 -11.84 -36.91
CA THR D 137 43.85 -10.97 -36.19
C THR D 137 43.91 -11.27 -34.69
N ARG D 138 42.98 -12.07 -34.17
CA ARG D 138 42.98 -12.34 -32.74
C ARG D 138 44.28 -13.04 -32.35
N GLU D 139 44.86 -12.58 -31.23
CA GLU D 139 45.96 -13.27 -30.58
C GLU D 139 45.46 -14.59 -29.97
N GLU D 140 46.34 -15.60 -29.96
CA GLU D 140 46.09 -16.93 -29.44
C GLU D 140 45.66 -16.90 -27.97
N GLY D 141 44.41 -17.30 -27.72
CA GLY D 141 43.82 -17.37 -26.39
C GLY D 141 42.65 -16.39 -26.20
N ASP D 142 42.49 -15.47 -27.17
CA ASP D 142 41.47 -14.43 -27.16
C ASP D 142 40.11 -15.00 -27.55
N LEU D 143 39.39 -15.53 -26.53
CA LEU D 143 38.06 -16.11 -26.63
C LEU D 143 36.99 -15.09 -27.03
N GLY D 144 37.32 -13.79 -27.06
CA GLY D 144 36.32 -12.75 -27.25
C GLY D 144 35.52 -12.45 -25.98
N PRO D 145 34.41 -11.67 -26.10
CA PRO D 145 33.67 -11.18 -24.95
C PRO D 145 32.77 -12.23 -24.34
N VAL D 146 33.38 -13.26 -23.74
CA VAL D 146 32.65 -14.37 -23.15
C VAL D 146 32.43 -14.11 -21.64
N TYR D 147 32.09 -15.16 -20.89
CA TYR D 147 31.41 -15.09 -19.59
C TYR D 147 32.02 -14.02 -18.65
N GLY D 148 33.28 -14.18 -18.27
CA GLY D 148 33.93 -13.24 -17.37
C GLY D 148 33.65 -11.77 -17.73
N PHE D 149 33.64 -11.48 -19.03
CA PHE D 149 33.53 -10.13 -19.53
C PHE D 149 32.09 -9.63 -19.52
N GLN D 150 31.10 -10.52 -19.70
CA GLN D 150 29.71 -10.07 -19.64
C GLN D 150 29.37 -9.82 -18.18
N TRP D 151 30.03 -10.59 -17.31
CA TRP D 151 29.88 -10.45 -15.87
C TRP D 151 30.38 -9.11 -15.34
N ARG D 152 31.60 -8.72 -15.74
CA ARG D 152 32.25 -7.54 -15.18
C ARG D 152 32.02 -6.30 -16.05
N HIS D 153 31.72 -6.45 -17.34
CA HIS D 153 31.72 -5.32 -18.25
C HIS D 153 30.60 -5.42 -19.29
N PHE D 154 29.42 -5.93 -18.89
CA PHE D 154 28.30 -6.05 -19.82
C PHE D 154 28.18 -4.78 -20.67
N GLY D 155 28.37 -4.93 -21.99
CA GLY D 155 27.94 -3.90 -22.92
C GLY D 155 29.03 -2.90 -23.26
N ALA D 156 30.20 -3.05 -22.63
CA ALA D 156 31.42 -2.43 -23.12
C ALA D 156 31.67 -2.89 -24.55
N GLU D 157 32.41 -2.07 -25.32
CA GLU D 157 32.88 -2.43 -26.65
C GLU D 157 34.16 -3.25 -26.49
N TYR D 158 34.17 -4.49 -27.02
CA TYR D 158 35.34 -5.34 -26.92
C TYR D 158 36.42 -4.85 -27.90
N ARG D 159 37.65 -4.73 -27.40
CA ARG D 159 38.83 -4.53 -28.21
C ARG D 159 39.58 -5.86 -28.33
N ASP D 160 40.35 -6.22 -27.30
CA ASP D 160 40.98 -7.53 -27.27
C ASP D 160 41.14 -8.01 -25.82
N MET D 161 41.91 -9.11 -25.66
CA MET D 161 41.90 -9.80 -24.38
C MET D 161 42.80 -9.13 -23.36
N GLU D 162 43.70 -8.25 -23.81
CA GLU D 162 44.62 -7.60 -22.88
C GLU D 162 44.22 -6.15 -22.66
N SER D 163 43.28 -5.66 -23.49
CA SER D 163 42.65 -4.35 -23.37
C SER D 163 42.13 -4.11 -21.96
N ASP D 164 42.15 -2.85 -21.48
CA ASP D 164 41.76 -2.51 -20.12
C ASP D 164 40.31 -2.00 -20.10
N TYR D 165 39.47 -2.61 -19.26
CA TYR D 165 38.02 -2.41 -19.39
C TYR D 165 37.41 -1.61 -18.23
N SER D 166 38.12 -1.57 -17.09
CA SER D 166 37.68 -0.96 -15.84
C SER D 166 36.88 0.32 -16.08
N GLY D 167 35.65 0.33 -15.54
CA GLY D 167 34.73 1.45 -15.63
C GLY D 167 33.92 1.50 -16.93
N GLN D 168 33.98 0.45 -17.77
CA GLN D 168 33.14 0.41 -18.96
C GLN D 168 32.14 -0.73 -18.85
N GLY D 169 30.92 -0.50 -19.35
CA GLY D 169 29.84 -1.46 -19.22
C GLY D 169 29.38 -1.68 -17.76
N VAL D 170 28.39 -2.54 -17.59
CA VAL D 170 27.80 -2.77 -16.28
C VAL D 170 28.58 -3.89 -15.61
N ASP D 171 28.98 -3.64 -14.36
CA ASP D 171 29.56 -4.69 -13.54
C ASP D 171 28.46 -5.35 -12.71
N GLN D 172 27.90 -6.45 -13.23
CA GLN D 172 26.79 -7.14 -12.62
C GLN D 172 27.20 -7.91 -11.36
N LEU D 173 28.44 -8.44 -11.33
CA LEU D 173 28.77 -9.26 -10.19
C LEU D 173 28.82 -8.39 -8.94
N GLN D 174 29.42 -7.21 -9.05
CA GLN D 174 29.51 -6.30 -7.91
C GLN D 174 28.11 -5.76 -7.59
N ARG D 175 27.35 -5.44 -8.64
CA ARG D 175 26.00 -4.94 -8.47
C ARG D 175 25.16 -5.97 -7.72
N VAL D 176 25.39 -7.26 -8.00
CA VAL D 176 24.64 -8.33 -7.38
C VAL D 176 25.02 -8.38 -5.91
N ILE D 177 26.33 -8.21 -5.65
CA ILE D 177 26.87 -8.23 -4.29
C ILE D 177 26.38 -7.01 -3.50
N ASP D 178 26.25 -5.86 -4.15
CA ASP D 178 25.73 -4.67 -3.49
C ASP D 178 24.25 -4.84 -3.14
N THR D 179 23.44 -5.38 -4.06
CA THR D 179 22.03 -5.51 -3.79
C THR D 179 21.79 -6.51 -2.67
N ILE D 180 22.58 -7.60 -2.66
CA ILE D 180 22.35 -8.64 -1.66
C ILE D 180 22.62 -8.05 -0.28
N LYS D 181 23.62 -7.17 -0.20
CA LYS D 181 24.07 -6.64 1.06
C LYS D 181 23.11 -5.54 1.54
N THR D 182 22.46 -4.83 0.61
CA THR D 182 21.73 -3.61 0.94
C THR D 182 20.22 -3.77 0.74
N ASN D 183 19.79 -4.85 0.09
CA ASN D 183 18.38 -4.96 -0.27
C ASN D 183 18.07 -6.40 -0.63
N PRO D 184 18.18 -7.32 0.35
CA PRO D 184 17.92 -8.75 0.12
C PRO D 184 16.56 -9.11 -0.44
N ASP D 185 15.54 -8.28 -0.20
CA ASP D 185 14.18 -8.63 -0.60
C ASP D 185 14.00 -8.45 -2.10
N ASP D 186 14.95 -7.77 -2.75
CA ASP D 186 14.85 -7.34 -4.13
C ASP D 186 14.77 -8.54 -5.08
N ARG D 187 13.87 -8.45 -6.07
CA ARG D 187 13.49 -9.55 -6.94
C ARG D 187 14.09 -9.32 -8.32
N ARG D 188 15.16 -8.51 -8.37
CA ARG D 188 15.83 -8.23 -9.62
C ARG D 188 17.32 -8.55 -9.52
N ILE D 189 17.71 -9.45 -8.61
CA ILE D 189 19.13 -9.73 -8.45
C ILE D 189 19.54 -10.71 -9.54
N ILE D 190 19.92 -10.17 -10.70
CA ILE D 190 20.04 -10.94 -11.93
C ILE D 190 21.41 -10.65 -12.55
N MET D 191 22.09 -11.72 -12.94
CA MET D 191 23.28 -11.62 -13.76
C MET D 191 22.98 -12.28 -15.11
N CYS D 192 23.30 -11.60 -16.21
CA CYS D 192 22.97 -12.08 -17.54
C CYS D 192 24.20 -12.05 -18.47
N ALA D 193 24.55 -13.19 -19.08
CA ALA D 193 25.66 -13.25 -20.02
C ALA D 193 25.14 -13.30 -21.46
N TRP D 194 23.82 -13.35 -21.61
CA TRP D 194 23.26 -13.25 -22.95
C TRP D 194 23.46 -11.83 -23.47
N ASN D 195 24.31 -11.65 -24.48
CA ASN D 195 24.43 -10.39 -25.19
C ASN D 195 24.37 -10.63 -26.70
N PRO D 196 23.19 -10.54 -27.34
CA PRO D 196 23.06 -10.86 -28.76
C PRO D 196 23.91 -9.99 -29.69
N ARG D 197 24.39 -8.85 -29.16
CA ARG D 197 25.21 -7.93 -29.94
C ARG D 197 26.66 -8.44 -29.98
N ASP D 198 27.03 -9.29 -29.00
CA ASP D 198 28.38 -9.82 -28.78
C ASP D 198 28.50 -11.29 -29.19
N LEU D 199 27.46 -11.87 -29.79
CA LEU D 199 27.51 -13.28 -30.17
C LEU D 199 28.54 -13.50 -31.28
N PRO D 200 28.48 -12.75 -32.40
CA PRO D 200 29.36 -13.03 -33.54
C PRO D 200 30.86 -12.95 -33.22
N LEU D 201 31.19 -12.45 -32.02
CA LEU D 201 32.56 -12.26 -31.60
C LEU D 201 33.01 -13.33 -30.62
N MET D 202 32.10 -14.21 -30.20
CA MET D 202 32.47 -15.18 -29.19
C MET D 202 32.95 -16.46 -29.86
N ALA D 203 33.90 -17.15 -29.21
CA ALA D 203 34.31 -18.47 -29.64
C ALA D 203 33.54 -19.62 -28.95
N LEU D 204 32.43 -19.30 -28.24
CA LEU D 204 31.27 -20.19 -28.02
C LEU D 204 30.14 -19.53 -27.23
N PRO D 205 28.95 -19.30 -27.86
CA PRO D 205 27.81 -18.66 -27.19
C PRO D 205 27.46 -19.29 -25.86
N PRO D 206 27.01 -18.49 -24.88
CA PRO D 206 26.94 -18.91 -23.47
C PRO D 206 25.79 -19.85 -23.16
N CYS D 207 26.05 -20.75 -22.20
CA CYS D 207 25.02 -21.58 -21.59
C CYS D 207 24.47 -20.84 -20.38
N HIS D 208 25.34 -20.11 -19.68
CA HIS D 208 24.96 -19.25 -18.56
C HIS D 208 24.22 -18.00 -19.06
N ALA D 209 22.98 -18.19 -19.53
CA ALA D 209 22.20 -17.07 -20.04
C ALA D 209 21.85 -16.12 -18.88
N LEU D 210 21.45 -16.67 -17.74
CA LEU D 210 21.26 -15.82 -16.59
C LEU D 210 21.11 -16.64 -15.31
N CYS D 211 21.47 -16.00 -14.18
CA CYS D 211 21.17 -16.57 -12.89
C CYS D 211 20.56 -15.49 -11.99
N GLN D 212 19.74 -15.93 -11.04
CA GLN D 212 19.09 -15.04 -10.13
C GLN D 212 19.43 -15.48 -8.70
N PHE D 213 19.66 -14.48 -7.84
CA PHE D 213 19.85 -14.75 -6.44
C PHE D 213 18.61 -14.27 -5.73
N TYR D 214 18.44 -14.81 -4.53
CA TYR D 214 17.25 -14.61 -3.73
C TYR D 214 17.69 -14.71 -2.27
N VAL D 215 17.20 -13.81 -1.42
CA VAL D 215 17.50 -13.90 0.01
C VAL D 215 16.20 -14.09 0.79
N VAL D 216 16.26 -14.94 1.81
CA VAL D 216 15.19 -15.10 2.78
C VAL D 216 15.74 -15.83 4.02
N ASN D 217 15.43 -15.25 5.19
CA ASN D 217 15.81 -15.79 6.49
C ASN D 217 17.32 -16.03 6.50
N SER D 218 18.07 -15.02 6.08
CA SER D 218 19.53 -15.05 6.16
C SER D 218 20.13 -16.08 5.18
N GLU D 219 19.30 -16.71 4.33
CA GLU D 219 19.79 -17.71 3.39
C GLU D 219 19.81 -17.14 1.98
N LEU D 220 20.93 -17.36 1.26
CA LEU D 220 21.07 -16.97 -0.13
C LEU D 220 20.91 -18.18 -1.05
N SER D 221 19.98 -18.11 -2.01
CA SER D 221 19.77 -19.12 -3.03
C SER D 221 20.19 -18.59 -4.40
N CYS D 222 20.40 -19.52 -5.35
CA CYS D 222 20.71 -19.19 -6.73
C CYS D 222 19.91 -20.11 -7.64
N GLN D 223 19.39 -19.55 -8.72
CA GLN D 223 18.81 -20.37 -9.79
C GLN D 223 19.51 -19.98 -11.08
N LEU D 224 20.03 -20.99 -11.80
CA LEU D 224 20.71 -20.81 -13.08
C LEU D 224 19.80 -21.23 -14.24
N TYR D 225 19.71 -20.41 -15.29
CA TYR D 225 19.01 -20.82 -16.49
C TYR D 225 20.03 -21.29 -17.53
N GLN D 226 20.20 -22.62 -17.61
CA GLN D 226 21.10 -23.26 -18.55
C GLN D 226 20.32 -23.69 -19.79
N ARG D 227 20.47 -22.91 -20.88
CA ARG D 227 19.70 -23.08 -22.11
C ARG D 227 19.96 -24.46 -22.74
N SER D 228 21.12 -25.06 -22.41
CA SER D 228 21.63 -26.24 -23.08
C SER D 228 22.58 -26.97 -22.13
N GLY D 229 22.19 -28.21 -21.76
CA GLY D 229 22.92 -28.99 -20.78
C GLY D 229 23.28 -30.39 -21.27
N ASP D 230 24.58 -30.58 -21.53
CA ASP D 230 25.19 -31.87 -21.71
C ASP D 230 25.13 -32.63 -20.40
N MET D 231 24.17 -33.57 -20.25
CA MET D 231 23.95 -34.20 -18.94
C MET D 231 25.17 -34.99 -18.47
N GLY D 232 25.94 -35.61 -19.38
CA GLY D 232 27.05 -36.43 -18.92
C GLY D 232 28.28 -35.62 -18.51
N LEU D 233 28.76 -34.76 -19.41
CA LEU D 233 30.03 -34.11 -19.18
C LEU D 233 29.82 -32.80 -18.41
N GLY D 234 29.14 -31.84 -19.04
CA GLY D 234 29.12 -30.46 -18.57
C GLY D 234 28.29 -30.26 -17.31
N VAL D 235 27.16 -30.97 -17.21
CA VAL D 235 26.19 -30.59 -16.19
C VAL D 235 26.74 -30.75 -14.78
N PRO D 236 27.37 -31.88 -14.40
CA PRO D 236 27.83 -32.06 -13.01
C PRO D 236 28.86 -31.01 -12.61
N PHE D 237 29.55 -30.50 -13.63
CA PHE D 237 30.54 -29.45 -13.52
C PHE D 237 29.82 -28.12 -13.28
N ASN D 238 28.90 -27.78 -14.18
CA ASN D 238 27.98 -26.64 -14.04
C ASN D 238 27.38 -26.56 -12.63
N ILE D 239 26.77 -27.66 -12.12
CA ILE D 239 26.10 -27.65 -10.84
C ILE D 239 27.05 -27.21 -9.74
N ALA D 240 28.30 -27.73 -9.78
CA ALA D 240 29.35 -27.37 -8.85
C ALA D 240 29.68 -25.88 -8.99
N SER D 241 30.00 -25.45 -10.21
CA SER D 241 30.30 -24.06 -10.52
C SER D 241 29.39 -23.12 -9.74
N TYR D 242 28.07 -23.25 -9.89
CA TYR D 242 27.15 -22.25 -9.39
C TYR D 242 26.91 -22.43 -7.90
N ALA D 243 27.05 -23.66 -7.40
CA ALA D 243 27.01 -23.86 -5.96
C ALA D 243 28.18 -23.12 -5.31
N LEU D 244 29.38 -23.36 -5.83
CA LEU D 244 30.55 -22.65 -5.36
C LEU D 244 30.36 -21.13 -5.43
N LEU D 245 29.88 -20.60 -6.55
CA LEU D 245 29.63 -19.16 -6.62
C LEU D 245 28.70 -18.72 -5.49
N THR D 246 27.75 -19.58 -5.16
CA THR D 246 26.74 -19.23 -4.18
C THR D 246 27.39 -19.18 -2.81
N TYR D 247 28.33 -20.11 -2.56
CA TYR D 247 29.13 -20.14 -1.33
C TYR D 247 30.00 -18.89 -1.26
N MET D 248 30.62 -18.53 -2.37
CA MET D 248 31.50 -17.39 -2.38
C MET D 248 30.70 -16.17 -1.91
N ILE D 249 29.59 -15.87 -2.62
CA ILE D 249 28.86 -14.64 -2.38
C ILE D 249 28.27 -14.64 -0.98
N ALA D 250 27.73 -15.79 -0.56
CA ALA D 250 27.20 -15.92 0.78
C ALA D 250 28.23 -15.42 1.79
N HIS D 251 29.43 -16.02 1.73
CA HIS D 251 30.50 -15.78 2.68
C HIS D 251 30.84 -14.29 2.80
N ILE D 252 30.92 -13.57 1.68
CA ILE D 252 31.29 -12.16 1.76
C ILE D 252 30.07 -11.26 1.98
N THR D 253 28.91 -11.83 2.34
CA THR D 253 27.74 -11.02 2.64
C THR D 253 27.16 -11.47 3.97
N GLY D 254 27.93 -12.32 4.67
CA GLY D 254 27.55 -12.82 5.99
C GLY D 254 26.23 -13.59 5.97
N LEU D 255 25.98 -14.30 4.88
CA LEU D 255 24.77 -15.10 4.74
C LEU D 255 25.12 -16.58 4.76
N LYS D 256 24.11 -17.42 5.01
CA LYS D 256 24.21 -18.86 4.92
C LYS D 256 23.70 -19.28 3.55
N PRO D 257 24.34 -20.28 2.90
CA PRO D 257 23.91 -20.74 1.57
C PRO D 257 22.62 -21.54 1.72
N GLY D 258 21.76 -21.47 0.71
CA GLY D 258 20.47 -22.11 0.84
C GLY D 258 20.32 -23.26 -0.16
N ASP D 259 19.59 -22.98 -1.24
CA ASP D 259 19.28 -23.94 -2.29
C ASP D 259 19.92 -23.47 -3.59
N PHE D 260 20.47 -24.42 -4.35
CA PHE D 260 20.79 -24.16 -5.74
C PHE D 260 19.70 -24.78 -6.63
N ILE D 261 19.06 -23.93 -7.44
CA ILE D 261 18.02 -24.37 -8.36
C ILE D 261 18.59 -24.36 -9.77
N HIS D 262 18.56 -25.55 -10.39
CA HIS D 262 19.12 -25.73 -11.72
C HIS D 262 17.99 -25.93 -12.72
N THR D 263 17.94 -25.04 -13.72
CA THR D 263 16.86 -25.00 -14.72
C THR D 263 17.46 -25.19 -16.10
N LEU D 264 16.97 -26.22 -16.81
CA LEU D 264 17.49 -26.60 -18.12
C LEU D 264 16.47 -26.14 -19.13
N GLY D 265 17.02 -25.75 -20.32
CA GLY D 265 16.29 -25.72 -21.58
C GLY D 265 16.32 -27.08 -22.28
N ASP D 266 17.26 -27.24 -23.22
CA ASP D 266 17.43 -28.51 -23.91
C ASP D 266 18.41 -29.33 -23.06
N ALA D 267 17.85 -30.22 -22.21
CA ALA D 267 18.61 -31.21 -21.47
C ALA D 267 18.84 -32.44 -22.36
N HIS D 268 20.10 -32.72 -22.65
CA HIS D 268 20.38 -33.77 -23.63
C HIS D 268 21.43 -34.75 -23.13
N ILE D 269 21.33 -35.98 -23.66
CA ILE D 269 22.36 -36.98 -23.45
C ILE D 269 22.91 -37.35 -24.82
N TYR D 270 24.20 -37.11 -25.03
CA TYR D 270 24.84 -37.51 -26.27
C TYR D 270 24.86 -39.03 -26.36
N LEU D 271 24.70 -39.57 -27.58
CA LEU D 271 24.55 -41.02 -27.79
C LEU D 271 25.68 -41.81 -27.12
N ASN D 272 26.92 -41.40 -27.42
CA ASN D 272 28.10 -42.10 -26.93
C ASN D 272 28.17 -42.08 -25.39
N HIS D 273 27.31 -41.27 -24.73
CA HIS D 273 27.36 -41.25 -23.27
C HIS D 273 26.36 -42.23 -22.67
N ILE D 274 25.53 -42.85 -23.53
CA ILE D 274 24.44 -43.67 -23.00
C ILE D 274 24.96 -44.80 -22.11
N GLU D 275 25.86 -45.62 -22.66
CA GLU D 275 26.46 -46.73 -21.94
C GLU D 275 27.13 -46.23 -20.65
N PRO D 276 28.14 -45.34 -20.71
CA PRO D 276 28.71 -44.79 -19.50
C PRO D 276 27.68 -44.35 -18.45
N LEU D 277 26.57 -43.74 -18.89
CA LEU D 277 25.57 -43.22 -17.95
C LEU D 277 24.73 -44.35 -17.33
N LYS D 278 24.49 -45.43 -18.10
CA LYS D 278 23.72 -46.57 -17.61
C LYS D 278 24.44 -47.25 -16.45
N ILE D 279 25.78 -47.35 -16.57
CA ILE D 279 26.61 -47.86 -15.49
C ILE D 279 26.62 -46.87 -14.33
N GLN D 280 26.65 -45.57 -14.62
CA GLN D 280 26.71 -44.59 -13.54
C GLN D 280 25.50 -44.77 -12.62
N LEU D 281 24.35 -45.09 -13.22
CA LEU D 281 23.09 -45.22 -12.49
C LEU D 281 23.16 -46.31 -11.43
N GLN D 282 23.88 -47.41 -11.74
CA GLN D 282 24.09 -48.55 -10.86
C GLN D 282 24.64 -48.11 -9.51
N ARG D 283 25.57 -47.15 -9.53
CA ARG D 283 26.21 -46.74 -8.31
C ARG D 283 25.18 -46.05 -7.41
N GLU D 284 25.32 -46.34 -6.10
CA GLU D 284 24.56 -45.68 -5.06
C GLU D 284 25.39 -44.47 -4.63
N PRO D 285 24.83 -43.24 -4.54
CA PRO D 285 25.59 -42.07 -4.14
C PRO D 285 26.12 -42.14 -2.72
N ARG D 286 27.34 -41.65 -2.52
CA ARG D 286 27.91 -41.52 -1.19
C ARG D 286 27.61 -40.10 -0.72
N PRO D 287 27.59 -39.84 0.62
CA PRO D 287 27.35 -38.48 1.16
C PRO D 287 28.09 -37.38 0.40
N PHE D 288 27.46 -36.20 0.35
CA PHE D 288 28.13 -35.09 -0.30
C PHE D 288 29.28 -34.65 0.60
N PRO D 289 30.39 -34.12 0.03
CA PRO D 289 31.44 -33.51 0.85
C PRO D 289 30.88 -32.25 1.50
N LYS D 290 31.73 -31.54 2.27
CA LYS D 290 31.45 -30.21 2.79
C LYS D 290 32.47 -29.24 2.21
N LEU D 291 32.06 -28.00 1.92
CA LEU D 291 33.08 -27.05 1.48
C LEU D 291 33.50 -26.14 2.62
N ARG D 292 34.82 -25.99 2.81
CA ARG D 292 35.34 -25.10 3.83
C ARG D 292 36.08 -23.95 3.14
N ILE D 293 35.75 -22.72 3.54
CA ILE D 293 36.55 -21.54 3.25
C ILE D 293 37.36 -21.22 4.50
N LEU D 294 38.68 -20.99 4.33
CA LEU D 294 39.66 -21.11 5.40
C LEU D 294 40.01 -19.77 6.05
N ARG D 295 39.85 -18.67 5.31
CA ARG D 295 40.06 -17.34 5.85
C ARG D 295 38.84 -16.44 5.56
N LYS D 296 38.62 -15.44 6.43
CA LYS D 296 37.56 -14.47 6.23
C LYS D 296 37.96 -13.54 5.07
N VAL D 297 37.34 -13.74 3.91
CA VAL D 297 37.61 -12.96 2.71
C VAL D 297 36.55 -11.87 2.64
N GLU D 298 36.89 -10.70 2.09
CA GLU D 298 35.97 -9.58 2.18
C GLU D 298 35.43 -9.14 0.81
N LYS D 299 36.28 -9.00 -0.21
CA LYS D 299 35.82 -8.68 -1.57
C LYS D 299 35.89 -9.93 -2.46
N ILE D 300 35.08 -9.97 -3.53
CA ILE D 300 34.88 -11.17 -4.33
C ILE D 300 36.17 -11.51 -5.09
N ASP D 301 36.91 -10.44 -5.47
CA ASP D 301 38.12 -10.52 -6.27
C ASP D 301 39.31 -11.00 -5.45
N ASP D 302 39.12 -11.19 -4.14
CA ASP D 302 40.20 -11.58 -3.23
C ASP D 302 40.30 -13.09 -3.05
N PHE D 303 39.35 -13.87 -3.59
CA PHE D 303 39.41 -15.30 -3.37
C PHE D 303 40.57 -15.90 -4.16
N LYS D 304 41.28 -16.86 -3.54
CA LYS D 304 42.35 -17.63 -4.14
C LYS D 304 42.03 -19.11 -3.92
N ALA D 305 42.50 -19.98 -4.83
CA ALA D 305 42.14 -21.39 -4.80
C ALA D 305 42.56 -22.02 -3.47
N GLU D 306 43.59 -21.45 -2.85
CA GLU D 306 44.14 -21.82 -1.56
C GLU D 306 43.06 -21.66 -0.47
N ASP D 307 42.03 -20.86 -0.77
CA ASP D 307 41.05 -20.42 0.23
C ASP D 307 39.98 -21.48 0.48
N PHE D 308 39.95 -22.53 -0.36
CA PHE D 308 38.89 -23.53 -0.32
C PHE D 308 39.46 -24.89 0.08
N GLN D 309 38.60 -25.76 0.64
CA GLN D 309 39.02 -27.09 1.03
C GLN D 309 37.81 -28.02 0.94
N ILE D 310 37.86 -28.97 0.02
CA ILE D 310 36.79 -29.95 -0.03
C ILE D 310 37.06 -31.05 1.00
N GLU D 311 36.26 -31.10 2.08
CA GLU D 311 36.37 -32.15 3.09
C GLU D 311 35.36 -33.26 2.82
N GLY D 312 35.83 -34.51 2.64
CA GLY D 312 35.00 -35.68 2.76
C GLY D 312 34.47 -36.25 1.43
N TYR D 313 35.16 -35.96 0.33
CA TYR D 313 34.74 -36.39 -0.99
C TYR D 313 35.21 -37.82 -1.26
N ASN D 314 34.27 -38.78 -1.22
CA ASN D 314 34.63 -40.15 -1.56
C ASN D 314 33.91 -40.56 -2.84
N PRO D 315 34.33 -40.06 -4.02
CA PRO D 315 33.60 -40.33 -5.26
C PRO D 315 33.73 -41.80 -5.64
N HIS D 316 32.86 -42.27 -6.54
CA HIS D 316 33.03 -43.59 -7.14
C HIS D 316 34.12 -43.47 -8.19
N PRO D 317 34.58 -44.60 -8.78
CA PRO D 317 35.59 -44.55 -9.83
C PRO D 317 35.20 -43.56 -10.93
N THR D 318 36.21 -42.90 -11.47
CA THR D 318 36.04 -41.86 -12.46
C THR D 318 35.38 -42.45 -13.71
N ILE D 319 34.43 -41.71 -14.27
CA ILE D 319 33.78 -42.07 -15.52
C ILE D 319 34.10 -40.97 -16.52
N LYS D 320 34.78 -41.35 -17.61
CA LYS D 320 35.10 -40.38 -18.63
C LYS D 320 33.94 -40.34 -19.63
N MET D 321 33.67 -39.14 -20.15
CA MET D 321 32.65 -38.90 -21.14
C MET D 321 33.35 -38.18 -22.28
N GLU D 322 33.37 -38.81 -23.46
CA GLU D 322 34.04 -38.17 -24.58
C GLU D 322 33.27 -36.89 -24.93
N MET D 323 33.99 -35.78 -25.14
CA MET D 323 33.33 -34.56 -25.57
C MET D 323 32.96 -34.70 -27.04
N ALA D 324 31.76 -34.18 -27.39
CA ALA D 324 31.33 -34.13 -28.77
C ALA D 324 31.90 -32.88 -29.46
N VAL D 325 33.23 -32.85 -29.62
CA VAL D 325 33.96 -31.73 -30.22
C VAL D 325 33.66 -31.66 -31.72
N PRO E 38 21.58 27.21 -2.98
CA PRO E 38 22.06 26.64 -1.70
C PRO E 38 22.29 25.13 -1.84
N PRO E 39 23.22 24.52 -1.07
CA PRO E 39 23.40 23.06 -1.07
C PRO E 39 22.20 22.28 -0.51
N HIS E 40 22.08 21.00 -0.89
CA HIS E 40 20.99 20.12 -0.49
C HIS E 40 21.10 19.80 0.99
N GLY E 41 19.96 19.86 1.68
CA GLY E 41 19.84 19.50 3.08
C GLY E 41 20.52 18.17 3.42
N GLU E 42 20.32 17.17 2.56
CA GLU E 42 20.84 15.84 2.79
C GLU E 42 22.37 15.85 2.94
N LEU E 43 23.04 16.85 2.35
CA LEU E 43 24.50 16.84 2.41
C LEU E 43 25.02 16.85 3.85
N GLN E 44 24.27 17.47 4.77
CA GLN E 44 24.64 17.58 6.18
C GLN E 44 24.93 16.19 6.76
N TYR E 45 23.86 15.39 6.80
CA TYR E 45 23.90 14.01 7.23
C TYR E 45 25.03 13.22 6.53
N LEU E 46 25.08 13.25 5.19
CA LEU E 46 26.09 12.47 4.48
C LEU E 46 27.51 12.87 4.91
N GLY E 47 27.72 14.18 5.08
CA GLY E 47 29.00 14.70 5.52
C GLY E 47 29.34 14.21 6.93
N GLN E 48 28.30 14.11 7.78
CA GLN E 48 28.45 13.59 9.13
C GLN E 48 28.87 12.13 9.10
N ILE E 49 28.21 11.32 8.25
CA ILE E 49 28.61 9.94 8.00
C ILE E 49 30.07 9.94 7.55
N GLN E 50 30.34 10.72 6.50
CA GLN E 50 31.67 10.88 5.94
C GLN E 50 32.63 11.17 7.10
N HIS E 51 32.31 12.20 7.90
CA HIS E 51 33.21 12.58 8.98
C HIS E 51 33.43 11.44 9.97
N ILE E 52 32.41 10.63 10.25
CA ILE E 52 32.58 9.64 11.30
C ILE E 52 33.52 8.54 10.79
N LEU E 53 33.30 8.09 9.54
CA LEU E 53 34.13 7.08 8.91
C LEU E 53 35.60 7.51 8.91
N ARG E 54 35.88 8.69 8.33
CA ARG E 54 37.20 9.32 8.34
C ARG E 54 37.72 9.45 9.77
N CYS E 55 37.12 10.35 10.58
CA CYS E 55 37.80 10.91 11.75
C CYS E 55 37.37 10.28 13.07
N GLY E 56 36.21 9.59 13.09
CA GLY E 56 35.70 9.01 14.33
C GLY E 56 36.51 7.80 14.79
N VAL E 57 36.44 7.48 16.09
CA VAL E 57 37.32 6.48 16.66
C VAL E 57 36.56 5.21 17.03
N ARG E 58 37.33 4.12 17.21
CA ARG E 58 36.80 2.85 17.65
C ARG E 58 36.48 2.98 19.13
N LYS E 59 35.32 2.44 19.50
CA LYS E 59 34.78 2.49 20.85
C LYS E 59 33.80 1.33 20.99
N ASP E 60 34.11 0.40 21.91
CA ASP E 60 33.23 -0.72 22.23
C ASP E 60 31.89 -0.16 22.69
N ASP E 61 30.85 -0.99 22.82
CA ASP E 61 29.55 -0.43 23.13
C ASP E 61 28.72 -1.38 23.98
N ARG E 62 27.46 -0.99 24.21
CA ARG E 62 26.54 -1.72 25.05
C ARG E 62 26.16 -3.06 24.43
N THR E 63 26.06 -3.13 23.09
CA THR E 63 25.54 -4.31 22.40
C THR E 63 26.65 -5.31 22.10
N GLY E 64 27.90 -4.86 22.20
CA GLY E 64 29.03 -5.71 21.87
C GLY E 64 29.40 -5.69 20.39
N THR E 65 28.59 -5.01 19.56
CA THR E 65 28.82 -4.91 18.13
C THR E 65 30.06 -4.08 17.79
N GLY E 66 30.17 -2.90 18.42
CA GLY E 66 31.27 -1.97 18.17
C GLY E 66 30.88 -0.82 17.24
N THR E 67 31.51 0.35 17.46
CA THR E 67 31.17 1.52 16.69
C THR E 67 32.42 2.33 16.34
N LEU E 68 32.31 3.08 15.24
CA LEU E 68 33.08 4.30 15.04
C LEU E 68 32.27 5.46 15.61
N SER E 69 32.89 6.21 16.54
CA SER E 69 32.19 7.15 17.40
C SER E 69 32.80 8.55 17.34
N VAL E 70 31.90 9.57 17.38
CA VAL E 70 32.23 10.99 17.40
C VAL E 70 31.31 11.71 18.39
N PHE E 71 31.87 12.57 19.27
CA PHE E 71 31.04 13.25 20.27
C PHE E 71 30.81 14.73 19.90
N GLY E 72 29.54 15.14 19.90
CA GLY E 72 29.21 16.51 19.61
C GLY E 72 29.12 16.78 18.11
N MET E 73 27.89 16.84 17.60
CA MET E 73 27.68 17.21 16.21
C MET E 73 26.39 18.05 16.08
N GLN E 74 26.33 18.84 15.02
CA GLN E 74 25.11 19.59 14.81
C GLN E 74 24.92 19.88 13.33
N ALA E 75 23.68 19.70 12.87
CA ALA E 75 23.35 19.91 11.49
C ALA E 75 22.02 20.66 11.44
N ARG E 76 21.82 21.41 10.34
CA ARG E 76 20.66 22.24 10.20
C ARG E 76 19.90 21.83 8.93
N TYR E 77 18.60 21.57 9.08
CA TYR E 77 17.75 21.21 7.96
C TYR E 77 16.56 22.19 7.81
N SER E 78 16.61 23.02 6.75
CA SER E 78 15.51 23.89 6.40
C SER E 78 14.22 23.10 6.24
N LEU E 79 13.08 23.66 6.70
CA LEU E 79 11.76 23.06 6.52
C LEU E 79 10.82 23.95 5.68
N ARG E 80 11.40 24.90 4.94
CA ARG E 80 10.64 25.88 4.18
C ARG E 80 10.35 25.29 2.81
N ASP E 81 9.11 24.80 2.62
CA ASP E 81 8.62 24.34 1.32
C ASP E 81 9.37 23.08 0.90
N GLU E 82 9.91 22.36 1.89
CA GLU E 82 10.60 21.09 1.72
C GLU E 82 10.66 20.38 3.05
N PHE E 83 10.75 19.04 3.00
CA PHE E 83 10.63 18.19 4.17
C PHE E 83 11.78 17.19 4.21
N PRO E 84 12.67 17.22 5.22
CA PRO E 84 13.96 16.53 5.11
C PRO E 84 13.81 15.03 5.37
N LEU E 85 13.32 14.33 4.34
CA LEU E 85 13.18 12.87 4.35
C LEU E 85 14.24 12.33 3.40
N LEU E 86 15.29 11.69 3.95
CA LEU E 86 16.46 11.27 3.18
C LEU E 86 16.05 10.63 1.85
N THR E 87 16.86 10.88 0.81
CA THR E 87 16.49 10.46 -0.55
C THR E 87 17.46 9.41 -1.09
N THR E 88 18.55 9.16 -0.36
CA THR E 88 19.59 8.26 -0.83
C THR E 88 19.42 6.87 -0.22
N LYS E 89 18.34 6.69 0.54
CA LYS E 89 17.76 5.40 0.89
C LYS E 89 16.28 5.67 1.08
N ARG E 90 15.46 4.62 1.22
CA ARG E 90 14.03 4.81 1.45
C ARG E 90 13.80 4.89 2.96
N VAL E 91 13.21 5.99 3.44
CA VAL E 91 12.88 6.10 4.85
C VAL E 91 11.48 5.52 5.02
N PHE E 92 11.31 4.71 6.08
CA PHE E 92 10.02 4.14 6.43
C PHE E 92 9.10 5.30 6.82
N TRP E 93 8.53 5.98 5.82
CA TRP E 93 7.68 7.11 6.13
C TRP E 93 6.48 6.68 6.96
N LYS E 94 5.98 5.45 6.76
CA LYS E 94 4.80 5.01 7.50
C LYS E 94 5.17 4.82 8.97
N GLY E 95 6.35 4.23 9.20
CA GLY E 95 6.94 4.08 10.53
C GLY E 95 7.11 5.42 11.26
N VAL E 96 7.47 6.46 10.51
CA VAL E 96 7.68 7.79 11.07
C VAL E 96 6.36 8.31 11.59
N LEU E 97 5.36 8.35 10.71
CA LEU E 97 4.07 8.98 10.96
C LEU E 97 3.35 8.27 12.11
N GLU E 98 3.40 6.94 12.09
CA GLU E 98 2.63 6.17 13.05
C GLU E 98 3.25 6.31 14.44
N GLU E 99 4.59 6.42 14.49
CA GLU E 99 5.33 6.49 15.75
C GLU E 99 5.03 7.80 16.48
N LEU E 100 4.87 8.87 15.70
CA LEU E 100 4.58 10.15 16.30
C LEU E 100 3.12 10.25 16.76
N LEU E 101 2.17 9.73 15.95
CA LEU E 101 0.79 9.69 16.41
C LEU E 101 0.71 8.80 17.66
N TRP E 102 1.60 7.80 17.74
CA TRP E 102 1.72 6.90 18.89
C TRP E 102 2.16 7.69 20.13
N PHE E 103 3.28 8.43 20.00
CA PHE E 103 3.87 9.23 21.06
C PHE E 103 2.85 10.23 21.60
N ILE E 104 2.09 10.84 20.67
CA ILE E 104 1.19 11.94 21.00
C ILE E 104 0.05 11.43 21.86
N LYS E 105 -0.44 10.20 21.59
CA LYS E 105 -1.50 9.57 22.35
C LYS E 105 -1.01 9.21 23.74
N GLY E 106 0.27 9.41 24.00
CA GLY E 106 0.86 9.13 25.30
C GLY E 106 1.06 7.64 25.54
N SER E 107 0.86 6.83 24.49
CA SER E 107 1.01 5.39 24.55
C SER E 107 2.46 4.98 24.85
N THR E 108 2.63 3.97 25.73
CA THR E 108 3.89 3.27 25.99
C THR E 108 3.80 1.78 25.62
N ASN E 109 2.81 1.41 24.78
CA ASN E 109 2.49 0.02 24.52
C ASN E 109 2.84 -0.33 23.07
N ALA E 110 3.94 -1.09 22.89
CA ALA E 110 4.43 -1.42 21.55
C ALA E 110 3.35 -2.10 20.69
N LYS E 111 2.45 -2.85 21.33
CA LYS E 111 1.46 -3.66 20.63
C LYS E 111 0.43 -2.76 19.97
N GLU E 112 0.36 -1.50 20.43
CA GLU E 112 -0.61 -0.56 19.90
C GLU E 112 -0.04 0.06 18.63
N LEU E 113 1.29 0.14 18.56
CA LEU E 113 1.92 0.68 17.37
C LEU E 113 2.02 -0.43 16.33
N SER E 114 2.33 -1.64 16.83
CA SER E 114 2.52 -2.82 16.02
C SER E 114 1.28 -3.11 15.18
N SER E 115 0.12 -2.87 15.79
CA SER E 115 -1.18 -3.16 15.19
C SER E 115 -1.53 -2.18 14.07
N LYS E 116 -0.58 -1.33 13.69
CA LYS E 116 -0.79 -0.38 12.60
C LYS E 116 0.18 -0.71 11.46
N GLY E 117 1.06 -1.69 11.71
CA GLY E 117 1.94 -2.19 10.68
C GLY E 117 3.40 -1.84 10.95
N VAL E 118 3.64 -1.31 12.15
CA VAL E 118 4.89 -0.63 12.46
C VAL E 118 5.56 -1.35 13.63
N LYS E 119 6.58 -2.15 13.32
CA LYS E 119 6.98 -3.15 14.28
C LYS E 119 8.32 -2.78 14.93
N ILE E 120 8.56 -1.48 15.15
CA ILE E 120 9.90 -1.00 15.45
C ILE E 120 10.23 -1.09 16.94
N TRP E 121 9.24 -1.08 17.82
CA TRP E 121 9.59 -1.19 19.22
C TRP E 121 9.39 -2.62 19.71
N ASP E 122 9.00 -3.52 18.79
CA ASP E 122 8.52 -4.83 19.17
C ASP E 122 9.61 -5.64 19.89
N ALA E 123 10.86 -5.54 19.40
CA ALA E 123 11.98 -6.27 19.99
C ALA E 123 12.18 -5.84 21.44
N ASN E 124 12.04 -4.52 21.68
CA ASN E 124 12.40 -3.88 22.94
C ASN E 124 11.33 -4.15 23.99
N GLY E 125 10.11 -4.49 23.53
CA GLY E 125 8.99 -4.86 24.38
C GLY E 125 8.66 -6.36 24.33
N SER E 126 9.58 -7.14 23.75
CA SER E 126 9.46 -8.59 23.71
C SER E 126 9.77 -9.17 25.08
N ARG E 127 9.18 -10.34 25.33
CA ARG E 127 9.22 -11.00 26.63
C ARG E 127 10.66 -11.35 26.99
N ASP E 128 11.41 -11.77 25.98
CA ASP E 128 12.80 -12.18 26.18
C ASP E 128 13.63 -10.98 26.62
N PHE E 129 13.47 -9.86 25.91
CA PHE E 129 14.27 -8.69 26.19
C PHE E 129 13.92 -8.17 27.59
N LEU E 130 12.60 -8.03 27.83
CA LEU E 130 12.10 -7.60 29.14
C LEU E 130 12.83 -8.36 30.25
N ASP E 131 13.10 -9.65 30.00
CA ASP E 131 13.71 -10.52 31.01
C ASP E 131 15.20 -10.21 31.17
N SER E 132 15.87 -9.85 30.06
CA SER E 132 17.30 -9.59 30.06
C SER E 132 17.65 -8.43 30.99
N LEU E 133 16.66 -7.55 31.26
CA LEU E 133 16.83 -6.33 32.02
C LEU E 133 16.40 -6.49 33.47
N GLY E 134 15.62 -7.54 33.74
CA GLY E 134 15.12 -7.86 35.07
C GLY E 134 13.64 -7.52 35.24
N PHE E 135 12.85 -7.65 34.17
CA PHE E 135 11.45 -7.28 34.22
C PHE E 135 10.58 -8.50 33.95
N SER E 136 10.83 -9.59 34.71
CA SER E 136 10.13 -10.86 34.53
C SER E 136 8.64 -10.72 34.81
N THR E 137 8.30 -9.69 35.60
CA THR E 137 6.96 -9.42 36.11
C THR E 137 6.05 -8.77 35.07
N ARG E 138 6.63 -8.17 34.01
CA ARG E 138 5.96 -7.17 33.18
C ARG E 138 5.28 -7.78 31.96
N GLU E 139 4.18 -7.17 31.51
CA GLU E 139 3.47 -7.59 30.30
C GLU E 139 4.26 -7.21 29.05
N GLU E 140 4.10 -8.02 28.00
CA GLU E 140 4.77 -7.81 26.73
C GLU E 140 4.13 -6.63 26.03
N GLY E 141 4.99 -5.68 25.61
CA GLY E 141 4.58 -4.43 24.95
C GLY E 141 4.81 -3.21 25.84
N ASP E 142 4.98 -3.48 27.15
CA ASP E 142 5.08 -2.51 28.21
C ASP E 142 6.53 -2.00 28.27
N LEU E 143 6.76 -0.89 27.56
CA LEU E 143 8.09 -0.34 27.34
C LEU E 143 8.60 0.46 28.54
N GLY E 144 7.72 0.72 29.51
CA GLY E 144 8.08 1.55 30.65
C GLY E 144 7.64 3.00 30.44
N PRO E 145 8.10 3.93 31.31
CA PRO E 145 7.69 5.33 31.21
C PRO E 145 8.60 6.06 30.22
N VAL E 146 8.39 5.81 28.92
CA VAL E 146 9.23 6.33 27.85
C VAL E 146 8.43 7.44 27.16
N TYR E 147 8.84 7.75 25.90
CA TYR E 147 8.50 9.01 25.28
C TYR E 147 7.06 9.44 25.50
N GLY E 148 6.10 8.53 25.32
CA GLY E 148 4.68 8.88 25.37
C GLY E 148 4.24 9.33 26.77
N PHE E 149 4.82 8.68 27.77
CA PHE E 149 4.54 9.01 29.15
C PHE E 149 5.20 10.35 29.51
N GLN E 150 6.48 10.46 29.17
CA GLN E 150 7.27 11.65 29.45
C GLN E 150 6.63 12.88 28.81
N TRP E 151 6.08 12.76 27.60
CA TRP E 151 5.57 13.94 26.92
C TRP E 151 4.23 14.39 27.51
N ARG E 152 3.36 13.45 27.89
CA ARG E 152 1.98 13.82 28.23
C ARG E 152 1.72 13.81 29.74
N HIS E 153 2.64 13.23 30.53
CA HIS E 153 2.42 12.93 31.95
C HIS E 153 3.75 12.97 32.72
N PHE E 154 4.63 13.93 32.40
CA PHE E 154 5.93 13.96 33.06
C PHE E 154 5.73 14.07 34.58
N GLY E 155 6.37 13.15 35.29
CA GLY E 155 6.44 13.25 36.74
C GLY E 155 5.41 12.39 37.45
N ALA E 156 4.35 11.99 36.73
CA ALA E 156 3.38 11.02 37.23
C ALA E 156 4.08 9.73 37.67
N GLU E 157 3.47 9.03 38.64
CA GLU E 157 3.97 7.72 39.06
C GLU E 157 3.45 6.66 38.09
N TYR E 158 4.39 5.89 37.54
CA TYR E 158 4.09 4.95 36.48
C TYR E 158 3.64 3.64 37.11
N ARG E 159 2.58 3.04 36.55
CA ARG E 159 2.15 1.70 36.90
C ARG E 159 2.41 0.76 35.73
N ASP E 160 1.50 0.75 34.73
CA ASP E 160 1.66 -0.11 33.58
C ASP E 160 1.06 0.56 32.34
N MET E 161 1.29 -0.10 31.20
CA MET E 161 0.99 0.46 29.90
C MET E 161 -0.52 0.61 29.72
N GLU E 162 -1.30 0.28 30.74
CA GLU E 162 -2.75 0.28 30.59
C GLU E 162 -3.39 1.25 31.58
N SER E 163 -2.64 1.66 32.62
CA SER E 163 -3.17 2.55 33.64
C SER E 163 -3.70 3.83 33.00
N ASP E 164 -4.77 4.38 33.57
CA ASP E 164 -5.23 5.69 33.17
C ASP E 164 -4.46 6.76 33.93
N TYR E 165 -3.98 7.76 33.19
CA TYR E 165 -3.10 8.76 33.76
C TYR E 165 -3.64 10.18 33.57
N SER E 166 -4.72 10.33 32.79
CA SER E 166 -5.36 11.63 32.59
C SER E 166 -5.36 12.41 33.91
N GLY E 167 -4.78 13.62 33.86
CA GLY E 167 -4.80 14.55 34.97
C GLY E 167 -3.57 14.39 35.85
N GLN E 168 -2.65 13.53 35.42
CA GLN E 168 -1.41 13.35 36.18
C GLN E 168 -0.23 13.89 35.35
N GLY E 169 0.87 14.16 36.07
CA GLY E 169 2.14 14.62 35.49
C GLY E 169 1.98 15.95 34.77
N VAL E 170 3.07 16.45 34.17
CA VAL E 170 2.96 17.68 33.42
C VAL E 170 2.83 17.34 31.94
N ASP E 171 1.79 17.88 31.31
CA ASP E 171 1.52 17.63 29.91
C ASP E 171 2.32 18.63 29.08
N GLN E 172 3.60 18.31 28.90
CA GLN E 172 4.62 19.17 28.32
C GLN E 172 4.25 19.56 26.90
N LEU E 173 3.67 18.63 26.13
CA LEU E 173 3.39 18.94 24.74
C LEU E 173 2.37 20.08 24.65
N GLN E 174 1.27 19.95 25.39
CA GLN E 174 0.21 20.95 25.34
C GLN E 174 0.80 22.30 25.79
N ARG E 175 1.71 22.22 26.80
CA ARG E 175 2.36 23.36 27.41
C ARG E 175 3.18 24.13 26.39
N VAL E 176 3.90 23.39 25.55
CA VAL E 176 4.69 23.92 24.45
C VAL E 176 3.79 24.64 23.45
N ILE E 177 2.61 24.04 23.15
CA ILE E 177 1.73 24.61 22.13
C ILE E 177 1.11 25.91 22.65
N ASP E 178 0.70 25.91 23.92
CA ASP E 178 0.10 27.08 24.53
C ASP E 178 1.04 28.28 24.44
N THR E 179 2.29 28.09 24.89
CA THR E 179 3.34 29.09 24.90
C THR E 179 3.62 29.60 23.48
N ILE E 180 3.46 28.77 22.45
CA ILE E 180 3.76 29.22 21.10
C ILE E 180 2.66 30.18 20.60
N LYS E 181 1.41 29.91 20.98
CA LYS E 181 0.31 30.77 20.58
C LYS E 181 0.30 32.08 21.38
N THR E 182 1.00 32.12 22.53
CA THR E 182 0.83 33.24 23.45
C THR E 182 2.13 34.02 23.66
N ASN E 183 3.25 33.32 23.88
CA ASN E 183 4.52 34.01 24.02
C ASN E 183 5.56 33.48 23.03
N PRO E 184 5.44 33.83 21.73
CA PRO E 184 6.34 33.31 20.70
C PRO E 184 7.81 33.58 21.01
N ASP E 185 8.07 34.42 22.00
CA ASP E 185 9.42 34.94 22.13
C ASP E 185 10.12 34.24 23.29
N ASP E 186 9.36 33.39 24.00
CA ASP E 186 9.84 32.67 25.17
C ASP E 186 11.11 31.88 24.84
N ARG E 187 12.07 31.89 25.76
CA ARG E 187 13.29 31.16 25.51
C ARG E 187 13.27 29.79 26.23
N ARG E 188 12.06 29.33 26.61
CA ARG E 188 11.91 28.19 27.50
C ARG E 188 10.94 27.15 26.96
N ILE E 189 10.69 27.16 25.65
CA ILE E 189 9.70 26.26 25.07
C ILE E 189 10.34 24.90 24.84
N ILE E 190 10.40 24.09 25.90
CA ILE E 190 11.16 22.85 25.96
C ILE E 190 10.23 21.71 26.33
N MET E 191 10.49 20.54 25.71
CA MET E 191 9.94 19.23 26.05
C MET E 191 11.10 18.29 26.38
N CYS E 192 11.04 17.64 27.54
CA CYS E 192 12.16 16.83 28.00
C CYS E 192 11.65 15.48 28.49
N ALA E 193 12.24 14.41 27.96
CA ALA E 193 11.76 13.06 28.21
C ALA E 193 12.71 12.36 29.18
N TRP E 194 13.74 13.08 29.61
CA TRP E 194 14.78 12.45 30.42
C TRP E 194 14.45 12.68 31.88
N ASN E 195 13.74 11.69 32.45
CA ASN E 195 13.33 11.69 33.84
C ASN E 195 14.16 10.67 34.59
N PRO E 196 15.28 11.07 35.25
CA PRO E 196 16.19 10.10 35.86
C PRO E 196 15.58 9.23 36.97
N ARG E 197 14.46 9.69 37.56
CA ARG E 197 13.71 8.92 38.53
C ARG E 197 13.05 7.71 37.86
N ASP E 198 12.69 7.88 36.58
CA ASP E 198 11.94 6.88 35.82
C ASP E 198 12.88 5.90 35.09
N LEU E 199 14.17 6.24 34.96
CA LEU E 199 15.10 5.44 34.15
C LEU E 199 15.05 3.95 34.49
N PRO E 200 15.20 3.51 35.77
CA PRO E 200 15.09 2.10 36.15
C PRO E 200 14.00 1.23 35.52
N LEU E 201 12.83 1.81 35.24
CA LEU E 201 11.72 1.05 34.66
C LEU E 201 11.66 1.18 33.14
N MET E 202 12.69 1.77 32.53
CA MET E 202 12.64 2.04 31.11
C MET E 202 13.25 0.89 30.31
N ALA E 203 12.47 0.38 29.35
CA ALA E 203 12.99 -0.60 28.40
C ALA E 203 14.24 -0.03 27.76
N LEU E 204 14.11 1.13 27.09
CA LEU E 204 15.27 1.85 26.60
C LEU E 204 15.25 3.30 27.09
N PRO E 205 16.37 3.84 27.66
CA PRO E 205 16.49 5.26 28.00
C PRO E 205 16.34 6.13 26.75
N PRO E 206 15.62 7.28 26.80
CA PRO E 206 15.30 8.04 25.59
C PRO E 206 16.60 8.57 25.00
N CYS E 207 16.64 8.66 23.67
CA CYS E 207 17.80 9.14 22.95
C CYS E 207 17.59 10.62 22.67
N HIS E 208 16.38 10.93 22.21
CA HIS E 208 15.86 12.28 22.14
C HIS E 208 15.58 12.75 23.55
N ALA E 209 16.66 13.11 24.26
CA ALA E 209 16.62 13.63 25.62
C ALA E 209 15.69 14.84 25.77
N LEU E 210 15.96 15.92 25.01
CA LEU E 210 15.02 17.04 25.01
C LEU E 210 14.98 17.76 23.67
N CYS E 211 13.95 18.60 23.49
CA CYS E 211 13.89 19.44 22.31
C CYS E 211 13.39 20.84 22.68
N GLN E 212 13.79 21.83 21.85
CA GLN E 212 13.45 23.22 22.08
C GLN E 212 12.82 23.79 20.83
N PHE E 213 11.72 24.53 21.03
CA PHE E 213 11.14 25.29 19.97
C PHE E 213 11.60 26.73 20.11
N TYR E 214 11.62 27.42 18.98
CA TYR E 214 11.98 28.81 18.85
C TYR E 214 11.08 29.41 17.77
N VAL E 215 10.73 30.71 17.91
CA VAL E 215 9.88 31.38 16.94
C VAL E 215 10.47 32.75 16.62
N VAL E 216 10.38 33.14 15.34
CA VAL E 216 10.86 34.44 14.90
C VAL E 216 10.40 34.68 13.47
N ASN E 217 9.81 35.87 13.22
CA ASN E 217 9.32 36.28 11.91
C ASN E 217 8.29 35.26 11.41
N SER E 218 7.55 34.70 12.37
CA SER E 218 6.47 33.76 12.11
C SER E 218 6.95 32.39 11.60
N GLU E 219 8.28 32.13 11.66
CA GLU E 219 8.89 30.81 11.47
C GLU E 219 9.04 30.06 12.80
N LEU E 220 8.63 28.77 12.81
CA LEU E 220 8.84 27.87 13.93
C LEU E 220 10.03 26.94 13.65
N SER E 221 11.06 27.03 14.50
CA SER E 221 12.21 26.14 14.43
C SER E 221 12.20 25.19 15.62
N CYS E 222 12.99 24.10 15.53
CA CYS E 222 13.07 23.01 16.50
C CYS E 222 14.50 22.53 16.57
N GLN E 223 15.01 22.31 17.79
CA GLN E 223 16.33 21.70 17.96
C GLN E 223 16.18 20.51 18.89
N LEU E 224 16.61 19.33 18.39
CA LEU E 224 16.64 18.10 19.15
C LEU E 224 18.02 17.91 19.75
N TYR E 225 18.06 17.61 21.03
CA TYR E 225 19.32 17.10 21.56
C TYR E 225 19.17 15.58 21.59
N GLN E 226 20.00 14.89 20.80
CA GLN E 226 19.99 13.44 20.76
C GLN E 226 21.29 12.93 21.40
N ARG E 227 21.18 12.32 22.59
CA ARG E 227 22.31 11.89 23.42
C ARG E 227 23.08 10.75 22.75
N SER E 228 22.36 9.94 21.97
CA SER E 228 23.01 8.84 21.29
C SER E 228 22.32 8.62 19.95
N GLY E 229 23.13 8.55 18.89
CA GLY E 229 22.61 8.41 17.54
C GLY E 229 23.32 7.33 16.74
N ASP E 230 22.57 6.26 16.48
CA ASP E 230 22.88 5.25 15.48
C ASP E 230 22.71 5.89 14.11
N MET E 231 23.82 6.34 13.53
CA MET E 231 23.79 7.12 12.30
C MET E 231 23.14 6.32 11.17
N GLY E 232 23.38 5.00 11.17
CA GLY E 232 22.89 4.17 10.07
C GLY E 232 21.38 4.00 10.10
N LEU E 233 20.83 3.71 11.29
CA LEU E 233 19.45 3.24 11.42
C LEU E 233 18.51 4.32 11.93
N GLY E 234 18.72 4.77 13.19
CA GLY E 234 17.80 5.64 13.89
C GLY E 234 17.77 7.09 13.36
N VAL E 235 18.97 7.67 13.22
CA VAL E 235 19.13 9.08 12.97
C VAL E 235 18.29 9.56 11.79
N PRO E 236 18.30 8.90 10.59
CA PRO E 236 17.51 9.40 9.45
C PRO E 236 16.01 9.34 9.69
N PHE E 237 15.62 8.46 10.61
CA PHE E 237 14.23 8.34 11.01
C PHE E 237 13.89 9.45 12.01
N ASN E 238 14.79 9.64 12.99
CA ASN E 238 14.66 10.65 14.02
C ASN E 238 14.49 12.03 13.36
N ILE E 239 15.33 12.38 12.36
CA ILE E 239 15.19 13.62 11.62
C ILE E 239 13.76 13.81 11.09
N ALA E 240 13.30 12.84 10.29
CA ALA E 240 11.97 12.93 9.68
C ALA E 240 10.92 13.18 10.76
N SER E 241 11.17 12.60 11.93
CA SER E 241 10.18 12.54 12.99
C SER E 241 10.03 13.90 13.69
N TYR E 242 11.16 14.60 13.92
CA TYR E 242 11.05 15.90 14.55
C TYR E 242 10.67 16.99 13.56
N ALA E 243 11.09 16.81 12.29
CA ALA E 243 10.63 17.70 11.24
C ALA E 243 9.11 17.64 11.16
N LEU E 244 8.56 16.43 11.30
CA LEU E 244 7.12 16.22 11.22
C LEU E 244 6.41 16.86 12.42
N LEU E 245 6.98 16.67 13.63
CA LEU E 245 6.41 17.29 14.80
C LEU E 245 6.33 18.81 14.59
N THR E 246 7.34 19.36 13.92
CA THR E 246 7.39 20.80 13.68
C THR E 246 6.26 21.24 12.75
N TYR E 247 6.03 20.48 11.65
CA TYR E 247 4.95 20.74 10.72
C TYR E 247 3.61 20.70 11.46
N MET E 248 3.38 19.63 12.23
CA MET E 248 2.16 19.51 13.03
C MET E 248 1.94 20.77 13.89
N ILE E 249 3.00 21.23 14.58
CA ILE E 249 2.86 22.32 15.53
C ILE E 249 2.70 23.66 14.80
N ALA E 250 3.50 23.91 13.75
CA ALA E 250 3.35 25.13 13.00
C ALA E 250 1.90 25.28 12.49
N HIS E 251 1.32 24.12 12.09
CA HIS E 251 -0.04 24.03 11.59
C HIS E 251 -1.04 24.46 12.65
N ILE E 252 -1.10 23.75 13.80
CA ILE E 252 -2.11 24.05 14.81
C ILE E 252 -1.79 25.36 15.56
N THR E 253 -0.90 26.19 15.01
CA THR E 253 -0.56 27.48 15.61
C THR E 253 -0.30 28.51 14.51
N GLY E 254 -0.70 28.17 13.27
CA GLY E 254 -0.68 29.07 12.13
C GLY E 254 0.66 29.76 11.90
N LEU E 255 1.75 29.03 12.12
CA LEU E 255 3.07 29.54 11.78
C LEU E 255 3.60 28.75 10.60
N LYS E 256 4.66 29.29 9.99
CA LYS E 256 5.42 28.57 8.98
C LYS E 256 6.54 27.81 9.68
N PRO E 257 6.90 26.58 9.24
CA PRO E 257 8.07 25.88 9.76
C PRO E 257 9.36 26.59 9.36
N GLY E 258 10.37 26.51 10.24
CA GLY E 258 11.65 27.18 10.01
C GLY E 258 12.78 26.20 9.73
N ASP E 259 13.65 26.00 10.73
CA ASP E 259 14.74 25.04 10.68
C ASP E 259 14.50 23.92 11.69
N PHE E 260 14.97 22.70 11.36
CA PHE E 260 15.28 21.67 12.33
C PHE E 260 16.79 21.64 12.54
N ILE E 261 17.19 21.89 13.79
CA ILE E 261 18.57 21.72 14.25
C ILE E 261 18.69 20.42 15.04
N HIS E 262 19.68 19.63 14.63
CA HIS E 262 19.92 18.29 15.12
C HIS E 262 21.32 18.24 15.70
N THR E 263 21.38 18.22 17.04
CA THR E 263 22.58 18.11 17.83
C THR E 263 22.68 16.67 18.35
N LEU E 264 23.91 16.14 18.30
CA LEU E 264 24.24 14.80 18.71
C LEU E 264 25.24 14.85 19.87
N GLY E 265 25.01 13.95 20.84
CA GLY E 265 26.03 13.50 21.77
C GLY E 265 27.02 12.53 21.13
N ASP E 266 26.89 11.24 21.48
CA ASP E 266 27.66 10.19 20.82
C ASP E 266 27.01 9.81 19.50
N ALA E 267 27.58 10.30 18.39
CA ALA E 267 27.20 9.92 17.05
C ALA E 267 28.10 8.77 16.59
N HIS E 268 27.47 7.61 16.38
CA HIS E 268 28.20 6.38 16.18
C HIS E 268 27.64 5.68 14.94
N ILE E 269 28.55 5.06 14.16
CA ILE E 269 28.21 4.09 13.13
C ILE E 269 28.59 2.72 13.65
N TYR E 270 27.60 1.83 13.75
CA TYR E 270 27.82 0.44 14.12
C TYR E 270 28.55 -0.26 12.97
N LEU E 271 29.46 -1.18 13.29
CA LEU E 271 30.43 -1.68 12.33
C LEU E 271 29.79 -2.40 11.14
N ASN E 272 28.71 -3.15 11.40
CA ASN E 272 27.99 -3.84 10.34
C ASN E 272 27.35 -2.82 9.39
N HIS E 273 27.43 -1.54 9.73
CA HIS E 273 26.70 -0.56 8.94
C HIS E 273 27.61 0.10 7.93
N ILE E 274 28.92 -0.12 8.10
CA ILE E 274 29.97 0.54 7.31
C ILE E 274 29.80 0.32 5.80
N GLU E 275 29.70 -0.96 5.40
CA GLU E 275 29.52 -1.30 4.00
C GLU E 275 28.23 -0.65 3.50
N PRO E 276 27.06 -0.95 4.09
CA PRO E 276 25.81 -0.40 3.57
C PRO E 276 25.87 1.12 3.39
N LEU E 277 26.57 1.81 4.31
CA LEU E 277 26.65 3.27 4.25
C LEU E 277 27.61 3.74 3.16
N LYS E 278 28.74 3.03 3.01
CA LYS E 278 29.70 3.36 1.95
C LYS E 278 29.00 3.30 0.60
N ILE E 279 28.07 2.34 0.45
CA ILE E 279 27.34 2.15 -0.80
C ILE E 279 26.33 3.28 -0.97
N GLN E 280 25.77 3.73 0.16
CA GLN E 280 24.83 4.84 0.16
C GLN E 280 25.58 6.13 -0.21
N LEU E 281 26.80 6.26 0.33
CA LEU E 281 27.60 7.46 0.16
C LEU E 281 27.78 7.78 -1.31
N GLN E 282 27.65 6.78 -2.18
CA GLN E 282 27.97 6.98 -3.57
C GLN E 282 26.76 7.50 -4.34
N ARG E 283 25.61 7.63 -3.68
CA ARG E 283 24.40 8.06 -4.37
C ARG E 283 24.31 9.58 -4.39
N GLU E 284 23.55 10.12 -5.35
CA GLU E 284 23.36 11.57 -5.39
C GLU E 284 21.94 11.93 -4.93
N PRO E 285 21.83 12.74 -3.85
CA PRO E 285 20.53 13.10 -3.26
C PRO E 285 19.57 13.74 -4.27
N ARG E 286 18.27 13.61 -4.00
CA ARG E 286 17.29 14.17 -4.92
C ARG E 286 16.46 15.21 -4.15
N PRO E 287 15.92 16.24 -4.83
CA PRO E 287 15.04 17.23 -4.19
C PRO E 287 14.19 16.60 -3.08
N PHE E 288 14.27 17.14 -1.87
CA PHE E 288 13.46 16.63 -0.78
C PHE E 288 11.99 16.69 -1.19
N PRO E 289 11.13 15.77 -0.68
CA PRO E 289 9.69 15.89 -0.87
C PRO E 289 9.06 17.11 -0.20
N LYS E 290 7.73 17.20 -0.26
CA LYS E 290 6.99 18.21 0.47
C LYS E 290 5.89 17.55 1.31
N LEU E 291 5.32 18.30 2.23
CA LEU E 291 4.33 17.73 3.11
C LEU E 291 3.07 18.59 3.04
N ARG E 292 1.95 17.96 2.70
CA ARG E 292 0.67 18.63 2.77
C ARG E 292 -0.10 18.06 3.95
N ILE E 293 -0.77 18.95 4.66
CA ILE E 293 -1.70 18.56 5.70
C ILE E 293 -3.11 18.78 5.14
N LEU E 294 -3.72 17.69 4.67
CA LEU E 294 -4.87 17.74 3.77
C LEU E 294 -6.07 18.48 4.37
N ARG E 295 -6.12 18.68 5.70
CA ARG E 295 -7.27 19.33 6.30
C ARG E 295 -6.91 20.12 7.57
N LYS E 296 -7.48 21.32 7.69
CA LYS E 296 -7.41 22.17 8.87
C LYS E 296 -7.64 21.31 10.11
N VAL E 297 -6.77 21.47 11.13
CA VAL E 297 -6.83 20.66 12.33
C VAL E 297 -6.63 21.55 13.55
N GLU E 298 -7.31 21.23 14.66
CA GLU E 298 -7.42 22.11 15.81
C GLU E 298 -6.39 21.73 16.88
N LYS E 299 -6.62 20.62 17.61
CA LYS E 299 -5.69 20.19 18.64
C LYS E 299 -4.55 19.37 18.01
N ILE E 300 -3.56 19.02 18.83
CA ILE E 300 -2.45 18.16 18.40
C ILE E 300 -2.96 16.74 18.23
N ASP E 301 -4.10 16.42 18.86
CA ASP E 301 -4.64 15.07 18.98
C ASP E 301 -5.62 14.74 17.85
N ASP E 302 -6.13 15.77 17.17
CA ASP E 302 -7.12 15.53 16.11
C ASP E 302 -6.42 15.17 14.82
N PHE E 303 -5.14 14.82 14.93
CA PHE E 303 -4.36 14.40 13.78
C PHE E 303 -4.58 12.90 13.57
N LYS E 304 -4.91 12.56 12.33
CA LYS E 304 -5.11 11.19 11.88
C LYS E 304 -4.08 10.91 10.78
N ALA E 305 -3.71 9.63 10.62
CA ALA E 305 -2.65 9.26 9.69
C ALA E 305 -2.99 9.71 8.27
N GLU E 306 -4.30 9.88 8.00
CA GLU E 306 -4.82 10.12 6.67
C GLU E 306 -4.85 11.61 6.36
N ASP E 307 -4.33 12.44 7.27
CA ASP E 307 -4.26 13.87 7.05
C ASP E 307 -3.00 14.26 6.28
N PHE E 308 -2.06 13.32 6.17
CA PHE E 308 -0.73 13.65 5.70
C PHE E 308 -0.45 12.99 4.35
N GLN E 309 0.06 13.80 3.42
CA GLN E 309 0.56 13.30 2.16
C GLN E 309 1.93 13.92 1.89
N ILE E 310 2.95 13.06 1.75
CA ILE E 310 4.21 13.45 1.12
C ILE E 310 3.92 13.65 -0.37
N GLU E 311 4.65 14.58 -1.01
CA GLU E 311 4.56 14.78 -2.44
C GLU E 311 5.98 14.91 -2.99
N GLY E 312 6.32 14.04 -3.94
CA GLY E 312 7.55 14.20 -4.69
C GLY E 312 8.67 13.32 -4.16
N TYR E 313 8.31 12.46 -3.20
CA TYR E 313 9.30 11.58 -2.58
C TYR E 313 9.69 10.49 -3.57
N ASN E 314 10.89 10.67 -4.13
CA ASN E 314 11.44 9.78 -5.14
C ASN E 314 12.81 9.27 -4.67
N PRO E 315 12.90 8.48 -3.57
CA PRO E 315 14.20 8.06 -3.02
C PRO E 315 14.96 7.14 -3.96
N HIS E 316 16.20 6.82 -3.59
CA HIS E 316 16.92 5.72 -4.19
C HIS E 316 16.35 4.42 -3.63
N PRO E 317 16.74 3.23 -4.17
CA PRO E 317 16.43 1.95 -3.54
C PRO E 317 16.75 1.94 -2.05
N THR E 318 16.03 1.08 -1.30
CA THR E 318 16.20 0.88 0.13
C THR E 318 17.58 0.31 0.46
N ILE E 319 18.02 0.57 1.70
CA ILE E 319 19.21 -0.03 2.28
C ILE E 319 18.87 -0.50 3.69
N LYS E 320 18.77 -1.82 3.87
CA LYS E 320 18.65 -2.40 5.20
C LYS E 320 19.96 -2.23 5.99
N MET E 321 19.82 -1.91 7.27
CA MET E 321 20.89 -1.99 8.26
C MET E 321 20.37 -2.85 9.40
N GLU E 322 21.07 -3.95 9.69
CA GLU E 322 20.68 -4.84 10.78
C GLU E 322 20.86 -4.11 12.11
N MET E 323 19.82 -4.15 12.94
CA MET E 323 19.86 -3.57 14.27
C MET E 323 20.86 -4.30 15.13
N ALA E 324 21.57 -3.53 15.97
CA ALA E 324 22.37 -4.06 17.06
C ALA E 324 21.46 -4.29 18.26
N VAL E 325 20.64 -5.36 18.19
CA VAL E 325 19.68 -5.73 19.22
C VAL E 325 20.19 -6.99 19.94
N PRO F 38 46.75 25.60 13.95
CA PRO F 38 46.40 25.63 15.38
C PRO F 38 45.67 26.92 15.78
N PRO F 39 44.39 27.13 15.39
CA PRO F 39 43.64 28.33 15.76
C PRO F 39 43.29 28.42 17.25
N HIS F 40 43.42 29.61 17.83
CA HIS F 40 43.02 29.88 19.21
C HIS F 40 41.51 29.62 19.36
N GLY F 41 41.17 28.94 20.46
CA GLY F 41 39.81 28.48 20.72
C GLY F 41 38.83 29.63 20.91
N GLU F 42 39.38 30.77 21.35
CA GLU F 42 38.60 31.98 21.58
C GLU F 42 37.90 32.39 20.28
N LEU F 43 38.52 32.05 19.15
CA LEU F 43 37.97 32.40 17.85
C LEU F 43 36.62 31.71 17.66
N GLN F 44 36.45 30.56 18.32
CA GLN F 44 35.15 29.89 18.44
C GLN F 44 34.13 30.92 18.92
N TYR F 45 34.32 31.39 20.15
CA TYR F 45 33.40 32.34 20.77
C TYR F 45 33.24 33.59 19.91
N LEU F 46 34.37 34.14 19.44
CA LEU F 46 34.34 35.40 18.72
C LEU F 46 33.68 35.19 17.35
N GLY F 47 33.92 34.01 16.75
CA GLY F 47 33.18 33.63 15.55
C GLY F 47 31.68 33.88 15.73
N GLN F 48 31.17 33.43 16.89
CA GLN F 48 29.73 33.31 17.08
C GLN F 48 29.13 34.68 17.29
N ILE F 49 29.89 35.54 17.99
CA ILE F 49 29.51 36.94 18.15
C ILE F 49 29.34 37.58 16.76
N GLN F 50 30.35 37.39 15.89
CA GLN F 50 30.35 37.99 14.57
C GLN F 50 29.11 37.54 13.81
N HIS F 51 28.83 36.24 13.86
CA HIS F 51 27.69 35.67 13.18
C HIS F 51 26.38 36.30 13.68
N ILE F 52 26.24 36.45 15.00
CA ILE F 52 24.98 36.93 15.53
C ILE F 52 24.78 38.40 15.12
N LEU F 53 25.89 39.14 14.96
CA LEU F 53 25.86 40.54 14.56
C LEU F 53 25.49 40.65 13.08
N ARG F 54 26.21 39.88 12.24
CA ARG F 54 25.94 39.77 10.81
C ARG F 54 24.51 39.25 10.58
N CYS F 55 24.28 37.96 10.92
CA CYS F 55 23.15 37.18 10.44
C CYS F 55 22.03 37.09 11.48
N GLY F 56 22.30 37.54 12.72
CA GLY F 56 21.32 37.48 13.79
C GLY F 56 20.02 38.19 13.40
N VAL F 57 18.91 37.92 14.09
CA VAL F 57 17.69 38.63 13.75
C VAL F 57 17.06 39.31 14.97
N ARG F 58 16.29 40.37 14.69
CA ARG F 58 15.74 41.20 15.75
C ARG F 58 14.64 40.43 16.46
N LYS F 59 14.78 40.33 17.79
CA LYS F 59 13.92 39.46 18.56
C LYS F 59 13.61 40.09 19.91
N ASP F 60 12.31 40.25 20.19
CA ASP F 60 11.90 40.88 21.44
C ASP F 60 11.99 39.84 22.56
N ASP F 61 12.51 40.25 23.72
CA ASP F 61 12.74 39.29 24.78
C ASP F 61 11.98 39.69 26.04
N ARG F 62 12.24 38.97 27.14
CA ARG F 62 11.39 39.01 28.32
C ARG F 62 11.71 40.26 29.13
N THR F 63 12.97 40.70 29.05
CA THR F 63 13.45 41.85 29.81
C THR F 63 13.09 43.14 29.08
N GLY F 64 12.36 43.02 27.96
CA GLY F 64 11.94 44.15 27.13
C GLY F 64 13.10 44.92 26.52
N THR F 65 14.35 44.52 26.82
CA THR F 65 15.54 45.14 26.27
C THR F 65 15.59 45.01 24.75
N GLY F 66 15.47 43.76 24.24
CA GLY F 66 15.61 43.42 22.82
C GLY F 66 16.93 42.71 22.54
N THR F 67 16.99 41.97 21.42
CA THR F 67 18.17 41.17 21.13
C THR F 67 18.40 40.92 19.65
N LEU F 68 19.66 40.65 19.31
CA LEU F 68 20.02 39.92 18.09
C LEU F 68 20.21 38.46 18.45
N SER F 69 19.58 37.57 17.67
CA SER F 69 19.38 36.18 18.06
C SER F 69 19.66 35.21 16.90
N VAL F 70 20.41 34.13 17.20
CA VAL F 70 20.49 32.97 16.34
C VAL F 70 20.04 31.76 17.16
N PHE F 71 19.40 30.78 16.50
CA PHE F 71 18.94 29.55 17.13
C PHE F 71 19.79 28.36 16.69
N GLY F 72 20.36 27.62 17.64
CA GLY F 72 21.21 26.50 17.30
C GLY F 72 22.61 26.94 16.91
N MET F 73 23.54 26.84 17.87
CA MET F 73 24.96 26.99 17.56
C MET F 73 25.71 25.94 18.38
N GLN F 74 26.97 25.69 17.98
CA GLN F 74 27.83 24.73 18.65
C GLN F 74 29.31 25.09 18.50
N ALA F 75 30.02 25.14 19.61
CA ALA F 75 31.46 25.38 19.61
C ALA F 75 32.16 24.20 20.26
N ARG F 76 33.36 23.89 19.77
CA ARG F 76 34.20 22.94 20.47
C ARG F 76 35.37 23.67 21.09
N TYR F 77 35.69 23.38 22.37
CA TYR F 77 36.85 23.90 23.08
C TYR F 77 37.70 22.76 23.64
N SER F 78 38.95 22.68 23.17
CA SER F 78 39.93 21.72 23.66
C SER F 78 40.32 22.08 25.08
N LEU F 79 40.44 21.05 25.92
CA LEU F 79 40.75 21.18 27.34
C LEU F 79 42.18 20.73 27.59
N ARG F 80 42.85 20.32 26.50
CA ARG F 80 44.13 19.65 26.59
C ARG F 80 45.24 20.69 26.80
N ASP F 81 45.83 20.68 28.01
CA ASP F 81 47.02 21.47 28.34
C ASP F 81 46.69 22.95 28.24
N GLU F 82 45.39 23.27 28.24
CA GLU F 82 44.90 24.65 28.27
C GLU F 82 43.56 24.68 28.99
N PHE F 83 43.04 25.90 29.22
CA PHE F 83 41.81 26.07 29.96
C PHE F 83 41.06 27.29 29.44
N PRO F 84 39.89 27.11 28.80
CA PRO F 84 39.23 28.18 28.03
C PRO F 84 38.56 29.22 28.91
N LEU F 85 39.33 29.82 29.82
CA LEU F 85 38.96 31.11 30.38
C LEU F 85 39.34 32.16 29.34
N LEU F 86 38.38 33.04 28.99
CA LEU F 86 38.46 33.90 27.81
C LEU F 86 39.44 35.05 28.06
N THR F 87 40.05 35.57 26.98
CA THR F 87 41.12 36.54 27.17
C THR F 87 40.71 37.95 26.73
N THR F 88 39.93 38.09 25.66
CA THR F 88 39.58 39.39 25.10
C THR F 88 38.88 40.28 26.14
N LYS F 89 38.49 39.68 27.26
CA LYS F 89 37.78 40.36 28.34
C LYS F 89 37.92 39.51 29.59
N ARG F 90 38.36 40.12 30.70
CA ARG F 90 38.58 39.44 31.96
C ARG F 90 37.28 38.83 32.46
N VAL F 91 37.32 37.55 32.89
CA VAL F 91 36.14 36.83 33.35
C VAL F 91 36.24 36.65 34.85
N PHE F 92 35.08 36.65 35.50
CA PHE F 92 34.99 36.58 36.95
C PHE F 92 35.27 35.17 37.44
N TRP F 93 36.55 34.82 37.57
CA TRP F 93 36.96 33.45 37.84
C TRP F 93 36.54 32.99 39.23
N LYS F 94 36.83 33.81 40.26
CA LYS F 94 36.42 33.55 41.63
C LYS F 94 34.96 33.11 41.63
N GLY F 95 34.15 33.80 40.80
CA GLY F 95 32.72 33.56 40.70
C GLY F 95 32.38 32.17 40.15
N VAL F 96 33.09 31.78 39.09
CA VAL F 96 32.90 30.51 38.40
C VAL F 96 33.19 29.38 39.38
N LEU F 97 34.30 29.54 40.12
CA LEU F 97 34.87 28.51 40.99
C LEU F 97 34.06 28.37 42.29
N GLU F 98 33.49 29.48 42.76
CA GLU F 98 32.66 29.42 43.94
C GLU F 98 31.28 28.89 43.54
N GLU F 99 30.77 29.38 42.40
CA GLU F 99 29.46 28.95 41.93
C GLU F 99 29.50 27.45 41.68
N LEU F 100 30.60 26.94 41.13
CA LEU F 100 30.66 25.51 40.90
C LEU F 100 30.60 24.76 42.23
N LEU F 101 31.43 25.17 43.20
CA LEU F 101 31.54 24.47 44.46
C LEU F 101 30.21 24.51 45.22
N TRP F 102 29.55 25.68 45.19
CA TRP F 102 28.23 25.86 45.74
C TRP F 102 27.22 24.87 45.17
N PHE F 103 27.28 24.62 43.85
CA PHE F 103 26.35 23.73 43.16
C PHE F 103 26.60 22.30 43.62
N ILE F 104 27.88 21.90 43.59
CA ILE F 104 28.34 20.56 43.93
C ILE F 104 27.75 20.15 45.28
N LYS F 105 27.74 21.08 46.25
CA LYS F 105 27.32 20.78 47.61
C LYS F 105 25.80 20.96 47.77
N GLY F 106 25.09 21.09 46.66
CA GLY F 106 23.65 20.96 46.68
C GLY F 106 22.91 22.21 47.13
N SER F 107 23.64 23.31 47.41
CA SER F 107 23.00 24.49 48.00
C SER F 107 22.01 25.13 47.03
N THR F 108 20.94 25.68 47.61
CA THR F 108 20.00 26.50 46.88
C THR F 108 19.84 27.86 47.55
N ASN F 109 20.87 28.24 48.35
CA ASN F 109 20.83 29.47 49.11
C ASN F 109 21.77 30.52 48.50
N ALA F 110 21.15 31.66 48.13
CA ALA F 110 21.93 32.78 47.59
C ALA F 110 22.95 33.27 48.61
N LYS F 111 22.58 33.24 49.90
CA LYS F 111 23.39 33.76 51.00
C LYS F 111 24.61 32.89 51.23
N GLU F 112 24.59 31.64 50.78
CA GLU F 112 25.75 30.79 51.00
C GLU F 112 26.82 31.04 49.93
N LEU F 113 26.39 31.55 48.77
CA LEU F 113 27.34 31.92 47.73
C LEU F 113 27.78 33.35 47.99
N SER F 114 26.77 34.23 48.18
CA SER F 114 26.95 35.62 48.51
C SER F 114 28.10 35.80 49.51
N SER F 115 28.12 34.94 50.52
CA SER F 115 28.99 35.05 51.66
C SER F 115 30.39 34.52 51.37
N LYS F 116 30.69 34.27 50.10
CA LYS F 116 32.07 33.98 49.71
C LYS F 116 32.51 35.05 48.71
N GLY F 117 31.67 36.07 48.56
CA GLY F 117 31.99 37.25 47.77
C GLY F 117 31.50 37.16 46.33
N VAL F 118 30.53 36.27 46.07
CA VAL F 118 29.94 36.08 44.74
C VAL F 118 28.46 36.42 44.81
N LYS F 119 28.05 37.50 44.14
CA LYS F 119 26.73 38.07 44.42
C LYS F 119 25.82 37.95 43.20
N ILE F 120 26.27 37.11 42.25
CA ILE F 120 25.63 36.92 40.95
C ILE F 120 24.17 36.47 41.10
N TRP F 121 23.81 35.88 42.25
CA TRP F 121 22.47 35.31 42.43
C TRP F 121 21.58 36.14 43.36
N ASP F 122 22.18 37.11 44.06
CA ASP F 122 21.54 37.85 45.14
C ASP F 122 20.26 38.52 44.67
N ALA F 123 20.29 39.10 43.46
CA ALA F 123 19.12 39.76 42.93
C ALA F 123 17.94 38.80 42.91
N ASN F 124 18.21 37.54 42.53
CA ASN F 124 17.15 36.58 42.28
C ASN F 124 16.56 36.06 43.60
N GLY F 125 17.45 35.80 44.56
CA GLY F 125 17.02 35.46 45.91
C GLY F 125 17.00 36.68 46.83
N SER F 126 16.05 37.59 46.56
CA SER F 126 15.90 38.85 47.28
C SER F 126 14.42 39.14 47.49
N ARG F 127 14.12 39.85 48.58
CA ARG F 127 12.80 39.99 49.17
C ARG F 127 11.75 40.45 48.14
N ASP F 128 12.17 41.16 47.08
CA ASP F 128 11.15 41.67 46.18
C ASP F 128 11.02 40.82 44.93
N PHE F 129 12.15 40.31 44.42
CA PHE F 129 12.08 39.55 43.18
C PHE F 129 11.06 38.42 43.34
N LEU F 130 11.27 37.60 44.38
CA LEU F 130 10.42 36.43 44.57
C LEU F 130 8.95 36.85 44.71
N ASP F 131 8.72 38.05 45.26
CA ASP F 131 7.37 38.55 45.53
C ASP F 131 6.55 38.61 44.25
N SER F 132 7.11 39.19 43.18
CA SER F 132 6.42 39.37 41.91
C SER F 132 6.03 38.02 41.31
N LEU F 133 6.57 36.94 41.89
CA LEU F 133 6.40 35.60 41.35
C LEU F 133 5.41 34.81 42.21
N GLY F 134 4.94 35.42 43.31
CA GLY F 134 3.92 34.82 44.15
C GLY F 134 4.47 34.14 45.41
N PHE F 135 5.80 34.15 45.57
CA PHE F 135 6.44 33.49 46.69
C PHE F 135 6.58 34.47 47.84
N SER F 136 5.42 34.93 48.32
CA SER F 136 5.32 35.98 49.33
C SER F 136 5.32 35.36 50.72
N THR F 137 5.85 34.14 50.83
CA THR F 137 5.90 33.46 52.11
C THR F 137 7.30 32.89 52.33
N ARG F 138 8.19 33.15 51.36
CA ARG F 138 9.53 32.52 51.41
C ARG F 138 10.57 33.47 51.99
N GLU F 139 11.70 32.89 52.39
CA GLU F 139 12.87 33.60 52.90
C GLU F 139 13.67 34.22 51.75
N GLU F 140 14.65 35.07 52.10
CA GLU F 140 15.54 35.67 51.12
C GLU F 140 16.85 34.88 51.09
N GLY F 141 17.25 34.49 49.86
CA GLY F 141 18.35 33.58 49.61
C GLY F 141 17.84 32.26 49.00
N ASP F 142 16.52 32.21 48.80
CA ASP F 142 15.74 31.00 48.57
C ASP F 142 15.32 30.89 47.11
N LEU F 143 16.20 30.29 46.30
CA LEU F 143 16.11 30.35 44.85
C LEU F 143 15.06 29.34 44.36
N GLY F 144 14.67 28.44 45.26
CA GLY F 144 13.89 27.28 44.91
C GLY F 144 14.78 26.10 44.51
N PRO F 145 14.19 25.09 43.83
CA PRO F 145 14.90 23.85 43.50
C PRO F 145 15.68 24.07 42.21
N VAL F 146 16.82 24.73 42.31
CA VAL F 146 17.55 25.13 41.12
C VAL F 146 18.82 24.28 41.11
N TYR F 147 19.84 24.73 40.34
CA TYR F 147 20.88 23.85 39.84
C TYR F 147 21.41 22.83 40.85
N GLY F 148 21.84 23.30 42.04
CA GLY F 148 22.49 22.41 43.00
C GLY F 148 21.56 21.30 43.50
N PHE F 149 20.29 21.66 43.69
CA PHE F 149 19.26 20.73 44.14
C PHE F 149 18.99 19.66 43.09
N GLN F 150 18.98 20.02 41.81
CA GLN F 150 18.64 19.06 40.78
C GLN F 150 19.81 18.12 40.52
N TRP F 151 21.02 18.63 40.77
CA TRP F 151 22.24 17.86 40.57
C TRP F 151 22.33 16.75 41.61
N ARG F 152 21.92 17.05 42.85
CA ARG F 152 22.19 16.13 43.93
C ARG F 152 20.93 15.40 44.37
N HIS F 153 19.75 15.95 44.08
CA HIS F 153 18.52 15.44 44.66
C HIS F 153 17.35 15.47 43.67
N PHE F 154 17.55 14.99 42.43
CA PHE F 154 16.52 15.18 41.41
C PHE F 154 15.24 14.42 41.75
N GLY F 155 14.10 15.13 41.76
CA GLY F 155 12.82 14.47 41.89
C GLY F 155 12.27 14.55 43.31
N ALA F 156 13.17 14.74 44.28
CA ALA F 156 12.80 15.00 45.67
C ALA F 156 11.82 16.16 45.70
N GLU F 157 11.01 16.26 46.76
CA GLU F 157 10.14 17.41 46.90
C GLU F 157 10.95 18.53 47.56
N TYR F 158 10.83 19.76 47.06
CA TYR F 158 11.61 20.82 47.66
C TYR F 158 10.83 21.36 48.85
N ARG F 159 11.54 21.55 49.98
CA ARG F 159 10.96 22.16 51.16
C ARG F 159 11.41 23.62 51.29
N ASP F 160 12.65 23.83 51.77
CA ASP F 160 13.37 25.10 51.71
C ASP F 160 14.87 24.79 51.75
N MET F 161 15.70 25.77 52.14
CA MET F 161 17.13 25.70 51.82
C MET F 161 17.97 25.16 52.98
N GLU F 162 17.41 25.11 54.20
CA GLU F 162 18.17 24.60 55.33
C GLU F 162 17.88 23.11 55.50
N SER F 163 16.71 22.70 54.99
CA SER F 163 16.22 21.34 55.03
C SER F 163 17.30 20.39 54.54
N ASP F 164 17.50 19.29 55.27
CA ASP F 164 18.43 18.25 54.83
C ASP F 164 17.72 17.32 53.85
N TYR F 165 18.29 17.19 52.65
CA TYR F 165 17.66 16.43 51.59
C TYR F 165 18.36 15.09 51.38
N SER F 166 19.40 14.82 52.19
CA SER F 166 20.24 13.64 52.08
C SER F 166 19.39 12.40 51.83
N GLY F 167 19.77 11.64 50.79
CA GLY F 167 19.12 10.37 50.44
C GLY F 167 17.87 10.52 49.58
N GLN F 168 17.28 11.73 49.55
CA GLN F 168 16.05 11.96 48.80
C GLN F 168 16.40 12.33 47.36
N GLY F 169 15.76 11.65 46.40
CA GLY F 169 15.91 11.92 44.98
C GLY F 169 17.21 11.36 44.41
N VAL F 170 17.43 11.53 43.11
CA VAL F 170 18.58 10.96 42.45
C VAL F 170 19.79 11.91 42.53
N ASP F 171 20.95 11.35 42.90
CA ASP F 171 22.22 12.06 42.91
C ASP F 171 22.92 11.91 41.54
N GLN F 172 22.41 12.67 40.56
CA GLN F 172 22.85 12.67 39.18
C GLN F 172 24.37 12.82 39.05
N LEU F 173 24.93 13.69 39.91
CA LEU F 173 26.34 13.99 39.90
C LEU F 173 27.17 12.77 40.31
N GLN F 174 26.80 12.15 41.44
CA GLN F 174 27.53 10.96 41.85
C GLN F 174 27.37 9.85 40.81
N ARG F 175 26.12 9.61 40.37
CA ARG F 175 25.83 8.63 39.34
C ARG F 175 26.76 8.82 38.14
N VAL F 176 26.88 10.07 37.63
CA VAL F 176 27.75 10.39 36.50
C VAL F 176 29.14 9.85 36.78
N ILE F 177 29.72 10.26 37.93
CA ILE F 177 31.08 9.91 38.30
C ILE F 177 31.22 8.39 38.38
N ASP F 178 30.26 7.75 39.06
CA ASP F 178 30.21 6.30 39.19
C ASP F 178 30.22 5.61 37.81
N THR F 179 29.33 6.05 36.90
CA THR F 179 29.20 5.41 35.61
C THR F 179 30.52 5.52 34.84
N ILE F 180 31.28 6.60 35.04
CA ILE F 180 32.51 6.78 34.30
C ILE F 180 33.53 5.76 34.81
N LYS F 181 33.64 5.70 36.15
CA LYS F 181 34.50 4.77 36.86
C LYS F 181 34.20 3.35 36.36
N THR F 182 32.94 2.92 36.47
CA THR F 182 32.61 1.53 36.17
C THR F 182 32.50 1.27 34.67
N ASN F 183 31.79 2.12 33.91
CA ASN F 183 31.50 1.81 32.52
C ASN F 183 31.68 3.03 31.59
N PRO F 184 32.93 3.43 31.24
CA PRO F 184 33.17 4.63 30.42
C PRO F 184 32.48 4.66 29.06
N ASP F 185 32.28 3.48 28.46
CA ASP F 185 31.65 3.31 27.17
C ASP F 185 30.23 3.87 27.17
N ASP F 186 29.62 4.01 28.37
CA ASP F 186 28.19 4.23 28.49
C ASP F 186 27.79 5.57 27.84
N ARG F 187 26.69 5.53 27.09
CA ARG F 187 26.20 6.65 26.32
C ARG F 187 24.98 7.28 26.99
N ARG F 188 24.92 7.20 28.33
CA ARG F 188 23.82 7.76 29.09
C ARG F 188 24.38 8.43 30.35
N ILE F 189 25.59 8.96 30.24
CA ILE F 189 26.18 9.68 31.36
C ILE F 189 25.67 11.12 31.30
N ILE F 190 24.47 11.34 31.85
CA ILE F 190 23.70 12.54 31.61
C ILE F 190 23.27 13.12 32.96
N MET F 191 23.29 14.45 33.06
CA MET F 191 22.84 15.09 34.27
C MET F 191 21.90 16.23 33.85
N CYS F 192 20.71 16.26 34.43
CA CYS F 192 19.64 17.08 33.88
C CYS F 192 18.89 17.87 34.95
N ALA F 193 18.93 19.20 34.80
CA ALA F 193 18.32 20.13 35.73
C ALA F 193 16.93 20.53 35.23
N TRP F 194 16.47 19.97 34.10
CA TRP F 194 15.18 20.44 33.61
C TRP F 194 14.08 19.59 34.19
N ASN F 195 13.53 20.04 35.32
CA ASN F 195 12.42 19.32 35.92
C ASN F 195 11.14 20.12 35.67
N PRO F 196 10.30 19.77 34.67
CA PRO F 196 9.03 20.43 34.43
C PRO F 196 8.16 20.63 35.66
N ARG F 197 8.02 19.59 36.49
CA ARG F 197 7.23 19.63 37.71
C ARG F 197 7.76 20.69 38.70
N ASP F 198 9.00 21.19 38.49
CA ASP F 198 9.69 22.03 39.45
C ASP F 198 9.91 23.46 38.92
N LEU F 199 9.51 23.74 37.67
CA LEU F 199 9.78 25.03 37.04
C LEU F 199 9.04 26.14 37.81
N PRO F 200 7.71 26.01 38.06
CA PRO F 200 6.93 27.08 38.69
C PRO F 200 7.39 27.46 40.10
N LEU F 201 8.40 26.77 40.62
CA LEU F 201 8.92 27.01 41.96
C LEU F 201 10.26 27.75 41.92
N MET F 202 10.89 27.91 40.75
CA MET F 202 12.26 28.41 40.77
C MET F 202 12.26 29.91 40.51
N ALA F 203 13.36 30.58 40.91
CA ALA F 203 13.65 31.95 40.51
C ALA F 203 13.73 32.09 38.98
N LEU F 204 14.74 31.46 38.34
CA LEU F 204 14.76 31.32 36.90
C LEU F 204 14.79 29.85 36.55
N PRO F 205 14.08 29.41 35.47
CA PRO F 205 14.29 28.08 34.90
C PRO F 205 15.74 28.04 34.44
N PRO F 206 16.41 26.87 34.54
CA PRO F 206 17.84 26.79 34.29
C PRO F 206 18.14 26.92 32.79
N CYS F 207 19.33 27.49 32.48
CA CYS F 207 19.83 27.69 31.12
C CYS F 207 20.73 26.52 30.71
N HIS F 208 21.57 26.08 31.64
CA HIS F 208 22.18 24.78 31.50
C HIS F 208 21.12 23.71 31.81
N ALA F 209 20.43 23.25 30.75
CA ALA F 209 19.27 22.38 30.95
C ALA F 209 19.71 20.95 31.14
N LEU F 210 20.70 20.53 30.36
CA LEU F 210 21.13 19.14 30.34
C LEU F 210 22.60 19.14 29.98
N CME F 211 23.35 18.17 30.47
CA CME F 211 24.73 18.10 30.02
CB CME F 211 25.63 18.98 30.83
SG CME F 211 26.32 18.16 32.28
SD CME F 211 25.38 19.08 33.85
CE CME F 211 23.91 19.94 33.18
CZ CME F 211 23.49 21.13 34.02
OH CME F 211 22.17 21.14 34.54
C CME F 211 25.18 16.65 29.97
O CME F 211 24.53 15.85 30.60
N GLN F 212 26.14 16.10 29.15
CA GLN F 212 26.39 14.67 28.86
C GLN F 212 27.90 14.52 28.84
N PHE F 213 28.37 13.43 29.48
CA PHE F 213 29.79 13.10 29.50
C PHE F 213 30.10 11.91 28.59
N TYR F 214 31.39 11.77 28.29
CA TYR F 214 31.87 10.89 27.25
C TYR F 214 33.34 10.56 27.49
N VAL F 215 33.65 9.25 27.61
CA VAL F 215 35.01 8.78 27.75
C VAL F 215 35.40 7.97 26.52
N VAL F 216 36.57 8.33 26.00
CA VAL F 216 37.21 7.65 24.90
C VAL F 216 38.72 7.90 24.99
N ASN F 217 39.48 6.80 24.90
CA ASN F 217 40.94 6.78 24.92
C ASN F 217 41.44 7.55 26.14
N SER F 218 40.73 7.36 27.26
CA SER F 218 41.07 7.90 28.58
C SER F 218 40.83 9.41 28.69
N GLU F 219 40.16 10.02 27.69
CA GLU F 219 39.86 11.44 27.74
C GLU F 219 38.39 11.65 28.12
N LEU F 220 38.15 12.57 29.04
CA LEU F 220 36.78 12.90 29.42
C LEU F 220 36.32 14.19 28.75
N SER F 221 35.25 14.08 27.95
CA SER F 221 34.62 15.18 27.26
C SER F 221 33.23 15.43 27.82
N CYS F 222 32.78 16.68 27.72
CA CYS F 222 31.51 17.17 28.24
C CYS F 222 30.80 17.98 27.14
N GLN F 223 29.49 17.84 27.05
CA GLN F 223 28.76 18.73 26.16
C GLN F 223 27.59 19.33 26.92
N LEU F 224 27.47 20.66 26.90
CA LEU F 224 26.38 21.34 27.58
C LEU F 224 25.29 21.75 26.60
N TYR F 225 24.03 21.45 26.94
CA TYR F 225 22.93 22.03 26.17
C TYR F 225 22.47 23.25 26.95
N GLN F 226 22.62 24.43 26.33
CA GLN F 226 22.26 25.70 26.95
C GLN F 226 21.07 26.26 26.20
N ARG F 227 19.90 26.29 26.85
CA ARG F 227 18.70 26.74 26.15
C ARG F 227 18.83 28.22 25.76
N SER F 228 19.61 28.97 26.55
CA SER F 228 19.52 30.41 26.46
C SER F 228 20.88 31.06 26.75
N GLY F 229 21.39 31.78 25.75
CA GLY F 229 22.73 32.31 25.85
C GLY F 229 22.74 33.80 25.62
N ASP F 230 22.99 34.52 26.72
CA ASP F 230 23.44 35.90 26.71
C ASP F 230 24.93 35.88 26.35
N MET F 231 25.21 36.08 25.06
CA MET F 231 26.59 35.99 24.61
C MET F 231 27.45 37.00 25.36
N GLY F 232 26.85 38.15 25.73
CA GLY F 232 27.60 39.25 26.31
C GLY F 232 28.18 38.93 27.68
N LEU F 233 27.34 38.35 28.55
CA LEU F 233 27.65 38.24 29.97
C LEU F 233 27.77 36.77 30.39
N GLY F 234 26.66 36.02 30.25
CA GLY F 234 26.53 34.64 30.69
C GLY F 234 27.53 33.68 30.06
N VAL F 235 27.55 33.62 28.71
CA VAL F 235 28.22 32.54 28.03
C VAL F 235 29.67 32.38 28.48
N PRO F 236 30.51 33.44 28.49
CA PRO F 236 31.93 33.29 28.83
C PRO F 236 32.12 32.59 30.18
N PHE F 237 31.31 33.04 31.15
CA PHE F 237 31.20 32.44 32.48
C PHE F 237 30.88 30.96 32.38
N ASN F 238 29.76 30.64 31.70
CA ASN F 238 29.21 29.29 31.50
C ASN F 238 30.26 28.33 30.95
N ILE F 239 30.96 28.76 29.90
CA ILE F 239 32.06 27.99 29.34
C ILE F 239 33.00 27.52 30.46
N ALA F 240 33.36 28.44 31.35
CA ALA F 240 34.35 28.23 32.40
C ALA F 240 33.84 27.24 33.45
N SER F 241 32.64 27.51 34.00
CA SER F 241 31.90 26.55 34.82
C SER F 241 32.20 25.12 34.37
N TYR F 242 31.70 24.77 33.17
CA TYR F 242 31.65 23.39 32.70
C TYR F 242 33.04 22.85 32.36
N ALA F 243 33.89 23.74 31.82
CA ALA F 243 35.27 23.40 31.55
C ALA F 243 35.92 22.88 32.84
N LEU F 244 35.67 23.60 33.94
CA LEU F 244 36.20 23.28 35.25
C LEU F 244 35.64 21.94 35.76
N LEU F 245 34.31 21.78 35.68
CA LEU F 245 33.64 20.54 36.05
C LEU F 245 34.32 19.38 35.34
N THR F 246 34.69 19.58 34.07
CA THR F 246 35.34 18.52 33.30
C THR F 246 36.71 18.18 33.89
N TYR F 247 37.49 19.21 34.26
CA TYR F 247 38.76 19.02 34.95
C TYR F 247 38.55 18.29 36.28
N MET F 248 37.57 18.73 37.07
CA MET F 248 37.26 18.11 38.36
C MET F 248 36.92 16.62 38.21
N ILE F 249 35.91 16.29 37.39
CA ILE F 249 35.49 14.89 37.24
C ILE F 249 36.66 14.11 36.62
N ALA F 250 37.44 14.75 35.73
CA ALA F 250 38.53 14.02 35.10
C ALA F 250 39.57 13.64 36.15
N HIS F 251 39.76 14.51 37.15
CA HIS F 251 40.80 14.32 38.15
C HIS F 251 40.45 13.14 39.04
N ILE F 252 39.25 13.18 39.64
CA ILE F 252 38.84 12.25 40.66
C ILE F 252 38.52 10.89 40.07
N THR F 253 38.47 10.80 38.73
CA THR F 253 38.27 9.51 38.09
C THR F 253 39.51 9.16 37.29
N GLY F 254 40.61 9.86 37.58
CA GLY F 254 41.89 9.61 36.97
C GLY F 254 41.84 9.53 35.44
N LEU F 255 41.28 10.56 34.80
CA LEU F 255 41.34 10.71 33.35
C LEU F 255 41.91 12.07 32.98
N LYS F 256 42.06 12.32 31.68
CA LYS F 256 42.59 13.57 31.18
C LYS F 256 41.46 14.33 30.48
N PRO F 257 41.31 15.66 30.70
CA PRO F 257 40.29 16.45 30.02
C PRO F 257 40.46 16.44 28.51
N GLY F 258 39.33 16.38 27.79
CA GLY F 258 39.32 16.23 26.35
C GLY F 258 38.79 17.48 25.65
N ASP F 259 37.52 17.41 25.23
CA ASP F 259 36.84 18.55 24.65
C ASP F 259 35.69 18.96 25.54
N PHE F 260 35.46 20.27 25.63
CA PHE F 260 34.16 20.75 26.08
C PHE F 260 33.36 21.24 24.87
N ILE F 261 32.16 20.66 24.64
CA ILE F 261 31.32 21.09 23.52
C ILE F 261 30.22 21.98 24.09
N HIS F 262 30.08 23.18 23.52
CA HIS F 262 29.05 24.10 23.98
C HIS F 262 27.92 24.24 22.94
N THR F 263 26.71 23.74 23.27
CA THR F 263 25.60 23.85 22.32
C THR F 263 24.58 24.86 22.80
N LEU F 264 24.08 25.71 21.87
CA LEU F 264 23.19 26.79 22.26
C LEU F 264 21.81 26.65 21.62
N GLY F 265 20.80 26.98 22.43
CA GLY F 265 19.45 27.29 21.98
C GLY F 265 19.36 28.71 21.41
N ASP F 266 18.79 29.63 22.19
CA ASP F 266 18.69 31.01 21.76
C ASP F 266 20.01 31.72 22.08
N ALA F 267 20.88 31.87 21.06
CA ALA F 267 22.14 32.57 21.27
C ALA F 267 21.95 34.06 20.93
N HIS F 268 21.87 34.90 21.97
CA HIS F 268 21.46 36.28 21.75
C HIS F 268 22.49 37.27 22.30
N ILE F 269 22.68 38.34 21.54
CA ILE F 269 23.30 39.58 21.98
C ILE F 269 22.19 40.58 22.29
N TYR F 270 22.20 41.06 23.54
CA TYR F 270 21.35 42.15 23.99
C TYR F 270 21.81 43.45 23.33
N LEU F 271 20.84 44.33 23.00
CA LEU F 271 21.10 45.48 22.16
C LEU F 271 22.10 46.42 22.84
N ASN F 272 22.06 46.46 24.17
CA ASN F 272 22.92 47.34 24.93
C ASN F 272 24.29 46.69 25.09
N HIS F 273 24.57 45.69 24.23
CA HIS F 273 25.84 44.99 24.24
C HIS F 273 26.49 45.08 22.87
N ILE F 274 25.71 45.46 21.84
CA ILE F 274 26.25 45.48 20.49
C ILE F 274 27.56 46.25 20.49
N GLU F 275 27.51 47.46 21.06
CA GLU F 275 28.64 48.38 21.02
C GLU F 275 29.82 47.77 21.77
N PRO F 276 29.74 47.48 23.09
CA PRO F 276 30.87 46.89 23.82
C PRO F 276 31.55 45.72 23.10
N LEU F 277 30.76 44.78 22.56
CA LEU F 277 31.31 43.60 21.91
C LEU F 277 32.18 43.95 20.70
N LYS F 278 31.77 44.95 19.91
CA LYS F 278 32.55 45.38 18.76
C LYS F 278 33.93 45.89 19.19
N ILE F 279 34.01 46.43 20.42
CA ILE F 279 35.25 46.83 21.05
C ILE F 279 36.08 45.58 21.35
N GLN F 280 35.43 44.61 22.03
CA GLN F 280 36.03 43.34 22.40
C GLN F 280 36.55 42.63 21.15
N LEU F 281 35.77 42.72 20.06
CA LEU F 281 36.05 42.03 18.82
C LEU F 281 37.31 42.55 18.13
N GLN F 282 37.63 43.84 18.33
CA GLN F 282 38.81 44.41 17.71
C GLN F 282 40.08 43.80 18.32
N ARG F 283 39.94 43.19 19.51
CA ARG F 283 41.08 42.77 20.28
C ARG F 283 41.57 41.41 19.80
N GLU F 284 42.80 41.09 20.16
CA GLU F 284 43.45 39.88 19.69
C GLU F 284 43.71 38.97 20.89
N PRO F 285 43.11 37.77 20.90
CA PRO F 285 43.23 36.88 22.04
C PRO F 285 44.69 36.47 22.32
N ARG F 286 44.92 36.09 23.58
CA ARG F 286 46.23 35.69 24.05
C ARG F 286 46.14 34.22 24.43
N PRO F 287 47.26 33.46 24.33
CA PRO F 287 47.32 32.07 24.77
C PRO F 287 46.54 31.83 26.05
N PHE F 288 45.63 30.84 26.02
CA PHE F 288 44.78 30.48 27.14
C PHE F 288 45.64 30.13 28.35
N PRO F 289 45.17 30.43 29.58
CA PRO F 289 45.85 30.00 30.81
C PRO F 289 45.92 28.47 30.94
N LYS F 290 46.70 27.99 31.91
CA LYS F 290 46.64 26.61 32.36
C LYS F 290 45.90 26.57 33.70
N LEU F 291 45.64 25.36 34.22
CA LEU F 291 45.01 25.15 35.51
C LEU F 291 45.67 23.97 36.24
N ARG F 292 46.05 24.21 37.49
CA ARG F 292 46.57 23.18 38.39
C ARG F 292 45.50 22.87 39.45
N ILE F 293 45.32 21.57 39.67
CA ILE F 293 44.73 21.05 40.91
C ILE F 293 45.89 20.68 41.82
N LEU F 294 45.87 21.18 43.07
CA LEU F 294 47.03 21.13 43.96
C LEU F 294 47.14 19.80 44.70
N ARG F 295 46.10 19.36 45.41
CA ARG F 295 46.12 18.06 46.09
C ARG F 295 45.57 16.96 45.17
N LYS F 296 45.49 15.72 45.69
CA LYS F 296 44.78 14.62 45.04
C LYS F 296 43.51 14.28 45.85
N VAL F 297 42.35 14.28 45.16
CA VAL F 297 41.04 14.11 45.79
C VAL F 297 40.32 12.93 45.16
N GLU F 298 39.37 12.35 45.91
CA GLU F 298 38.69 11.14 45.47
C GLU F 298 37.18 11.34 45.46
N LYS F 299 36.67 12.16 46.39
CA LYS F 299 35.26 12.48 46.42
C LYS F 299 35.08 13.94 46.05
N ILE F 300 34.21 14.21 45.06
CA ILE F 300 34.01 15.52 44.45
C ILE F 300 33.62 16.56 45.51
N ASP F 301 33.10 16.11 46.66
CA ASP F 301 32.56 17.00 47.69
C ASP F 301 33.68 17.59 48.53
N ASP F 302 34.89 17.02 48.40
CA ASP F 302 36.05 17.44 49.17
C ASP F 302 36.92 18.37 48.32
N PHE F 303 36.29 19.35 47.68
CA PHE F 303 37.00 20.25 46.79
C PHE F 303 36.96 21.66 47.36
N LYS F 304 38.15 22.27 47.53
CA LYS F 304 38.28 23.58 48.15
C LYS F 304 38.90 24.57 47.15
N ALA F 305 38.36 25.79 47.13
CA ALA F 305 38.79 26.86 46.24
C ALA F 305 40.32 26.94 46.20
N GLU F 306 40.94 26.72 47.37
CA GLU F 306 42.38 26.80 47.54
C GLU F 306 43.07 25.60 46.87
N ASP F 307 42.31 24.80 46.10
CA ASP F 307 42.91 23.65 45.44
C ASP F 307 43.22 23.99 43.98
N PHE F 308 42.83 25.20 43.56
CA PHE F 308 42.76 25.56 42.14
C PHE F 308 43.67 26.75 41.82
N GLN F 309 44.74 26.49 41.07
CA GLN F 309 45.61 27.59 40.68
C GLN F 309 45.45 27.82 39.18
N ILE F 310 44.90 28.99 38.81
CA ILE F 310 44.91 29.44 37.42
C ILE F 310 46.26 30.12 37.14
N GLU F 311 47.02 29.58 36.19
CA GLU F 311 48.38 30.05 35.93
C GLU F 311 48.53 30.55 34.49
N GLY F 312 48.76 31.86 34.35
CA GLY F 312 49.21 32.43 33.08
C GLY F 312 48.10 33.23 32.41
N TYR F 313 47.31 33.94 33.22
CA TYR F 313 46.06 34.52 32.75
C TYR F 313 46.21 36.03 32.63
N ASN F 314 46.34 36.52 31.39
CA ASN F 314 46.42 37.96 31.18
C ASN F 314 45.33 38.40 30.20
N PRO F 315 44.10 38.58 30.70
CA PRO F 315 43.03 39.20 29.93
C PRO F 315 43.27 40.67 29.62
N HIS F 316 42.87 41.09 28.43
CA HIS F 316 42.64 42.49 28.11
C HIS F 316 41.78 43.11 29.22
N PRO F 317 41.63 44.46 29.28
CA PRO F 317 40.78 45.10 30.29
C PRO F 317 39.39 44.49 30.48
N THR F 318 38.89 44.50 31.71
CA THR F 318 37.51 44.14 32.03
C THR F 318 36.58 45.01 31.18
N ILE F 319 35.48 44.42 30.69
CA ILE F 319 34.48 45.19 29.99
C ILE F 319 33.12 44.97 30.66
N LYS F 320 32.51 46.08 31.12
CA LYS F 320 31.24 46.03 31.80
C LYS F 320 30.14 45.79 30.77
N MET F 321 29.61 44.57 30.76
CA MET F 321 28.35 44.29 30.11
C MET F 321 27.25 44.41 31.16
N GLU F 322 26.32 45.35 30.96
CA GLU F 322 25.25 45.57 31.93
C GLU F 322 24.20 44.47 31.81
N MET F 323 23.83 43.88 32.96
CA MET F 323 22.81 42.85 33.06
C MET F 323 21.43 43.44 32.75
N ALA F 324 20.62 42.71 31.96
CA ALA F 324 19.35 43.20 31.47
C ALA F 324 18.22 42.75 32.40
N1 D16 G . -24.04 -1.61 -23.21
C2 D16 G . -23.40 -0.59 -22.63
CM2 D16 G . -22.04 -0.83 -22.01
N3 D16 G . -23.94 0.64 -22.53
C4 D16 G . -25.15 0.95 -23.04
O4 D16 G . -25.60 2.12 -22.94
C4A D16 G . -25.92 -0.13 -23.72
C5 D16 G . -27.19 0.04 -24.30
C6 D16 G . -27.79 -1.06 -24.94
C7 D16 G . -27.15 -2.32 -24.97
C8 D16 G . -25.89 -2.52 -24.38
C8A D16 G . -25.25 -1.46 -23.76
C9 D16 G . -29.14 -1.00 -25.62
N10 D16 G . -29.60 0.38 -25.72
C11 D16 G . -28.05 2.62 -28.33
S13 D16 G . -27.77 1.02 -27.65
C14 D16 G . -29.15 1.26 -26.64
C15 D16 G . -29.81 2.47 -26.82
C16 D16 G . -29.16 3.24 -27.78
C D16 G . -27.14 3.10 -29.40
O D16 G . -26.11 2.50 -29.63
N D16 G . -27.54 4.19 -30.09
CA D16 G . -26.84 4.92 -31.16
CB D16 G . -27.51 4.79 -32.56
CG D16 G . -27.77 6.10 -33.35
CD D16 G . -27.64 6.06 -34.89
OE1 D16 G . -28.60 6.43 -35.61
OE2 D16 G . -26.56 5.71 -35.44
CT D16 G . -26.63 6.33 -30.69
O1 D16 G . -27.16 6.68 -29.60
O2 D16 G . -25.92 7.11 -31.36
CP1 D16 G . -30.63 0.83 -24.79
N1 UFP H . -27.04 -0.24 -20.14
C2 UFP H . -27.79 0.93 -19.91
N3 UFP H . -29.05 1.04 -20.35
C4 UFP H . -29.66 0.06 -21.03
C5 UFP H . -28.91 -1.18 -21.32
C6 UFP H . -27.59 -1.26 -20.85
O2 UFP H . -27.28 1.88 -19.29
O4 UFP H . -30.84 0.19 -21.45
F5 UFP H . -29.51 -2.17 -22.02
C1' UFP H . -25.63 -0.33 -19.71
C2' UFP H . -25.29 -0.18 -18.26
C3' UFP H . -23.94 -0.86 -18.21
C4' UFP H . -24.04 -1.98 -19.20
O3' UFP H . -23.01 0.09 -18.75
O4' UFP H . -25.05 -1.57 -20.12
C5' UFP H . -24.51 -3.29 -18.59
O5' UFP H . -23.44 -3.88 -17.92
P UFP H . -23.63 -4.49 -16.46
O1P UFP H . -24.57 -5.64 -16.66
O2P UFP H . -22.22 -4.91 -16.18
O3P UFP H . -24.14 -3.32 -15.61
C1 EDO I . -28.83 12.65 -7.64
O1 EDO I . -29.68 11.93 -6.78
C2 EDO I . -29.45 12.81 -8.97
O2 EDO I . -29.99 14.09 -9.17
N1 D16 J . -49.30 -2.58 7.45
C2 D16 J . -49.32 -1.21 7.42
CM2 D16 J . -50.53 -0.43 6.91
N3 D16 J . -48.22 -0.49 7.83
C4 D16 J . -47.10 -1.06 8.28
O4 D16 J . -46.13 -0.39 8.64
C4A D16 J . -47.01 -2.54 8.35
C5 D16 J . -45.90 -3.20 8.85
C6 D16 J . -45.91 -4.57 8.90
C7 D16 J . -47.04 -5.28 8.45
C8 D16 J . -48.18 -4.66 7.95
C8A D16 J . -48.23 -3.27 7.89
C9 D16 J . -44.73 -5.38 9.38
N10 D16 J . -43.58 -4.58 9.81
C11 D16 J . -44.17 -2.92 13.14
S13 D16 J . -45.08 -3.79 11.88
C14 D16 J . -43.60 -3.92 11.00
C15 D16 J . -42.48 -3.34 11.63
C16 D16 J . -42.80 -2.77 12.86
C D16 J . -44.96 -2.52 14.35
O D16 J . -46.18 -2.54 14.32
N D16 J . -44.27 -2.23 15.45
CA D16 J . -44.67 -1.28 16.47
CB D16 J . -44.25 -1.76 17.85
CG D16 J . -44.92 -3.09 18.20
CD D16 J . -44.29 -3.71 19.43
OE1 D16 J . -44.42 -4.95 19.63
OE2 D16 J . -43.67 -2.96 20.22
CT D16 J . -43.99 0.03 16.20
O1 D16 J . -42.88 0.01 15.60
O2 D16 J . -44.59 1.08 16.56
CP1 D16 J . -42.42 -4.58 8.94
N1 UFP K . -45.52 -1.42 5.06
C2 UFP K . -44.31 -0.71 5.30
N3 UFP K . -43.18 -1.37 5.55
C4 UFP K . -43.14 -2.69 5.61
C5 UFP K . -44.39 -3.42 5.39
C6 UFP K . -45.56 -2.73 5.13
O2 UFP K . -44.25 0.55 5.25
O4 UFP K . -42.07 -3.32 5.83
F5 UFP K . -44.39 -4.74 5.44
C1' UFP K . -46.79 -0.75 4.85
C2' UFP K . -46.93 0.13 3.62
C3' UFP K . -48.43 0.03 3.41
C4' UFP K . -48.77 -1.40 3.81
O3' UFP K . -49.03 0.96 4.33
O4' UFP K . -47.77 -1.76 4.73
C5' UFP K . -48.74 -2.40 2.69
O5' UFP K . -49.87 -1.99 1.99
P UFP K . -50.06 -2.10 0.41
O1P UFP K . -51.46 -1.59 0.15
O2P UFP K . -49.89 -3.55 0.09
O3P UFP K . -49.00 -1.20 -0.20
C1 EDO L . -19.46 5.24 -1.26
O1 EDO L . -18.57 4.23 -0.78
C2 EDO L . -18.83 6.23 -2.19
O2 EDO L . -18.94 5.85 -3.55
N1 D16 M . 2.48 -5.28 -10.63
C2 D16 M . 2.23 -6.29 -9.77
CM2 D16 M . 2.68 -6.14 -8.34
N3 D16 M . 1.62 -7.43 -10.13
C4 D16 M . 1.19 -7.64 -11.41
O4 D16 M . 0.61 -8.71 -11.73
C4A D16 M . 1.42 -6.57 -12.40
C5 D16 M . 1.05 -6.67 -13.72
C6 D16 M . 1.30 -5.60 -14.59
C7 D16 M . 1.95 -4.45 -14.13
C8 D16 M . 2.35 -4.31 -12.81
C8A D16 M . 2.11 -5.35 -11.91
C9 D16 M . 0.88 -5.70 -16.04
N10 D16 M . 0.46 -7.06 -16.33
C11 D16 M . -3.23 -7.58 -15.87
S13 D16 M . -2.00 -6.48 -15.35
C14 D16 M . -0.86 -7.40 -16.27
C15 D16 M . -1.38 -8.49 -16.94
C16 D16 M . -2.74 -8.59 -16.70
C D16 M . -4.59 -7.29 -15.35
O D16 M . -4.73 -6.41 -14.51
N D16 M . -5.63 -7.98 -15.82
CA D16 M . -6.88 -8.05 -15.09
CB D16 M . -6.60 -8.17 -13.60
CG D16 M . -7.38 -7.15 -12.77
CD D16 M . -7.62 -7.70 -11.38
OE1 D16 M . -7.26 -7.03 -10.40
OE2 D16 M . -8.18 -8.81 -11.28
CT D16 M . -7.74 -6.85 -15.37
O1 D16 M . -8.96 -7.04 -15.61
O2 D16 M . -7.22 -5.72 -15.35
CP1 D16 M . 1.45 -8.07 -16.67
N1 UFP N . 4.42 -8.96 -12.36
C2 UFP N . 3.87 -10.17 -12.79
N3 UFP N . 3.76 -10.49 -14.09
C4 UFP N . 4.14 -9.63 -15.04
C5 UFP N . 4.67 -8.34 -14.62
C6 UFP N . 4.80 -8.05 -13.27
O2 UFP N . 3.50 -11.02 -11.95
O4 UFP N . 4.03 -9.85 -16.27
F5 UFP N . 5.05 -7.52 -15.61
C1' UFP N . 4.45 -8.65 -10.93
C2' UFP N . 5.37 -9.51 -10.10
C3' UFP N . 5.96 -8.57 -9.07
C4' UFP N . 5.75 -7.18 -9.63
O3' UFP N . 5.11 -8.66 -7.94
O4' UFP N . 4.81 -7.28 -10.72
C5' UFP N . 7.07 -6.67 -10.12
O5' UFP N . 7.76 -6.31 -8.94
P UFP N . 9.34 -6.48 -8.93
O1P UFP N . 9.70 -5.73 -10.19
O2P UFP N . 9.78 -5.91 -7.60
O3P UFP N . 9.52 -7.97 -8.99
C1 EDO O . 10.87 -29.08 -38.50
O1 EDO O . 11.79 -29.77 -37.66
C2 EDO O . 11.50 -28.00 -39.31
O2 EDO O . 11.37 -26.69 -38.76
N1 D16 P . 30.81 -29.10 -25.55
C2 D16 P . 29.95 -30.11 -25.27
CM2 D16 P . 29.28 -30.79 -26.42
N3 D16 P . 29.65 -30.53 -23.99
C4 D16 P . 30.20 -29.94 -22.91
O4 D16 P . 29.98 -30.26 -21.73
C4A D16 P . 31.14 -28.85 -23.11
C5 D16 P . 31.72 -28.24 -22.00
C6 D16 P . 32.61 -27.21 -22.27
C7 D16 P . 32.89 -26.83 -23.62
C8 D16 P . 32.30 -27.41 -24.74
C8A D16 P . 31.42 -28.45 -24.53
C9 D16 P . 33.34 -26.50 -21.15
N10 D16 P . 33.18 -27.13 -19.84
C11 D16 P . 34.80 -30.26 -18.24
S13 D16 P . 34.87 -29.54 -19.83
C14 D16 P . 33.77 -28.26 -19.30
C15 D16 P . 33.41 -28.43 -18.00
C16 D16 P . 33.97 -29.53 -17.43
C D16 P . 35.48 -31.50 -17.75
O D16 P . 35.14 -31.85 -16.62
N D16 P . 36.35 -32.26 -18.40
CA D16 P . 36.96 -33.37 -17.65
CB D16 P . 36.50 -34.73 -18.16
CG D16 P . 35.51 -35.45 -17.24
CD D16 P . 34.76 -36.53 -18.02
OE1 D16 P . 34.97 -36.61 -19.28
OE2 D16 P . 33.95 -37.30 -17.40
CT D16 P . 38.46 -33.31 -17.69
O1 D16 P . 38.98 -32.85 -18.72
O2 D16 P . 39.13 -33.69 -16.72
CP1 D16 P . 32.25 -26.40 -18.97
N1 UFP Q . 27.86 -27.35 -22.46
C2 UFP Q . 27.45 -27.66 -21.18
N3 UFP Q . 27.89 -26.96 -20.11
C4 UFP Q . 28.74 -25.95 -20.21
C5 UFP Q . 29.22 -25.61 -21.55
C6 UFP Q . 28.73 -26.34 -22.63
O2 UFP Q . 26.64 -28.60 -21.05
O4 UFP Q . 29.16 -25.30 -19.22
F5 UFP Q . 30.10 -24.59 -21.66
C1' UFP Q . 27.37 -28.17 -23.58
C2' UFP Q . 25.90 -28.07 -23.94
C3' UFP Q . 25.96 -28.37 -25.44
C4' UFP Q . 27.24 -27.74 -25.93
O3' UFP Q . 26.13 -29.79 -25.62
O4' UFP Q . 28.06 -27.76 -24.76
C5' UFP Q . 27.13 -26.28 -26.39
O5' UFP Q . 26.59 -26.32 -27.69
P UFP Q . 25.20 -25.65 -28.13
O1P UFP Q . 25.04 -25.95 -29.59
O2P UFP Q . 25.47 -24.20 -28.03
O3P UFP Q . 24.22 -26.18 -27.11
N1 D16 R . 18.52 0.33 18.81
C2 D16 R . 19.62 0.73 18.15
CM2 D16 R . 20.96 0.23 18.63
N3 D16 R . 19.58 1.57 17.08
C4 D16 R . 18.40 2.03 16.62
O4 D16 R . 18.38 2.81 15.63
C4A D16 R . 17.16 1.63 17.29
C5 D16 R . 15.90 2.06 16.89
C6 D16 R . 14.78 1.62 17.60
C7 D16 R . 14.91 0.77 18.69
C8 D16 R . 16.16 0.32 19.11
C8A D16 R . 17.30 0.72 18.45
C9 D16 R . 13.41 2.09 17.17
N10 D16 R . 13.55 3.20 16.24
C11 D16 R . 13.54 2.08 12.65
S13 D16 R . 13.63 1.36 14.23
C14 D16 R . 13.53 2.97 14.89
C15 D16 R . 13.43 3.99 13.96
C16 D16 R . 13.44 3.47 12.67
C D16 R . 13.59 1.09 11.53
O D16 R . 13.78 -0.08 11.78
N D16 R . 13.42 1.54 10.29
CA D16 R . 13.73 0.70 9.14
CB D16 R . 15.04 -0.05 9.38
CG D16 R . 15.65 -0.50 8.06
CD D16 R . 16.80 -1.44 8.35
OE1 D16 R . 16.54 -2.63 8.65
OE2 D16 R . 17.97 -1.00 8.27
CT D16 R . 12.63 -0.29 8.87
O1 D16 R . 12.12 -0.30 7.73
O2 D16 R . 12.27 -1.05 9.79
CP1 D16 R . 13.69 4.56 16.74
N1 UFP S . 18.75 4.71 18.76
C2 UFP S . 18.63 5.78 17.85
N3 UFP S . 17.47 6.45 17.73
C4 UFP S . 16.39 6.12 18.45
C5 UFP S . 16.50 4.98 19.40
C6 UFP S . 17.71 4.32 19.52
O2 UFP S . 19.61 6.14 17.14
O4 UFP S . 15.31 6.74 18.32
F5 UFP S . 15.45 4.60 20.16
C1' UFP S . 19.98 3.95 18.92
C2' UFP S . 21.13 4.78 19.45
C3' UFP S . 21.90 3.76 20.26
C4' UFP S . 20.81 2.84 20.79
O3' UFP S . 22.81 3.04 19.38
O4' UFP S . 19.70 2.95 19.91
C5' UFP S . 20.43 3.21 22.21
O5' UFP S . 21.46 2.59 22.99
P UFP S . 22.20 3.38 24.17
O1P UFP S . 22.71 4.62 23.49
O2P UFP S . 21.12 3.63 25.20
O3P UFP S . 23.39 2.52 24.60
N1 D16 T . 20.33 37.34 33.39
C2 D16 T . 20.70 37.77 32.16
CM2 D16 T . 19.69 38.53 31.34
N3 D16 T . 21.93 37.53 31.64
C4 D16 T . 22.85 36.86 32.34
O4 D16 T . 23.99 36.66 31.84
C4A D16 T . 22.53 36.36 33.67
C5 D16 T . 23.42 35.65 34.47
C6 D16 T . 23.00 35.22 35.74
C7 D16 T . 21.71 35.49 36.20
C8 D16 T . 20.80 36.21 35.43
C8A D16 T . 21.16 36.64 34.17
C9 D16 T . 23.96 34.45 36.60
N10 D16 T . 25.18 34.17 35.86
C11 D16 T . 27.63 37.02 36.00
S13 D16 T . 25.97 36.71 36.41
C14 D16 T . 26.19 35.09 35.83
C15 D16 T . 27.45 34.79 35.36
C16 D16 T . 28.28 35.90 35.46
C D16 T . 28.08 38.40 36.29
O D16 T . 27.28 39.33 36.20
N D16 T . 29.35 38.61 36.64
CA D16 T . 29.83 39.93 36.99
CB D16 T . 30.32 39.94 38.44
CG D16 T . 30.23 41.34 39.04
CD D16 T . 30.66 41.30 40.48
OE1 D16 T . 30.05 40.53 41.26
OE2 D16 T . 31.58 42.05 40.86
CT D16 T . 30.96 40.36 36.09
O1 D16 T . 31.19 39.68 35.06
O2 D16 T . 31.60 41.39 36.40
CP1 D16 T . 25.32 32.91 35.14
N1 UFP U . 21.86 33.51 31.07
C2 UFP U . 23.11 33.05 30.58
N3 UFP U . 23.87 32.21 31.26
C4 UFP U . 23.45 31.78 32.43
C5 UFP U . 22.16 32.24 33.00
C6 UFP U . 21.40 33.14 32.26
O2 UFP U . 23.51 33.42 29.48
O4 UFP U . 24.13 30.98 33.10
F5 UFP U . 21.79 31.80 34.20
C1' UFP U . 21.09 34.47 30.29
C2' UFP U . 20.40 33.92 29.07
C3' UFP U . 19.22 34.86 29.01
C4' UFP U . 18.84 35.11 30.46
O3' UFP U . 19.70 36.13 28.56
O4' UFP U . 20.07 34.97 31.16
C5' UFP U . 17.81 34.13 31.05
O5' UFP U . 16.55 34.62 30.64
P UFP U . 15.47 33.66 29.94
O1P UFP U . 14.21 34.38 29.56
O2P UFP U . 15.20 32.69 31.06
O3P UFP U . 16.34 33.21 28.78
#